data_2WBJ
#
_entry.id   2WBJ
#
_cell.length_a   109.706
_cell.length_b   130.271
_cell.length_c   180.220
_cell.angle_alpha   90.00
_cell.angle_beta   90.00
_cell.angle_gamma   90.00
#
_symmetry.space_group_name_H-M   'P 21 21 21'
#
loop_
_entity.id
_entity.type
_entity.pdbx_description
1 polymer 'HLA CLASS II HISTOCOMPATIBILITY ANTIGEN, DR ALPHA CHAIN'
2 polymer 'HLA CLASS II HISTOCOMPATIBILITY ANTIGEN, DRB1-15 BETA CHAIN'
3 polymer 'OB TCR'
4 polymer 'OB TCR'
5 branched alpha-D-mannopyranose-(1-3)-[alpha-D-mannopyranose-(1-6)]beta-D-mannopyranose-(1-4)-2-acetamido-2-deoxy-beta-D-glucopyranose-(1-4)-2-acetamido-2-deoxy-beta-D-glucopyranose
6 non-polymer 2-acetamido-2-deoxy-beta-D-glucopyranose
7 non-polymer 'SULFATE ION'
#
loop_
_entity_poly.entity_id
_entity_poly.type
_entity_poly.pdbx_seq_one_letter_code
_entity_poly.pdbx_strand_id
1 'polypeptide(L)'
;IKEEHVIIQAEFYLNPDQSGEFMFDFDGDEIFHVDMAKKETVWRLEEFGRFASFEAQGALANIAVDKANLEIMTKRSNYT
PITNVPPEVTVLTNSPVELREPNVLICFIDKFTPPVVNVTWLRNGKPVTTGVSETVFLPREDHLFRKFHYLPFLPSTEDV
YDCRVEHWGLDEPLLKHWEFDAPSPLPETTENVD
;
A,E
2 'polypeptide(L)'
;GDTRPRFLWQPKRECHFFNGTERVRFLDRYFYNQEESVRFDSDVGEFRAVTELGRPDAEYWNSQKDILEQARAAVDTYCR
HNYGVVESFTVQRRVQPKVTVYPSKTQPLQHHNLLVCSVSGFYPGSIEVRWFLNGQEEKAGMVSTGLIQNGDWTFQTLVM
LETVPRSGEVYTCQVEHPSVTSPLTVEWRARSESAQSKVD
;
B,F
3 'polypeptide(L)'
;MQQGEEDPQALSIQEGENATMNCSYKTSINNLQWYRQNSGRGLVHLILIRSNEREKHSGRLRVTLDTSKKSSSLLITASR
AADTASYFCATDTTSGTYKYIFGTGTRLKVLPNIQNPDPAVYQLRDSKSSDKSVCLFTDFDSQTNVSQSKDSDVYITDKT
VLDMRSMDFKSNSAVAWSNKSDFACANAFNNSIIPEDTFFPSPENDGGGCKLEHHHHHH
;
C,G
4 'polypeptide(L)'
;MDFARVHFISALHGSGGGSGGGGGAVVSQHPSWVISKSGTSVKIECRSLDFQATTMFWYRQFPKQSLMLMATSNEGSKAT
YEQGVEKDKFLINHASLTLSTLTVTSAHPEDSSFYICSARDLTSGANNEQFFGPGTRLTVTEDLKNVFPPEVAVFEPSEA
EISHTQKATLVCLATGFYPDHVELSWWVNGKEVHSGVSTDPQPLKEQPALNDSRYSLSSRLRVSATFWQNPRNHFRCQVQ
FYGLSENDEWTQDRAKPVTQIVSAEAWGRSRQDRGGGCD
;
D,H
#
loop_
_chem_comp.id
_chem_comp.type
_chem_comp.name
_chem_comp.formula
BMA D-saccharide, beta linking beta-D-mannopyranose 'C6 H12 O6'
MAN D-saccharide, alpha linking alpha-D-mannopyranose 'C6 H12 O6'
NAG D-saccharide, beta linking 2-acetamido-2-deoxy-beta-D-glucopyranose 'C8 H15 N O6'
SO4 non-polymer 'SULFATE ION' 'O4 S -2'
#
# COMPACT_ATOMS: atom_id res chain seq x y z
N GLU A 3 -26.89 16.89 -33.01
CA GLU A 3 -27.66 16.01 -33.92
C GLU A 3 -29.16 16.13 -33.67
N GLU A 4 -29.58 15.89 -32.43
CA GLU A 4 -31.00 15.83 -32.13
C GLU A 4 -31.52 17.00 -31.29
N HIS A 5 -30.76 17.44 -30.27
CA HIS A 5 -31.16 18.64 -29.55
C HIS A 5 -30.03 19.62 -29.22
N VAL A 6 -30.37 20.91 -29.22
CA VAL A 6 -29.41 21.99 -29.00
C VAL A 6 -30.01 23.06 -28.10
N ILE A 7 -29.36 23.31 -26.96
CA ILE A 7 -29.69 24.46 -26.10
C ILE A 7 -28.57 25.50 -26.16
N ILE A 8 -28.94 26.74 -26.47
CA ILE A 8 -27.99 27.87 -26.48
C ILE A 8 -28.40 28.99 -25.54
N GLN A 9 -27.49 29.32 -24.61
CA GLN A 9 -27.50 30.59 -23.90
C GLN A 9 -26.96 31.66 -24.84
N ALA A 10 -27.86 32.54 -25.28
CA ALA A 10 -27.49 33.55 -26.25
C ALA A 10 -27.65 34.96 -25.69
N GLU A 11 -26.60 35.75 -25.77
CA GLU A 11 -26.62 37.14 -25.31
C GLU A 11 -25.94 38.10 -26.28
N PHE A 12 -26.26 39.38 -26.17
CA PHE A 12 -25.47 40.44 -26.81
C PHE A 12 -25.43 41.73 -26.01
N TYR A 13 -24.42 42.54 -26.30
CA TYR A 13 -24.40 43.94 -25.89
C TYR A 13 -24.07 44.84 -27.08
N LEU A 14 -24.76 45.97 -27.18
CA LEU A 14 -24.64 46.86 -28.32
C LEU A 14 -24.39 48.30 -27.89
N ASN A 15 -23.37 48.91 -28.48
CA ASN A 15 -23.06 50.32 -28.25
C ASN A 15 -23.28 51.17 -29.51
N PRO A 16 -23.53 52.48 -29.35
CA PRO A 16 -23.72 53.25 -28.12
C PRO A 16 -25.16 53.23 -27.57
N ASP A 17 -25.99 52.33 -28.09
CA ASP A 17 -27.38 52.22 -27.65
C ASP A 17 -27.48 51.75 -26.21
N GLN A 18 -26.42 51.09 -25.73
CA GLN A 18 -26.38 50.48 -24.39
C GLN A 18 -27.61 49.61 -24.15
N SER A 19 -27.79 48.62 -25.01
CA SER A 19 -28.87 47.65 -24.86
C SER A 19 -28.33 46.23 -24.97
N GLY A 20 -28.58 45.45 -23.93
CA GLY A 20 -28.18 44.05 -23.89
C GLY A 20 -29.36 43.10 -23.78
N GLU A 21 -29.14 41.87 -24.23
CA GLU A 21 -30.14 40.82 -24.11
C GLU A 21 -29.54 39.55 -23.55
N PHE A 22 -30.38 38.67 -23.02
CA PHE A 22 -29.95 37.39 -22.47
C PHE A 22 -31.12 36.42 -22.59
N MET A 23 -30.91 35.31 -23.28
CA MET A 23 -31.97 34.32 -23.48
C MET A 23 -31.45 32.89 -23.65
N PHE A 24 -32.28 31.93 -23.29
CA PHE A 24 -32.00 30.54 -23.63
C PHE A 24 -32.87 30.07 -24.79
N ASP A 25 -32.25 29.32 -25.69
CA ASP A 25 -32.90 28.85 -26.90
C ASP A 25 -32.84 27.33 -26.97
N PHE A 26 -33.97 26.70 -27.30
CA PHE A 26 -34.04 25.26 -27.53
C PHE A 26 -34.53 24.96 -28.96
N ASP A 27 -33.65 24.36 -29.76
CA ASP A 27 -33.93 24.02 -31.17
C ASP A 27 -34.60 25.14 -31.98
N GLY A 28 -34.22 26.39 -31.69
CA GLY A 28 -34.73 27.54 -32.43
C GLY A 28 -35.96 28.16 -31.81
N ASP A 29 -36.29 27.76 -30.58
CA ASP A 29 -37.38 28.38 -29.80
C ASP A 29 -36.89 28.92 -28.46
N GLU A 30 -37.39 30.09 -28.09
CA GLU A 30 -37.08 30.73 -26.81
C GLU A 30 -37.68 29.95 -25.65
N ILE A 31 -36.85 29.57 -24.68
CA ILE A 31 -37.35 29.05 -23.41
C ILE A 31 -37.79 30.21 -22.55
N PHE A 32 -36.87 31.15 -22.36
CA PHE A 32 -37.11 32.36 -21.59
C PHE A 32 -36.10 33.44 -21.99
N HIS A 33 -36.33 34.65 -21.52
CA HIS A 33 -35.32 35.71 -21.55
C HIS A 33 -35.45 36.55 -20.29
N VAL A 34 -34.42 37.32 -19.95
CA VAL A 34 -34.57 38.35 -18.92
C VAL A 34 -34.59 39.74 -19.53
N ASP A 35 -35.56 40.54 -19.11
CA ASP A 35 -35.69 41.94 -19.52
C ASP A 35 -34.86 42.85 -18.62
N MET A 36 -33.85 43.48 -19.21
CA MET A 36 -32.94 44.37 -18.48
C MET A 36 -33.67 45.52 -17.77
N ALA A 37 -34.58 46.17 -18.48
CA ALA A 37 -35.34 47.28 -17.94
C ALA A 37 -36.09 46.90 -16.67
N LYS A 38 -36.95 45.88 -16.74
CA LYS A 38 -37.77 45.47 -15.60
C LYS A 38 -37.00 44.60 -14.62
N LYS A 39 -35.83 44.12 -15.04
CA LYS A 39 -34.98 43.23 -14.22
C LYS A 39 -35.72 41.98 -13.75
N GLU A 40 -36.44 41.34 -14.66
CA GLU A 40 -37.20 40.12 -14.36
C GLU A 40 -37.09 39.10 -15.49
N THR A 41 -37.17 37.82 -15.12
CA THR A 41 -37.05 36.73 -16.08
C THR A 41 -38.42 36.29 -16.60
N VAL A 42 -38.54 36.22 -17.92
CA VAL A 42 -39.83 36.05 -18.60
C VAL A 42 -39.83 34.75 -19.40
N TRP A 43 -40.67 33.79 -19.01
CA TRP A 43 -40.74 32.52 -19.71
C TRP A 43 -41.60 32.66 -20.95
N ARG A 44 -41.12 32.10 -22.07
CA ARG A 44 -41.81 32.24 -23.35
C ARG A 44 -43.23 31.69 -23.28
N LEU A 45 -43.38 30.59 -22.57
CA LEU A 45 -44.70 30.13 -22.21
C LEU A 45 -44.90 30.14 -20.70
N GLU A 46 -45.94 30.84 -20.27
CA GLU A 46 -46.37 30.88 -18.87
C GLU A 46 -46.10 29.55 -18.17
N GLU A 47 -46.53 28.45 -18.79
CA GLU A 47 -46.49 27.13 -18.16
C GLU A 47 -45.07 26.58 -17.86
N PHE A 48 -44.06 27.12 -18.52
CA PHE A 48 -42.66 26.75 -18.26
C PHE A 48 -42.26 27.07 -16.82
N GLY A 49 -42.70 28.23 -16.37
CA GLY A 49 -42.24 28.81 -15.10
C GLY A 49 -42.63 27.97 -13.90
N ARG A 50 -43.54 27.04 -14.10
CA ARG A 50 -44.04 26.18 -13.03
C ARG A 50 -43.13 24.97 -12.77
N PHE A 51 -42.15 24.79 -13.65
CA PHE A 51 -41.27 23.63 -13.63
C PHE A 51 -39.82 23.99 -13.33
N ALA A 52 -39.48 25.24 -13.60
CA ALA A 52 -38.09 25.72 -13.52
C ALA A 52 -38.00 27.16 -13.04
N SER A 53 -36.84 27.52 -12.50
CA SER A 53 -36.55 28.85 -12.00
C SER A 53 -35.28 29.40 -12.64
N PHE A 54 -35.22 30.71 -12.79
CA PHE A 54 -33.98 31.42 -13.12
C PHE A 54 -34.00 32.80 -12.47
N GLU A 55 -32.93 33.14 -11.75
CA GLU A 55 -32.82 34.43 -11.10
C GLU A 55 -32.23 35.47 -12.04
N ALA A 56 -33.03 36.49 -12.33
CA ALA A 56 -32.71 37.50 -13.35
C ALA A 56 -31.37 38.21 -13.08
N GLN A 57 -31.03 38.32 -11.81
CA GLN A 57 -29.90 39.12 -11.37
C GLN A 57 -28.57 38.46 -11.75
N GLY A 58 -28.63 37.18 -12.10
CA GLY A 58 -27.50 36.46 -12.67
C GLY A 58 -27.17 36.95 -14.06
N ALA A 59 -28.19 37.00 -14.91
CA ALA A 59 -28.05 37.49 -16.27
C ALA A 59 -27.65 38.97 -16.33
N LEU A 60 -28.21 39.78 -15.42
CA LEU A 60 -27.83 41.19 -15.35
C LEU A 60 -26.33 41.34 -15.07
N ALA A 61 -25.81 40.49 -14.18
CA ALA A 61 -24.38 40.44 -13.87
C ALA A 61 -23.54 40.02 -15.08
N ASN A 62 -24.06 39.09 -15.86
CA ASN A 62 -23.38 38.63 -17.06
C ASN A 62 -23.29 39.73 -18.12
N ILE A 63 -24.35 40.53 -18.24
CA ILE A 63 -24.41 41.60 -19.24
C ILE A 63 -23.44 42.76 -18.94
N ALA A 64 -23.26 43.04 -17.65
CA ALA A 64 -22.28 44.03 -17.19
C ALA A 64 -20.88 43.70 -17.70
N VAL A 65 -20.53 42.42 -17.62
CA VAL A 65 -19.24 41.92 -18.12
C VAL A 65 -19.20 42.03 -19.64
N ASP A 66 -20.32 41.75 -20.29
CA ASP A 66 -20.43 41.83 -21.73
C ASP A 66 -20.23 43.27 -22.22
N LYS A 67 -20.91 44.21 -21.56
CA LYS A 67 -20.65 45.64 -21.72
C LYS A 67 -19.16 45.95 -21.60
N ALA A 68 -18.55 45.51 -20.50
CA ALA A 68 -17.11 45.74 -20.26
C ALA A 68 -16.26 45.20 -21.40
N ASN A 69 -16.55 43.98 -21.83
CA ASN A 69 -15.77 43.29 -22.85
C ASN A 69 -15.91 43.89 -24.25
N LEU A 70 -17.12 44.31 -24.61
CA LEU A 70 -17.36 44.96 -25.91
C LEU A 70 -16.50 46.21 -26.10
N GLU A 71 -16.36 46.99 -25.03
CA GLU A 71 -15.55 48.21 -25.06
C GLU A 71 -14.04 47.93 -25.19
N ILE A 72 -13.60 46.76 -24.75
CA ILE A 72 -12.23 46.30 -25.02
C ILE A 72 -12.03 45.96 -26.50
N MET A 73 -12.97 45.22 -27.10
CA MET A 73 -12.83 44.77 -28.48
C MET A 73 -13.00 45.90 -29.49
N THR A 74 -13.87 46.85 -29.18
CA THR A 74 -14.01 48.06 -30.01
C THR A 74 -12.69 48.81 -30.12
N LYS A 75 -12.02 49.00 -28.99
CA LYS A 75 -10.74 49.68 -28.95
C LYS A 75 -9.64 48.84 -29.58
N ARG A 76 -9.69 47.52 -29.35
CA ARG A 76 -8.73 46.56 -29.88
C ARG A 76 -8.77 46.54 -31.42
N SER A 77 -9.95 46.80 -31.98
CA SER A 77 -10.15 46.77 -33.43
C SER A 77 -9.91 48.12 -34.12
N ASN A 78 -9.43 49.11 -33.37
CA ASN A 78 -9.45 50.51 -33.78
C ASN A 78 -10.81 50.94 -34.33
N TYR A 79 -11.86 50.63 -33.57
CA TYR A 79 -13.18 51.23 -33.71
C TYR A 79 -13.87 50.93 -35.04
N THR A 80 -13.66 49.72 -35.55
CA THR A 80 -14.31 49.28 -36.79
C THR A 80 -15.78 48.88 -36.55
N PRO A 81 -16.71 49.60 -37.20
CA PRO A 81 -18.13 49.40 -36.98
C PRO A 81 -18.67 48.12 -37.61
N ILE A 82 -19.76 47.60 -37.04
CA ILE A 82 -20.58 46.58 -37.69
C ILE A 82 -21.14 47.08 -39.02
N THR A 83 -21.23 46.17 -39.99
CA THR A 83 -21.86 46.46 -41.28
C THR A 83 -23.30 45.96 -41.25
N ASN A 84 -24.23 46.88 -41.50
CA ASN A 84 -25.67 46.58 -41.46
C ASN A 84 -26.07 45.53 -42.49
N VAL A 85 -26.77 44.49 -42.04
CA VAL A 85 -27.48 43.58 -42.94
C VAL A 85 -28.98 43.81 -42.79
N PRO A 86 -29.63 44.30 -43.86
CA PRO A 86 -31.06 44.59 -43.87
C PRO A 86 -31.91 43.32 -43.73
N PRO A 87 -33.05 43.42 -43.01
CA PRO A 87 -33.90 42.29 -42.69
C PRO A 87 -34.77 41.84 -43.86
N GLU A 88 -35.52 40.77 -43.66
CA GLU A 88 -36.31 40.16 -44.71
C GLU A 88 -37.68 39.83 -44.13
N VAL A 89 -38.65 40.69 -44.43
CA VAL A 89 -39.94 40.63 -43.75
C VAL A 89 -40.97 39.89 -44.58
N THR A 90 -41.77 39.10 -43.88
CA THR A 90 -42.84 38.33 -44.50
C THR A 90 -43.98 38.18 -43.49
N VAL A 91 -45.22 38.18 -43.97
CA VAL A 91 -46.39 38.21 -43.08
C VAL A 91 -47.34 37.05 -43.38
N LEU A 92 -47.61 36.25 -42.36
CA LEU A 92 -48.56 35.13 -42.48
C LEU A 92 -49.43 34.94 -41.24
N THR A 93 -50.49 34.14 -41.40
CA THR A 93 -51.47 33.92 -40.34
C THR A 93 -51.13 32.65 -39.56
N ASN A 94 -51.36 32.72 -38.25
CA ASN A 94 -51.21 31.59 -37.33
C ASN A 94 -51.85 30.28 -37.80
N SER A 95 -53.06 30.40 -38.34
CA SER A 95 -53.74 29.27 -38.97
C SER A 95 -54.58 29.73 -40.16
N PRO A 96 -55.06 28.77 -40.99
CA PRO A 96 -55.99 29.06 -42.08
C PRO A 96 -57.07 30.09 -41.74
N VAL A 97 -57.24 31.07 -42.62
CA VAL A 97 -58.06 32.24 -42.35
C VAL A 97 -59.52 31.96 -42.68
N GLU A 98 -60.34 31.88 -41.64
CA GLU A 98 -61.79 31.78 -41.79
C GLU A 98 -62.45 33.13 -41.51
N LEU A 99 -63.56 33.41 -42.19
CA LEU A 99 -64.29 34.65 -42.00
C LEU A 99 -64.85 34.79 -40.57
N ARG A 100 -64.37 35.83 -39.88
CA ARG A 100 -64.76 36.15 -38.50
C ARG A 100 -64.56 34.99 -37.52
N GLU A 101 -63.47 34.25 -37.69
CA GLU A 101 -62.98 33.32 -36.69
C GLU A 101 -61.60 33.78 -36.21
N PRO A 102 -61.43 33.94 -34.88
CA PRO A 102 -60.25 34.58 -34.28
C PRO A 102 -58.95 34.01 -34.81
N ASN A 103 -57.96 34.87 -34.99
CA ASN A 103 -56.67 34.47 -35.55
C ASN A 103 -55.54 35.34 -35.02
N VAL A 104 -54.32 35.06 -35.46
CA VAL A 104 -53.18 35.91 -35.18
C VAL A 104 -52.40 36.19 -36.46
N LEU A 105 -52.19 37.47 -36.76
CA LEU A 105 -51.21 37.86 -37.77
C LEU A 105 -49.81 37.75 -37.19
N ILE A 106 -48.89 37.21 -37.98
CA ILE A 106 -47.49 37.13 -37.60
C ILE A 106 -46.66 37.96 -38.57
N CYS A 107 -46.00 39.00 -38.05
CA CYS A 107 -44.93 39.65 -38.78
C CYS A 107 -43.61 38.97 -38.47
N PHE A 108 -43.00 38.37 -39.49
CA PHE A 108 -41.79 37.56 -39.33
C PHE A 108 -40.60 38.34 -39.89
N ILE A 109 -39.70 38.74 -38.99
CA ILE A 109 -38.56 39.58 -39.36
C ILE A 109 -37.25 38.80 -39.23
N ASP A 110 -36.59 38.58 -40.37
CA ASP A 110 -35.56 37.54 -40.48
C ASP A 110 -34.27 38.04 -41.12
N LYS A 111 -33.15 37.43 -40.72
CA LYS A 111 -31.87 37.52 -41.44
C LYS A 111 -31.27 38.93 -41.41
N PHE A 112 -31.07 39.48 -40.21
CA PHE A 112 -30.64 40.88 -40.06
C PHE A 112 -29.66 41.11 -38.91
N THR A 113 -28.90 42.19 -39.04
CA THR A 113 -28.04 42.74 -37.98
C THR A 113 -27.89 44.25 -38.23
N PRO A 114 -27.60 45.05 -37.19
CA PRO A 114 -27.63 44.79 -35.75
C PRO A 114 -29.05 44.63 -35.22
N PRO A 115 -29.20 44.15 -33.97
CA PRO A 115 -30.51 43.90 -33.39
C PRO A 115 -31.20 45.17 -32.87
N VAL A 116 -31.40 46.14 -33.76
CA VAL A 116 -32.31 47.26 -33.51
C VAL A 116 -33.30 47.39 -34.66
N VAL A 117 -34.57 47.44 -34.31
CA VAL A 117 -35.64 47.41 -35.29
C VAL A 117 -36.84 48.18 -34.75
N ASN A 118 -37.28 49.19 -35.47
CA ASN A 118 -38.54 49.88 -35.17
C ASN A 118 -39.67 49.25 -35.97
N VAL A 119 -40.73 48.83 -35.27
CA VAL A 119 -41.81 48.06 -35.90
C VAL A 119 -43.18 48.68 -35.57
N THR A 120 -44.04 48.77 -36.59
CA THR A 120 -45.41 49.24 -36.40
C THR A 120 -46.40 48.40 -37.18
N TRP A 121 -47.47 47.96 -36.51
CA TRP A 121 -48.64 47.44 -37.19
C TRP A 121 -49.53 48.58 -37.67
N LEU A 122 -50.10 48.43 -38.85
CA LEU A 122 -51.12 49.35 -39.35
C LEU A 122 -52.37 48.56 -39.78
N ARG A 123 -53.53 49.02 -39.32
CA ARG A 123 -54.80 48.60 -39.92
C ARG A 123 -55.40 49.74 -40.72
N ASN A 124 -55.63 49.50 -42.01
CA ASN A 124 -56.16 50.49 -42.95
C ASN A 124 -55.35 51.80 -42.98
N GLY A 125 -54.05 51.68 -42.73
CA GLY A 125 -53.14 52.82 -42.74
C GLY A 125 -53.03 53.56 -41.42
N LYS A 126 -53.67 53.02 -40.38
CA LYS A 126 -53.70 53.67 -39.06
C LYS A 126 -53.00 52.80 -38.02
N PRO A 127 -52.01 53.36 -37.32
CA PRO A 127 -51.11 52.58 -36.47
C PRO A 127 -51.86 51.94 -35.29
N VAL A 128 -51.58 50.66 -35.03
CA VAL A 128 -52.27 49.92 -33.97
C VAL A 128 -51.37 49.76 -32.74
N THR A 129 -51.72 50.47 -31.67
CA THR A 129 -50.91 50.55 -30.46
C THR A 129 -51.17 49.38 -29.52
N THR A 130 -52.45 49.10 -29.27
CA THR A 130 -52.86 48.18 -28.21
C THR A 130 -53.26 46.81 -28.75
N GLY A 131 -52.95 45.76 -28.00
CA GLY A 131 -53.22 44.39 -28.43
C GLY A 131 -52.00 43.67 -28.98
N VAL A 132 -50.94 44.43 -29.24
CA VAL A 132 -49.71 43.90 -29.85
C VAL A 132 -48.87 43.08 -28.88
N SER A 133 -48.05 42.19 -29.44
CA SER A 133 -47.13 41.34 -28.68
C SER A 133 -45.90 41.05 -29.55
N GLU A 134 -44.75 40.83 -28.91
CA GLU A 134 -43.50 40.59 -29.64
C GLU A 134 -42.56 39.63 -28.90
N THR A 135 -41.66 39.00 -29.65
CA THR A 135 -40.53 38.29 -29.08
C THR A 135 -39.33 39.22 -28.96
N VAL A 136 -38.31 38.80 -28.22
CA VAL A 136 -36.99 39.45 -28.30
C VAL A 136 -36.24 39.06 -29.57
N PHE A 137 -34.98 39.48 -29.66
CA PHE A 137 -34.10 39.10 -30.78
C PHE A 137 -33.54 37.70 -30.61
N LEU A 138 -33.96 36.80 -31.49
CA LEU A 138 -33.54 35.40 -31.46
C LEU A 138 -32.28 35.20 -32.33
N PRO A 139 -31.38 34.29 -31.91
CA PRO A 139 -30.14 34.09 -32.65
C PRO A 139 -30.34 33.26 -33.93
N ARG A 140 -29.32 33.24 -34.78
CA ARG A 140 -29.28 32.34 -35.93
C ARG A 140 -27.90 31.70 -36.03
N GLU A 141 -27.81 30.59 -36.73
CA GLU A 141 -26.53 29.88 -36.91
C GLU A 141 -25.55 30.68 -37.76
N ASP A 142 -26.05 31.48 -38.68
CA ASP A 142 -25.20 32.41 -39.44
C ASP A 142 -24.90 33.70 -38.66
N HIS A 143 -25.47 33.79 -37.46
CA HIS A 143 -25.15 34.82 -36.45
C HIS A 143 -25.79 36.19 -36.74
N LEU A 144 -26.76 36.19 -37.65
CA LEU A 144 -27.73 37.27 -37.75
C LEU A 144 -28.87 37.07 -36.76
N PHE A 145 -29.85 37.98 -36.76
CA PHE A 145 -30.93 37.95 -35.79
C PHE A 145 -32.28 37.70 -36.42
N ARG A 146 -33.30 37.51 -35.57
CA ARG A 146 -34.62 37.06 -35.98
C ARG A 146 -35.63 37.49 -34.91
N LYS A 147 -36.82 37.89 -35.34
CA LYS A 147 -37.82 38.46 -34.44
C LYS A 147 -39.24 38.25 -34.96
N PHE A 148 -40.17 38.02 -34.03
CA PHE A 148 -41.59 37.87 -34.34
C PHE A 148 -42.43 38.95 -33.66
N HIS A 149 -43.32 39.56 -34.44
CA HIS A 149 -44.38 40.41 -33.91
C HIS A 149 -45.74 39.74 -34.14
N TYR A 150 -46.67 39.95 -33.21
CA TYR A 150 -47.98 39.29 -33.28
C TYR A 150 -49.12 40.29 -33.11
N LEU A 151 -50.19 40.09 -33.87
CA LEU A 151 -51.42 40.87 -33.74
C LEU A 151 -52.66 39.97 -33.87
N PRO A 152 -53.33 39.67 -32.74
CA PRO A 152 -54.59 38.94 -32.84
C PRO A 152 -55.71 39.81 -33.45
N PHE A 153 -56.60 39.20 -34.23
CA PHE A 153 -57.55 39.94 -35.05
C PHE A 153 -58.78 39.11 -35.44
N LEU A 154 -59.88 39.80 -35.76
CA LEU A 154 -61.01 39.20 -36.44
C LEU A 154 -60.95 39.43 -37.94
N PRO A 155 -60.77 38.35 -38.71
CA PRO A 155 -60.66 38.42 -40.17
C PRO A 155 -61.95 38.93 -40.81
N SER A 156 -61.82 39.78 -41.82
CA SER A 156 -62.97 40.42 -42.49
C SER A 156 -62.60 41.06 -43.82
N THR A 157 -63.59 41.22 -44.69
CA THR A 157 -63.46 41.95 -45.97
C THR A 157 -63.08 43.41 -45.76
N GLU A 158 -63.37 43.92 -44.56
CA GLU A 158 -63.27 45.35 -44.24
C GLU A 158 -61.82 45.85 -44.15
N ASP A 159 -60.97 45.09 -43.47
CA ASP A 159 -59.64 45.60 -43.14
C ASP A 159 -58.54 45.06 -44.05
N VAL A 160 -57.65 45.98 -44.42
CA VAL A 160 -56.29 45.63 -44.83
C VAL A 160 -55.32 45.82 -43.67
N TYR A 161 -54.23 45.05 -43.68
CA TYR A 161 -53.20 45.14 -42.65
C TYR A 161 -51.81 45.35 -43.25
N ASP A 162 -50.93 45.98 -42.50
CA ASP A 162 -49.53 46.12 -42.89
C ASP A 162 -48.59 45.91 -41.72
N CYS A 163 -47.37 45.47 -42.02
CA CYS A 163 -46.30 45.48 -41.04
C CYS A 163 -45.17 46.41 -41.50
N ARG A 164 -45.08 47.58 -40.89
CA ARG A 164 -44.01 48.53 -41.20
C ARG A 164 -42.79 48.27 -40.33
N VAL A 165 -41.67 47.95 -41.00
CA VAL A 165 -40.41 47.62 -40.34
C VAL A 165 -39.32 48.59 -40.78
N GLU A 166 -38.71 49.27 -39.80
CA GLU A 166 -37.57 50.15 -40.06
C GLU A 166 -36.27 49.52 -39.55
N HIS A 167 -35.22 49.60 -40.36
CA HIS A 167 -33.90 49.12 -39.97
C HIS A 167 -32.84 49.96 -40.67
N TRP A 168 -31.66 50.02 -40.08
CA TRP A 168 -30.57 50.87 -40.58
C TRP A 168 -29.99 50.38 -41.91
N GLY A 169 -30.09 49.08 -42.17
CA GLY A 169 -29.72 48.50 -43.46
C GLY A 169 -30.67 48.86 -44.58
N LEU A 170 -31.91 49.20 -44.23
CA LEU A 170 -32.92 49.58 -45.21
C LEU A 170 -32.82 51.07 -45.53
N ASP A 171 -32.73 51.39 -46.81
CA ASP A 171 -32.86 52.78 -47.28
C ASP A 171 -34.30 53.25 -47.12
N GLU A 172 -35.22 52.34 -47.41
CA GLU A 172 -36.66 52.60 -47.38
C GLU A 172 -37.32 51.70 -46.34
N PRO A 173 -38.22 52.27 -45.50
CA PRO A 173 -38.99 51.46 -44.54
C PRO A 173 -39.78 50.37 -45.24
N LEU A 174 -39.58 49.12 -44.81
CA LEU A 174 -40.18 47.97 -45.49
C LEU A 174 -41.64 47.80 -45.08
N LEU A 175 -42.53 47.81 -46.07
CA LEU A 175 -43.97 47.86 -45.83
C LEU A 175 -44.65 46.63 -46.42
N LYS A 176 -44.80 45.59 -45.60
CA LYS A 176 -45.33 44.30 -46.07
C LYS A 176 -46.83 44.22 -45.86
N HIS A 177 -47.55 43.91 -46.92
CA HIS A 177 -49.01 43.99 -46.92
C HIS A 177 -49.65 42.62 -46.70
N TRP A 178 -50.71 42.58 -45.91
CA TRP A 178 -51.63 41.44 -45.87
C TRP A 178 -53.10 41.89 -45.95
N GLU A 179 -53.88 41.18 -46.74
CA GLU A 179 -55.35 41.32 -46.69
C GLU A 179 -56.04 39.96 -46.79
N PHE A 180 -57.35 39.95 -46.55
CA PHE A 180 -58.13 38.71 -46.47
C PHE A 180 -58.17 37.98 -47.81
N THR B 3 -27.61 56.68 -37.53
CA THR B 3 -26.52 57.19 -38.43
C THR B 3 -25.11 56.97 -37.83
N ARG B 4 -25.03 57.01 -36.50
CA ARG B 4 -23.79 56.69 -35.77
C ARG B 4 -23.32 55.24 -35.97
N PRO B 5 -21.98 55.01 -36.00
CA PRO B 5 -21.43 53.66 -36.12
C PRO B 5 -21.76 52.78 -34.91
N ARG B 6 -22.01 51.49 -35.14
CA ARG B 6 -22.42 50.58 -34.08
C ARG B 6 -21.44 49.43 -33.85
N PHE B 7 -21.41 48.92 -32.63
CA PHE B 7 -20.47 47.88 -32.23
C PHE B 7 -21.19 46.82 -31.40
N LEU B 8 -20.98 45.55 -31.77
CA LEU B 8 -21.81 44.45 -31.27
C LEU B 8 -20.97 43.26 -30.78
N TRP B 9 -21.47 42.60 -29.74
CA TRP B 9 -20.73 41.56 -29.04
C TRP B 9 -21.69 40.44 -28.63
N GLN B 10 -21.56 39.29 -29.28
CA GLN B 10 -22.40 38.13 -28.98
C GLN B 10 -21.58 36.98 -28.41
N PRO B 11 -21.69 36.74 -27.09
CA PRO B 11 -21.38 35.40 -26.60
C PRO B 11 -22.50 34.43 -26.92
N LYS B 12 -22.13 33.25 -27.43
CA LYS B 12 -23.05 32.14 -27.53
C LYS B 12 -22.52 30.91 -26.79
N ARG B 13 -23.29 30.43 -25.82
CA ARG B 13 -22.94 29.22 -25.09
C ARG B 13 -23.91 28.09 -25.46
N GLU B 14 -23.44 27.16 -26.29
CA GLU B 14 -24.30 26.11 -26.83
C GLU B 14 -23.97 24.71 -26.32
N CYS B 15 -25.01 23.92 -26.07
CA CYS B 15 -24.86 22.49 -25.81
C CYS B 15 -25.57 21.68 -26.89
N HIS B 16 -24.86 20.71 -27.45
CA HIS B 16 -25.36 19.83 -28.49
C HIS B 16 -25.54 18.42 -27.94
N PHE B 17 -26.77 17.94 -27.88
CA PHE B 17 -27.06 16.65 -27.26
C PHE B 17 -27.27 15.57 -28.32
N PHE B 18 -26.62 14.43 -28.13
CA PHE B 18 -26.71 13.29 -29.04
C PHE B 18 -27.20 12.05 -28.28
N ASN B 19 -28.06 11.26 -28.93
CA ASN B 19 -28.57 10.00 -28.35
C ASN B 19 -29.06 10.20 -26.91
N GLY B 20 -29.90 11.20 -26.73
CA GLY B 20 -30.24 11.69 -25.39
C GLY B 20 -29.16 12.58 -24.81
N THR B 21 -28.50 12.08 -23.77
CA THR B 21 -27.41 12.80 -23.11
C THR B 21 -26.11 12.01 -23.16
N GLU B 22 -26.12 10.91 -23.90
CA GLU B 22 -25.01 9.95 -23.90
C GLU B 22 -23.73 10.59 -24.43
N ARG B 23 -23.88 11.45 -25.44
CA ARG B 23 -22.79 12.28 -25.95
C ARG B 23 -23.20 13.75 -25.97
N VAL B 24 -22.34 14.61 -25.44
CA VAL B 24 -22.62 16.05 -25.38
C VAL B 24 -21.41 16.84 -25.89
N ARG B 25 -21.70 17.85 -26.70
CA ARG B 25 -20.67 18.78 -27.16
C ARG B 25 -21.01 20.21 -26.79
N PHE B 26 -20.10 20.86 -26.06
CA PHE B 26 -20.29 22.21 -25.54
C PHE B 26 -19.38 23.20 -26.28
N LEU B 27 -19.99 24.27 -26.82
CA LEU B 27 -19.25 25.35 -27.43
C LEU B 27 -19.42 26.63 -26.62
N ASP B 28 -18.31 27.34 -26.41
CA ASP B 28 -18.33 28.72 -25.95
C ASP B 28 -17.82 29.61 -27.08
N ARG B 29 -18.70 30.41 -27.66
CA ARG B 29 -18.41 31.11 -28.90
C ARG B 29 -18.63 32.63 -28.76
N TYR B 30 -17.66 33.41 -29.24
CA TYR B 30 -17.71 34.86 -29.09
C TYR B 30 -17.62 35.55 -30.45
N PHE B 31 -18.50 36.52 -30.68
CA PHE B 31 -18.64 37.14 -31.99
C PHE B 31 -18.57 38.66 -31.90
N TYR B 32 -17.49 39.23 -32.45
CA TYR B 32 -17.40 40.69 -32.56
C TYR B 32 -17.86 41.18 -33.92
N ASN B 33 -18.81 42.10 -33.90
CA ASN B 33 -19.73 42.32 -35.04
C ASN B 33 -20.29 40.99 -35.52
N GLN B 34 -20.09 40.64 -36.79
CA GLN B 34 -20.61 39.36 -37.26
C GLN B 34 -19.58 38.22 -37.19
N GLU B 35 -18.29 38.58 -37.20
CA GLU B 35 -17.20 37.61 -37.29
C GLU B 35 -16.86 36.98 -35.93
N GLU B 36 -16.83 35.65 -35.90
CA GLU B 36 -16.36 34.89 -34.75
C GLU B 36 -14.90 35.22 -34.50
N SER B 37 -14.48 35.19 -33.22
CA SER B 37 -13.12 35.56 -32.85
C SER B 37 -12.40 34.50 -32.02
N VAL B 38 -13.08 33.99 -30.99
CA VAL B 38 -12.50 32.97 -30.11
C VAL B 38 -13.57 31.98 -29.68
N ARG B 39 -13.19 30.71 -29.52
CA ARG B 39 -14.12 29.68 -29.07
C ARG B 39 -13.47 28.62 -28.18
N PHE B 40 -14.21 28.15 -27.17
CA PHE B 40 -13.91 26.88 -26.53
C PHE B 40 -14.80 25.79 -27.09
N ASP B 41 -14.19 24.64 -27.38
CA ASP B 41 -14.86 23.51 -27.99
C ASP B 41 -14.54 22.29 -27.15
N SER B 42 -15.58 21.71 -26.55
CA SER B 42 -15.43 20.56 -25.65
C SER B 42 -14.67 19.42 -26.28
N ASP B 43 -14.79 19.28 -27.60
CA ASP B 43 -14.09 18.25 -28.37
C ASP B 43 -12.64 18.62 -28.70
N VAL B 44 -12.27 19.87 -28.46
CA VAL B 44 -10.88 20.29 -28.64
C VAL B 44 -10.15 20.29 -27.29
N GLY B 45 -10.76 20.89 -26.27
CA GLY B 45 -10.21 20.82 -24.91
C GLY B 45 -9.58 22.10 -24.38
N GLU B 46 -9.21 23.01 -25.27
CA GLU B 46 -8.88 24.37 -24.87
C GLU B 46 -9.47 25.43 -25.81
N PHE B 47 -9.18 26.69 -25.52
CA PHE B 47 -9.64 27.81 -26.34
C PHE B 47 -8.78 27.92 -27.58
N ARG B 48 -9.43 28.21 -28.71
CA ARG B 48 -8.71 28.58 -29.92
C ARG B 48 -9.19 29.94 -30.44
N ALA B 49 -8.24 30.74 -30.91
CA ALA B 49 -8.55 31.92 -31.71
C ALA B 49 -9.01 31.49 -33.08
N VAL B 50 -10.02 32.16 -33.61
CA VAL B 50 -10.39 31.95 -35.02
C VAL B 50 -10.10 33.17 -35.92
N THR B 51 -9.99 34.35 -35.32
CA THR B 51 -9.40 35.51 -35.99
C THR B 51 -8.30 36.11 -35.10
N GLU B 52 -7.44 36.96 -35.69
CA GLU B 52 -6.34 37.59 -34.95
C GLU B 52 -6.82 38.47 -33.79
N LEU B 53 -8.06 38.95 -33.87
CA LEU B 53 -8.66 39.72 -32.79
C LEU B 53 -8.79 38.89 -31.53
N GLY B 54 -9.20 37.63 -31.67
CA GLY B 54 -9.49 36.77 -30.52
C GLY B 54 -8.26 36.15 -29.87
N ARG B 55 -7.09 36.38 -30.47
CA ARG B 55 -5.86 35.73 -30.04
C ARG B 55 -5.51 36.02 -28.57
N PRO B 56 -5.46 37.30 -28.16
CA PRO B 56 -5.05 37.57 -26.78
C PRO B 56 -6.02 37.01 -25.75
N ASP B 57 -7.30 36.94 -26.12
CA ASP B 57 -8.34 36.32 -25.28
C ASP B 57 -8.10 34.83 -25.12
N ALA B 58 -7.87 34.14 -26.24
CA ALA B 58 -7.61 32.71 -26.24
C ALA B 58 -6.35 32.40 -25.45
N GLU B 59 -5.28 33.14 -25.72
CA GLU B 59 -3.99 32.93 -25.08
C GLU B 59 -4.08 33.05 -23.57
N TYR B 60 -4.87 34.02 -23.11
CA TYR B 60 -4.90 34.38 -21.69
C TYR B 60 -5.81 33.47 -20.89
N TRP B 61 -6.92 33.04 -21.48
CA TRP B 61 -7.84 32.10 -20.86
C TRP B 61 -7.23 30.71 -20.75
N ASN B 62 -6.41 30.35 -21.74
CA ASN B 62 -5.71 29.07 -21.74
C ASN B 62 -4.70 28.94 -20.60
N SER B 63 -4.24 30.08 -20.10
CA SER B 63 -3.19 30.14 -19.09
C SER B 63 -3.74 30.05 -17.67
N GLN B 64 -5.05 29.87 -17.56
CA GLN B 64 -5.71 29.83 -16.26
C GLN B 64 -6.24 28.43 -16.00
N LYS B 65 -5.61 27.72 -15.08
CA LYS B 65 -6.00 26.35 -14.74
C LYS B 65 -7.49 26.23 -14.40
N ASP B 66 -8.02 27.18 -13.62
CA ASP B 66 -9.39 27.08 -13.11
C ASP B 66 -10.45 27.37 -14.17
N ILE B 67 -10.25 28.41 -14.97
CA ILE B 67 -11.13 28.71 -16.11
C ILE B 67 -11.22 27.52 -17.07
N LEU B 68 -10.07 26.92 -17.33
CA LEU B 68 -9.96 25.73 -18.17
C LEU B 68 -10.66 24.53 -17.55
N GLU B 69 -10.50 24.34 -16.24
CA GLU B 69 -11.16 23.25 -15.52
C GLU B 69 -12.68 23.41 -15.53
N GLN B 70 -13.13 24.64 -15.38
CA GLN B 70 -14.55 24.98 -15.43
C GLN B 70 -15.15 24.71 -16.80
N ALA B 71 -14.49 25.21 -17.84
CA ALA B 71 -14.92 25.02 -19.21
C ALA B 71 -15.08 23.54 -19.57
N ARG B 72 -14.12 22.72 -19.11
CA ARG B 72 -14.12 21.29 -19.39
C ARG B 72 -15.21 20.57 -18.62
N ALA B 73 -15.67 21.18 -17.54
CA ALA B 73 -16.72 20.60 -16.70
C ALA B 73 -18.13 20.87 -17.22
N ALA B 74 -18.28 21.94 -18.01
CA ALA B 74 -19.60 22.45 -18.45
C ALA B 74 -20.48 21.36 -19.04
N VAL B 75 -19.85 20.46 -19.79
CA VAL B 75 -20.54 19.37 -20.48
C VAL B 75 -21.40 18.55 -19.50
N ASP B 76 -20.89 18.35 -18.28
CA ASP B 76 -21.60 17.69 -17.20
C ASP B 76 -22.32 18.69 -16.29
N THR B 77 -21.60 19.72 -15.87
CA THR B 77 -22.06 20.62 -14.80
C THR B 77 -23.04 21.71 -15.25
N TYR B 78 -23.26 21.82 -16.56
CA TYR B 78 -24.10 22.88 -17.11
C TYR B 78 -25.06 22.29 -18.12
N CYS B 79 -24.52 21.65 -19.17
CA CYS B 79 -25.33 21.07 -20.24
C CYS B 79 -26.24 19.98 -19.71
N ARG B 80 -25.66 18.91 -19.15
CA ARG B 80 -26.43 17.79 -18.66
C ARG B 80 -27.36 18.18 -17.50
N HIS B 81 -26.87 19.08 -16.63
CA HIS B 81 -27.72 19.78 -15.66
C HIS B 81 -28.96 20.36 -16.34
N ASN B 82 -28.75 21.34 -17.21
CA ASN B 82 -29.86 22.09 -17.83
C ASN B 82 -30.87 21.21 -18.57
N TYR B 83 -30.37 20.22 -19.30
CA TYR B 83 -31.21 19.25 -19.99
C TYR B 83 -32.25 18.66 -19.04
N GLY B 84 -31.79 18.09 -17.94
CA GLY B 84 -32.68 17.44 -16.98
C GLY B 84 -33.70 18.39 -16.39
N VAL B 85 -33.36 19.68 -16.35
CA VAL B 85 -34.25 20.70 -15.82
C VAL B 85 -35.39 20.99 -16.81
N VAL B 86 -35.03 21.20 -18.07
CA VAL B 86 -36.02 21.59 -19.09
C VAL B 86 -36.62 20.41 -19.88
N GLU B 87 -36.06 19.22 -19.72
CA GLU B 87 -36.43 18.06 -20.53
C GLU B 87 -37.94 17.84 -20.58
N SER B 88 -38.54 17.79 -19.39
CA SER B 88 -39.98 17.59 -19.22
C SER B 88 -40.81 18.35 -20.27
N PHE B 89 -40.57 19.64 -20.43
CA PHE B 89 -41.48 20.50 -21.19
C PHE B 89 -40.93 20.99 -22.54
N THR B 90 -39.78 20.45 -22.95
CA THR B 90 -39.16 20.79 -24.23
C THR B 90 -38.93 19.55 -25.08
N VAL B 91 -38.12 18.63 -24.56
CA VAL B 91 -37.78 17.39 -25.24
C VAL B 91 -39.01 16.50 -25.39
N GLN B 92 -39.90 16.55 -24.39
CA GLN B 92 -41.07 15.69 -24.37
C GLN B 92 -42.37 16.42 -24.74
N ARG B 93 -42.23 17.65 -25.21
CA ARG B 93 -43.36 18.44 -25.69
C ARG B 93 -43.96 17.81 -26.94
N ARG B 94 -45.29 17.66 -26.94
CA ARG B 94 -46.02 17.08 -28.08
C ARG B 94 -47.37 17.74 -28.31
N VAL B 95 -47.52 18.39 -29.47
CA VAL B 95 -48.76 19.09 -29.83
C VAL B 95 -49.31 18.60 -31.17
N GLN B 96 -50.55 18.10 -31.14
CA GLN B 96 -51.32 17.70 -32.33
C GLN B 96 -51.50 18.83 -33.33
N PRO B 97 -51.25 18.57 -34.63
CA PRO B 97 -51.65 19.48 -35.69
C PRO B 97 -53.16 19.51 -35.91
N LYS B 98 -53.64 20.62 -36.46
CA LYS B 98 -55.02 20.72 -36.95
C LYS B 98 -54.98 20.70 -38.47
N VAL B 99 -55.73 19.78 -39.07
CA VAL B 99 -55.57 19.49 -40.50
C VAL B 99 -56.78 19.92 -41.33
N THR B 100 -56.60 20.99 -42.10
CA THR B 100 -57.64 21.52 -43.00
C THR B 100 -57.31 21.19 -44.44
N VAL B 101 -58.33 20.86 -45.22
CA VAL B 101 -58.20 20.82 -46.67
C VAL B 101 -59.23 21.73 -47.33
N TYR B 102 -58.75 22.61 -48.21
CA TYR B 102 -59.63 23.45 -49.02
C TYR B 102 -59.08 23.60 -50.45
N PRO B 103 -59.99 23.76 -51.44
CA PRO B 103 -59.55 24.10 -52.79
C PRO B 103 -59.09 25.54 -52.89
N SER B 104 -58.23 25.81 -53.87
CA SER B 104 -57.74 27.15 -54.16
C SER B 104 -57.59 27.38 -55.67
N LYS B 105 -57.05 28.54 -56.05
CA LYS B 105 -57.16 29.04 -57.43
C LYS B 105 -55.83 29.25 -58.18
N THR B 106 -54.99 30.17 -57.70
CA THR B 106 -53.95 30.86 -58.51
C THR B 106 -54.44 31.41 -59.87
N GLN B 107 -55.68 31.89 -59.89
CA GLN B 107 -56.29 32.63 -61.01
C GLN B 107 -56.86 31.73 -62.12
N PRO B 108 -58.18 31.43 -62.05
CA PRO B 108 -58.92 30.89 -63.18
C PRO B 108 -59.62 31.99 -63.98
N HIS B 111 -64.96 26.00 -61.79
CA HIS B 111 -64.15 25.73 -60.59
C HIS B 111 -62.69 26.16 -60.77
N HIS B 112 -61.90 25.95 -59.72
CA HIS B 112 -60.48 26.33 -59.70
C HIS B 112 -59.54 25.14 -59.51
N ASN B 113 -58.24 25.42 -59.35
CA ASN B 113 -57.21 24.63 -60.02
C ASN B 113 -56.20 23.87 -59.14
N LEU B 114 -56.31 24.00 -57.82
CA LEU B 114 -55.46 23.19 -56.91
C LEU B 114 -56.06 22.97 -55.52
N LEU B 115 -55.66 21.87 -54.89
CA LEU B 115 -56.08 21.55 -53.52
C LEU B 115 -54.97 21.82 -52.51
N VAL B 116 -55.36 22.33 -51.35
CA VAL B 116 -54.42 22.72 -50.31
C VAL B 116 -54.67 21.90 -49.05
N CYS B 117 -53.64 21.22 -48.56
CA CYS B 117 -53.68 20.65 -47.22
C CYS B 117 -52.94 21.55 -46.24
N SER B 118 -53.66 22.05 -45.26
CA SER B 118 -53.14 22.98 -44.28
C SER B 118 -52.98 22.28 -42.93
N VAL B 119 -51.74 22.24 -42.45
CA VAL B 119 -51.40 21.59 -41.20
C VAL B 119 -50.76 22.62 -40.28
N SER B 120 -51.44 22.94 -39.18
CA SER B 120 -51.01 24.05 -38.32
C SER B 120 -50.98 23.69 -36.84
N GLY B 121 -50.10 24.37 -36.11
CA GLY B 121 -50.11 24.39 -34.66
C GLY B 121 -49.55 23.13 -34.02
N PHE B 122 -48.54 22.54 -34.66
CA PHE B 122 -47.96 21.28 -34.19
C PHE B 122 -46.55 21.46 -33.59
N TYR B 123 -46.16 20.53 -32.72
CA TYR B 123 -44.79 20.43 -32.23
C TYR B 123 -44.50 18.98 -31.86
N PRO B 124 -43.28 18.49 -32.17
CA PRO B 124 -42.13 19.16 -32.79
C PRO B 124 -42.25 19.29 -34.30
N GLY B 125 -41.16 19.74 -34.92
CA GLY B 125 -41.16 20.10 -36.34
C GLY B 125 -41.33 18.94 -37.31
N SER B 126 -40.75 17.79 -36.96
CA SER B 126 -40.71 16.64 -37.87
C SER B 126 -42.10 16.08 -38.19
N ILE B 127 -42.46 16.10 -39.47
CA ILE B 127 -43.80 15.71 -39.92
C ILE B 127 -43.77 15.09 -41.31
N GLU B 128 -44.77 14.28 -41.62
CA GLU B 128 -44.90 13.65 -42.93
C GLU B 128 -46.30 13.86 -43.49
N VAL B 129 -46.41 14.78 -44.46
CA VAL B 129 -47.68 15.09 -45.12
C VAL B 129 -47.70 14.50 -46.52
N ARG B 130 -48.73 13.72 -46.84
CA ARG B 130 -48.82 13.09 -48.16
C ARG B 130 -50.24 13.04 -48.74
N TRP B 131 -50.32 13.18 -50.06
CA TRP B 131 -51.61 13.21 -50.78
C TRP B 131 -51.98 11.85 -51.34
N PHE B 132 -53.28 11.55 -51.30
CA PHE B 132 -53.82 10.31 -51.83
C PHE B 132 -55.02 10.58 -52.75
N LEU B 133 -55.11 9.82 -53.84
CA LEU B 133 -56.32 9.80 -54.65
C LEU B 133 -56.74 8.37 -55.00
N ASN B 134 -57.90 7.97 -54.50
CA ASN B 134 -58.44 6.62 -54.66
C ASN B 134 -57.51 5.52 -54.13
N GLY B 135 -56.77 5.84 -53.06
CA GLY B 135 -55.84 4.89 -52.45
C GLY B 135 -54.42 4.97 -52.98
N GLN B 136 -54.24 5.61 -54.13
CA GLN B 136 -52.92 5.78 -54.72
C GLN B 136 -52.25 7.07 -54.25
N GLU B 137 -50.95 6.99 -53.98
CA GLU B 137 -50.16 8.13 -53.56
C GLU B 137 -49.75 8.98 -54.77
N GLU B 138 -50.05 10.27 -54.71
CA GLU B 138 -49.67 11.21 -55.76
C GLU B 138 -48.30 11.80 -55.48
N LYS B 139 -47.25 11.10 -55.92
CA LYS B 139 -45.87 11.46 -55.61
C LYS B 139 -45.48 12.79 -56.28
N ALA B 140 -45.82 12.94 -57.56
CA ALA B 140 -45.47 14.14 -58.32
C ALA B 140 -46.70 15.02 -58.58
N GLY B 141 -46.46 16.33 -58.70
CA GLY B 141 -47.51 17.30 -58.98
C GLY B 141 -47.92 18.11 -57.77
N MET B 142 -47.03 18.19 -56.78
CA MET B 142 -47.33 18.89 -55.52
C MET B 142 -46.20 19.79 -55.03
N VAL B 143 -46.59 20.93 -54.46
CA VAL B 143 -45.65 21.94 -53.99
C VAL B 143 -45.90 22.20 -52.51
N SER B 144 -44.95 22.83 -51.82
CA SER B 144 -45.03 23.05 -50.38
C SER B 144 -44.48 24.43 -49.98
N THR B 145 -44.86 24.90 -48.80
CA THR B 145 -44.21 26.08 -48.22
C THR B 145 -42.96 25.70 -47.45
N GLY B 146 -42.81 24.41 -47.18
CA GLY B 146 -41.79 23.93 -46.24
C GLY B 146 -42.29 24.07 -44.81
N LEU B 147 -41.37 23.88 -43.86
CA LEU B 147 -41.66 24.05 -42.44
C LEU B 147 -41.55 25.52 -42.05
N ILE B 148 -42.56 26.03 -41.33
CA ILE B 148 -42.55 27.43 -40.89
C ILE B 148 -42.66 27.51 -39.37
N GLN B 149 -41.65 28.13 -38.74
CA GLN B 149 -41.68 28.43 -37.33
C GLN B 149 -42.58 29.64 -37.04
N ASN B 150 -43.50 29.47 -36.10
CA ASN B 150 -44.40 30.56 -35.71
C ASN B 150 -43.83 31.41 -34.59
N GLY B 151 -42.84 30.87 -33.88
CA GLY B 151 -42.14 31.59 -32.82
C GLY B 151 -42.75 31.40 -31.44
N ASP B 152 -43.76 30.55 -31.35
CA ASP B 152 -44.50 30.34 -30.12
C ASP B 152 -44.58 28.86 -29.78
N TRP B 153 -43.55 28.10 -30.20
CA TRP B 153 -43.47 26.66 -30.00
C TRP B 153 -44.56 25.91 -30.76
N THR B 154 -44.95 26.44 -31.92
CA THR B 154 -45.73 25.69 -32.90
C THR B 154 -45.16 25.91 -34.29
N PHE B 155 -45.26 24.87 -35.11
CA PHE B 155 -44.94 24.94 -36.53
C PHE B 155 -46.21 24.96 -37.38
N GLN B 156 -46.07 25.35 -38.64
CA GLN B 156 -47.16 25.25 -39.62
C GLN B 156 -46.60 25.06 -41.02
N THR B 157 -47.39 24.38 -41.86
CA THR B 157 -47.04 24.18 -43.28
C THR B 157 -48.28 24.06 -44.17
N LEU B 158 -48.08 24.29 -45.47
CA LEU B 158 -49.12 24.11 -46.46
C LEU B 158 -48.57 23.23 -47.57
N VAL B 159 -49.21 22.09 -47.82
CA VAL B 159 -48.82 21.23 -48.93
C VAL B 159 -49.92 21.19 -49.99
N MET B 160 -49.60 21.68 -51.19
CA MET B 160 -50.59 21.94 -52.22
C MET B 160 -50.47 20.95 -53.37
N LEU B 161 -51.59 20.36 -53.75
CA LEU B 161 -51.65 19.47 -54.90
C LEU B 161 -52.31 20.18 -56.09
N GLU B 162 -51.60 20.27 -57.22
CA GLU B 162 -52.18 20.84 -58.43
C GLU B 162 -52.79 19.79 -59.36
N THR B 163 -54.08 19.51 -59.16
CA THR B 163 -54.91 18.83 -60.15
C THR B 163 -56.31 19.43 -60.14
N VAL B 164 -56.86 19.65 -61.34
CA VAL B 164 -58.22 20.16 -61.46
C VAL B 164 -59.23 19.03 -61.18
N PRO B 165 -60.12 19.24 -60.19
CA PRO B 165 -61.21 18.32 -59.90
C PRO B 165 -62.40 18.53 -60.83
N TYR B 171 -60.02 12.59 -52.84
CA TYR B 171 -58.75 13.11 -52.37
C TYR B 171 -58.57 12.93 -50.85
N THR B 172 -57.38 12.51 -50.43
CA THR B 172 -57.09 12.32 -49.00
C THR B 172 -55.73 12.93 -48.61
N CYS B 173 -55.74 13.69 -47.52
CA CYS B 173 -54.51 14.17 -46.88
C CYS B 173 -54.17 13.32 -45.66
N GLN B 174 -52.94 12.81 -45.61
CA GLN B 174 -52.51 11.95 -44.51
C GLN B 174 -51.29 12.52 -43.80
N VAL B 175 -51.45 12.79 -42.51
CA VAL B 175 -50.46 13.51 -41.73
C VAL B 175 -49.94 12.61 -40.62
N GLU B 176 -48.67 12.22 -40.72
CA GLU B 176 -48.01 11.45 -39.66
C GLU B 176 -47.13 12.36 -38.82
N HIS B 177 -47.15 12.12 -37.51
CA HIS B 177 -46.53 13.01 -36.51
C HIS B 177 -46.37 12.28 -35.19
N PRO B 178 -45.28 12.56 -34.45
CA PRO B 178 -45.05 12.00 -33.11
C PRO B 178 -46.22 12.14 -32.11
N SER B 179 -47.00 13.21 -32.23
CA SER B 179 -48.02 13.54 -31.24
C SER B 179 -49.21 12.58 -31.22
N VAL B 180 -49.46 11.93 -32.35
CA VAL B 180 -50.59 11.01 -32.51
C VAL B 180 -50.16 9.58 -32.81
N THR B 181 -50.87 8.62 -32.21
CA THR B 181 -50.49 7.20 -32.29
C THR B 181 -50.79 6.59 -33.65
N SER B 182 -51.67 7.24 -34.41
CA SER B 182 -52.03 6.81 -35.76
C SER B 182 -52.31 8.03 -36.64
N PRO B 183 -51.89 7.98 -37.91
CA PRO B 183 -51.88 9.16 -38.79
C PRO B 183 -53.25 9.81 -38.91
N LEU B 184 -53.26 11.15 -38.94
CA LEU B 184 -54.49 11.92 -39.15
C LEU B 184 -54.84 11.99 -40.63
N THR B 185 -56.09 11.68 -40.96
CA THR B 185 -56.59 11.83 -42.33
C THR B 185 -57.71 12.86 -42.37
N VAL B 186 -57.69 13.71 -43.41
CA VAL B 186 -58.91 14.38 -43.85
C VAL B 186 -59.20 14.16 -45.33
N GLU B 187 -60.46 13.87 -45.63
CA GLU B 187 -60.89 13.53 -46.99
C GLU B 187 -61.59 14.72 -47.64
N TRP B 188 -61.42 14.85 -48.95
CA TRP B 188 -62.11 15.88 -49.74
C TRP B 188 -62.65 15.31 -51.05
N PRO C 8 -24.54 9.24 12.59
CA PRO C 8 -23.42 9.91 11.93
C PRO C 8 -22.15 9.98 12.78
N GLN C 9 -21.01 10.23 12.12
CA GLN C 9 -19.67 10.38 12.74
C GLN C 9 -18.90 9.06 12.95
N ALA C 10 -17.99 8.77 12.01
CA ALA C 10 -17.02 7.68 12.14
C ALA C 10 -15.68 8.21 12.63
N LEU C 11 -14.98 7.42 13.45
CA LEU C 11 -13.77 7.90 14.14
C LEU C 11 -12.50 7.21 13.64
N SER C 12 -11.45 8.00 13.39
CA SER C 12 -10.21 7.53 12.77
C SER C 12 -8.98 8.14 13.44
N ILE C 13 -8.05 7.28 13.87
CA ILE C 13 -6.98 7.70 14.80
C ILE C 13 -5.61 7.19 14.31
N GLN C 14 -4.59 8.06 14.41
CA GLN C 14 -3.25 7.78 13.83
C GLN C 14 -2.13 8.74 14.29
N GLU C 15 -0.97 8.72 13.60
CA GLU C 15 0.31 9.19 14.17
C GLU C 15 1.05 10.30 13.39
N GLY C 16 1.74 9.91 12.32
CA GLY C 16 2.30 10.84 11.34
C GLY C 16 2.15 10.25 9.95
N GLU C 17 1.18 9.35 9.82
CA GLU C 17 1.02 8.50 8.66
C GLU C 17 0.00 9.11 7.70
N ASN C 18 -0.32 8.37 6.64
CA ASN C 18 -1.36 8.79 5.72
C ASN C 18 -2.74 8.59 6.33
N ALA C 19 -3.61 9.58 6.13
CA ALA C 19 -5.01 9.50 6.58
C ALA C 19 -5.95 9.47 5.39
N THR C 20 -6.75 8.43 5.29
CA THR C 20 -7.72 8.33 4.21
C THR C 20 -9.15 8.29 4.76
N MET C 21 -9.96 9.26 4.32
CA MET C 21 -11.30 9.45 4.86
C MET C 21 -12.36 9.40 3.75
N ASN C 22 -13.49 8.78 4.06
CA ASN C 22 -14.52 8.49 3.05
C ASN C 22 -15.84 9.22 3.32
N CYS C 23 -16.57 9.48 2.26
CA CYS C 23 -17.71 10.39 2.30
C CYS C 23 -18.66 10.09 1.15
N SER C 24 -19.80 9.47 1.47
CA SER C 24 -20.82 9.12 0.48
C SER C 24 -21.95 10.15 0.40
N TYR C 25 -22.69 10.12 -0.71
CA TYR C 25 -23.74 11.11 -0.96
C TYR C 25 -24.90 10.50 -1.74
N LYS C 26 -26.07 11.11 -1.62
CA LYS C 26 -27.34 10.43 -1.90
C LYS C 26 -27.88 10.62 -3.32
N THR C 27 -27.37 11.63 -4.03
CA THR C 27 -27.94 12.06 -5.31
C THR C 27 -26.86 12.19 -6.39
N SER C 28 -27.27 12.25 -7.65
CA SER C 28 -26.34 12.55 -8.74
C SER C 28 -25.89 14.00 -8.62
N ILE C 29 -24.66 14.28 -9.05
CA ILE C 29 -23.91 15.41 -8.51
C ILE C 29 -23.37 16.36 -9.59
N ASN C 30 -22.96 17.56 -9.17
CA ASN C 30 -22.20 18.49 -10.02
C ASN C 30 -20.87 18.91 -9.41
N ASN C 31 -20.93 19.57 -8.27
CA ASN C 31 -19.76 19.92 -7.51
C ASN C 31 -19.80 19.21 -6.18
N LEU C 32 -18.64 18.71 -5.73
CA LEU C 32 -18.48 18.23 -4.37
C LEU C 32 -17.31 18.93 -3.71
N GLN C 33 -17.56 19.49 -2.53
CA GLN C 33 -16.58 20.27 -1.78
C GLN C 33 -16.30 19.62 -0.43
N TRP C 34 -15.02 19.48 -0.10
CA TRP C 34 -14.58 18.98 1.22
C TRP C 34 -14.33 20.11 2.21
N TYR C 35 -14.80 19.92 3.44
CA TYR C 35 -14.63 20.89 4.53
C TYR C 35 -14.02 20.24 5.76
N ARG C 36 -13.28 21.03 6.54
CA ARG C 36 -12.91 20.64 7.91
C ARG C 36 -13.51 21.59 8.94
N GLN C 37 -13.80 21.06 10.12
CA GLN C 37 -14.36 21.85 11.20
C GLN C 37 -13.74 21.41 12.52
N ASN C 38 -13.44 22.38 13.38
CA ASN C 38 -12.76 22.10 14.64
C ASN C 38 -13.71 21.78 15.79
N SER C 39 -14.18 22.82 16.48
CA SER C 39 -15.27 22.69 17.45
C SER C 39 -15.94 24.04 17.66
N GLY C 40 -17.22 23.99 18.03
CA GLY C 40 -18.09 25.16 17.98
C GLY C 40 -18.18 25.67 16.56
N ARG C 41 -17.25 26.55 16.20
CA ARG C 41 -17.36 27.36 14.98
C ARG C 41 -16.72 26.70 13.77
N GLY C 42 -15.48 27.08 13.46
CA GLY C 42 -14.75 26.53 12.32
C GLY C 42 -15.45 26.66 10.98
N LEU C 43 -15.25 25.63 10.14
CA LEU C 43 -15.62 25.61 8.71
C LEU C 43 -14.57 26.25 7.78
N VAL C 44 -13.58 25.43 7.44
CA VAL C 44 -12.55 25.78 6.45
C VAL C 44 -12.74 24.92 5.19
N HIS C 45 -12.99 25.60 4.07
CA HIS C 45 -13.09 24.96 2.76
C HIS C 45 -11.72 24.41 2.37
N LEU C 46 -11.69 23.16 1.91
CA LEU C 46 -10.42 22.50 1.62
C LEU C 46 -10.15 22.40 0.12
N ILE C 47 -11.11 21.84 -0.61
CA ILE C 47 -10.90 21.44 -2.01
C ILE C 47 -12.26 21.17 -2.64
N LEU C 48 -12.35 21.31 -3.96
CA LEU C 48 -13.55 20.84 -4.69
C LEU C 48 -13.23 20.01 -5.94
N ILE C 49 -13.93 18.89 -6.05
CA ILE C 49 -13.86 18.03 -7.23
C ILE C 49 -15.23 18.03 -7.94
N ARG C 50 -15.20 18.01 -9.27
CA ARG C 50 -16.42 18.13 -10.06
C ARG C 50 -16.83 16.81 -10.72
N SER C 51 -18.09 16.68 -11.11
CA SER C 51 -18.69 15.40 -11.46
C SER C 51 -18.10 14.76 -12.73
N ASN C 52 -17.20 15.47 -13.40
CA ASN C 52 -16.50 14.97 -14.57
C ASN C 52 -15.06 14.54 -14.28
N GLU C 53 -14.52 15.02 -13.17
CA GLU C 53 -13.13 14.75 -12.80
C GLU C 53 -13.04 13.57 -11.85
N ARG C 54 -11.93 12.85 -11.90
CA ARG C 54 -11.76 11.67 -11.08
C ARG C 54 -10.78 11.92 -9.93
N GLU C 55 -9.70 12.63 -10.24
CA GLU C 55 -8.58 12.82 -9.30
C GLU C 55 -8.19 14.30 -9.24
N LYS C 56 -7.84 14.78 -8.05
CA LYS C 56 -7.43 16.17 -7.85
C LYS C 56 -6.43 16.35 -6.71
N HIS C 57 -5.31 17.00 -7.03
CA HIS C 57 -4.18 17.15 -6.10
C HIS C 57 -3.97 18.62 -5.72
N SER C 58 -3.83 18.87 -4.41
CA SER C 58 -3.56 20.21 -3.89
C SER C 58 -2.87 20.18 -2.52
N GLY C 59 -1.58 20.51 -2.50
CA GLY C 59 -0.80 20.49 -1.27
C GLY C 59 -0.58 19.06 -0.78
N ARG C 60 -0.91 18.81 0.48
CA ARG C 60 -0.81 17.47 1.04
C ARG C 60 -2.10 16.68 0.80
N LEU C 61 -3.09 17.34 0.22
CA LEU C 61 -4.43 16.78 0.04
C LEU C 61 -4.62 16.15 -1.34
N ARG C 62 -5.39 15.06 -1.39
CA ARG C 62 -5.74 14.43 -2.65
C ARG C 62 -7.14 13.83 -2.60
N VAL C 63 -7.93 14.08 -3.65
CA VAL C 63 -9.35 13.71 -3.69
C VAL C 63 -9.63 12.72 -4.81
N THR C 64 -10.25 11.60 -4.45
CA THR C 64 -10.81 10.68 -5.44
C THR C 64 -12.30 10.96 -5.55
N LEU C 65 -12.85 10.77 -6.74
CA LEU C 65 -14.30 10.75 -6.93
C LEU C 65 -14.71 9.59 -7.83
N ASP C 66 -15.68 8.81 -7.36
CA ASP C 66 -16.17 7.65 -8.10
C ASP C 66 -17.69 7.71 -8.17
N THR C 67 -18.21 8.34 -9.23
CA THR C 67 -19.64 8.63 -9.31
C THR C 67 -20.47 7.37 -9.52
N SER C 68 -19.79 6.25 -9.79
CA SER C 68 -20.42 4.92 -9.84
C SER C 68 -20.99 4.52 -8.48
N LYS C 69 -20.17 4.67 -7.45
CA LYS C 69 -20.53 4.30 -6.08
C LYS C 69 -20.94 5.51 -5.23
N LYS C 70 -21.14 6.66 -5.89
CA LYS C 70 -21.49 7.92 -5.23
C LYS C 70 -20.67 8.14 -3.94
N SER C 71 -19.35 8.23 -4.11
CA SER C 71 -18.42 8.23 -2.99
C SER C 71 -17.13 8.96 -3.35
N SER C 72 -16.63 9.76 -2.41
CA SER C 72 -15.35 10.43 -2.55
C SER C 72 -14.38 9.97 -1.46
N SER C 73 -13.08 10.08 -1.74
CA SER C 73 -12.06 9.86 -0.71
C SER C 73 -11.12 11.04 -0.58
N LEU C 74 -10.82 11.41 0.67
CA LEU C 74 -9.83 12.45 0.97
C LEU C 74 -8.58 11.84 1.59
N LEU C 75 -7.47 11.95 0.88
CA LEU C 75 -6.18 11.47 1.37
C LEU C 75 -5.31 12.64 1.78
N ILE C 76 -5.01 12.72 3.07
CA ILE C 76 -4.06 13.69 3.61
C ILE C 76 -2.80 12.95 4.08
N THR C 77 -1.65 13.39 3.59
CA THR C 77 -0.50 12.49 3.38
C THR C 77 0.56 12.49 4.49
N ALA C 78 1.01 13.66 4.93
CA ALA C 78 2.01 13.75 6.00
C ALA C 78 1.42 14.40 7.24
N SER C 79 0.60 13.63 7.95
CA SER C 79 -0.36 14.18 8.90
C SER C 79 0.30 14.85 10.11
N ARG C 80 0.06 16.14 10.24
CA ARG C 80 0.48 16.91 11.41
C ARG C 80 -0.53 16.75 12.54
N ALA C 81 -0.13 17.15 13.75
CA ALA C 81 -1.04 17.19 14.90
C ALA C 81 -2.24 18.11 14.65
N ALA C 82 -1.98 19.27 14.05
CA ALA C 82 -3.01 20.28 13.78
C ALA C 82 -4.00 19.88 12.66
N ASP C 83 -3.94 18.62 12.25
CA ASP C 83 -4.91 18.06 11.32
C ASP C 83 -6.16 17.50 12.02
N THR C 84 -6.13 17.49 13.35
CA THR C 84 -7.25 17.00 14.16
C THR C 84 -8.48 17.88 13.98
N ALA C 85 -9.59 17.26 13.57
CA ALA C 85 -10.80 17.97 13.18
C ALA C 85 -11.90 16.98 12.78
N SER C 86 -13.09 17.51 12.54
CA SER C 86 -14.14 16.82 11.80
C SER C 86 -13.97 17.09 10.30
N TYR C 87 -14.17 16.06 9.48
CA TYR C 87 -14.05 16.23 8.03
C TYR C 87 -15.35 15.87 7.31
N PHE C 88 -15.89 16.85 6.59
CA PHE C 88 -17.19 16.74 5.96
C PHE C 88 -17.05 17.00 4.48
N CYS C 89 -17.96 16.42 3.70
CA CYS C 89 -18.04 16.76 2.29
C CYS C 89 -19.47 17.08 1.85
N ALA C 90 -19.60 18.16 1.07
CA ALA C 90 -20.92 18.70 0.71
C ALA C 90 -21.10 18.79 -0.80
N THR C 91 -22.32 18.56 -1.26
CA THR C 91 -22.59 18.29 -2.67
C THR C 91 -23.88 18.96 -3.15
N ASP C 92 -23.86 19.56 -4.33
CA ASP C 92 -25.11 19.99 -4.99
C ASP C 92 -25.60 18.97 -6.02
N THR C 93 -26.92 18.78 -6.05
CA THR C 93 -27.50 17.78 -6.94
C THR C 93 -27.77 18.35 -8.33
N THR C 94 -27.43 17.57 -9.35
CA THR C 94 -27.54 18.02 -10.74
C THR C 94 -28.98 18.06 -11.20
N SER C 95 -29.32 19.09 -11.98
CA SER C 95 -30.69 19.39 -12.42
C SER C 95 -31.63 19.79 -11.28
N GLY C 96 -31.06 20.35 -10.20
CA GLY C 96 -31.82 20.70 -9.02
C GLY C 96 -31.71 22.17 -8.67
N THR C 97 -31.76 22.45 -7.36
CA THR C 97 -31.61 23.79 -6.83
C THR C 97 -30.13 24.11 -6.60
N TYR C 98 -29.83 25.25 -5.98
CA TYR C 98 -28.46 25.63 -5.67
C TYR C 98 -27.87 24.91 -4.44
N LYS C 99 -28.74 24.28 -3.65
CA LYS C 99 -28.38 23.82 -2.30
C LYS C 99 -27.26 22.81 -2.29
N TYR C 100 -26.34 23.00 -1.35
CA TYR C 100 -25.37 21.97 -0.99
C TYR C 100 -25.86 21.21 0.23
N ILE C 101 -25.84 19.88 0.15
CA ILE C 101 -26.21 19.04 1.29
C ILE C 101 -25.00 18.31 1.85
N PHE C 102 -24.90 18.28 3.17
CA PHE C 102 -23.73 17.73 3.84
C PHE C 102 -23.84 16.22 4.06
N GLY C 103 -22.83 15.50 3.58
CA GLY C 103 -22.69 14.07 3.88
C GLY C 103 -22.40 13.80 5.35
N THR C 104 -22.46 12.53 5.73
CA THR C 104 -22.01 12.12 7.05
C THR C 104 -20.49 12.20 7.14
N GLY C 105 -20.00 12.49 8.35
CA GLY C 105 -18.62 12.96 8.52
C GLY C 105 -17.69 11.98 9.19
N THR C 106 -16.40 12.31 9.18
CA THR C 106 -15.41 11.57 9.97
C THR C 106 -14.66 12.48 10.95
N ARG C 107 -14.61 12.03 12.20
CA ARG C 107 -13.81 12.65 13.24
C ARG C 107 -12.39 12.07 13.14
N LEU C 108 -11.39 12.95 13.02
CA LEU C 108 -9.99 12.52 12.96
C LEU C 108 -9.20 12.99 14.17
N LYS C 109 -8.45 12.06 14.78
CA LYS C 109 -7.49 12.39 15.82
C LYS C 109 -6.07 12.00 15.39
N VAL C 110 -5.19 13.00 15.33
CA VAL C 110 -3.77 12.77 15.04
C VAL C 110 -2.96 12.92 16.32
N LEU C 111 -2.43 11.80 16.79
CA LEU C 111 -1.62 11.78 18.00
C LEU C 111 -0.13 11.87 17.65
N PRO C 112 0.66 12.60 18.45
CA PRO C 112 2.08 12.74 18.16
C PRO C 112 2.87 11.49 18.52
N ASN C 113 4.13 11.45 18.10
CA ASN C 113 5.05 10.39 18.51
C ASN C 113 5.92 10.82 19.68
N ILE C 114 5.55 10.37 20.87
CA ILE C 114 6.35 10.61 22.07
C ILE C 114 7.53 9.65 22.06
N GLN C 115 8.65 10.14 21.56
CA GLN C 115 9.82 9.30 21.35
C GLN C 115 10.56 9.08 22.67
N ASN C 116 10.60 10.12 23.50
CA ASN C 116 11.25 10.06 24.81
C ASN C 116 10.26 10.33 25.95
N PRO C 117 9.53 9.29 26.40
CA PRO C 117 8.56 9.44 27.47
C PRO C 117 9.21 9.48 28.85
N ASP C 118 8.72 10.38 29.68
CA ASP C 118 9.09 10.47 31.09
C ASP C 118 7.84 10.82 31.92
N PRO C 119 6.91 9.85 32.06
CA PRO C 119 5.57 10.13 32.60
C PRO C 119 5.66 10.52 34.06
N ALA C 120 4.90 11.55 34.47
CA ALA C 120 4.91 12.01 35.86
C ALA C 120 3.62 12.74 36.23
N VAL C 121 3.35 12.81 37.54
CA VAL C 121 2.27 13.64 38.09
C VAL C 121 2.85 14.66 39.06
N TYR C 122 2.66 15.94 38.75
CA TYR C 122 3.24 17.02 39.55
C TYR C 122 2.16 17.82 40.27
N GLN C 123 2.47 18.31 41.48
CA GLN C 123 1.55 19.16 42.22
C GLN C 123 1.85 20.65 42.04
N LEU C 124 0.79 21.39 41.74
CA LEU C 124 0.88 22.83 41.51
C LEU C 124 -0.01 23.58 42.49
N ARG C 125 0.51 24.66 43.06
CA ARG C 125 -0.27 25.46 44.00
C ARG C 125 -0.53 26.87 43.46
N ASP C 126 -1.68 27.40 43.81
CA ASP C 126 -2.11 28.73 43.40
C ASP C 126 -1.35 29.79 44.19
N SER C 127 -1.15 30.96 43.58
CA SER C 127 -0.65 32.14 44.29
C SER C 127 -1.25 33.42 43.71
N LYS C 128 -1.75 34.32 44.56
CA LYS C 128 -1.96 34.08 45.99
C LYS C 128 -3.30 33.38 46.22
N SER C 129 -3.55 32.92 47.45
CA SER C 129 -4.71 32.08 47.79
C SER C 129 -4.65 30.71 47.07
N SER C 130 -5.59 29.80 47.33
CA SER C 130 -6.50 29.84 48.48
C SER C 130 -5.93 29.18 49.75
N ASP C 131 -5.29 28.01 49.64
CA ASP C 131 -4.91 27.37 48.36
C ASP C 131 -5.85 26.23 47.96
N LYS C 132 -5.93 25.98 46.65
CA LYS C 132 -6.83 24.98 46.09
C LYS C 132 -6.20 24.26 44.88
N SER C 133 -5.37 23.27 45.17
CA SER C 133 -4.35 22.79 44.23
C SER C 133 -4.86 21.93 43.07
N VAL C 134 -4.07 21.91 41.99
CA VAL C 134 -4.26 21.02 40.84
C VAL C 134 -3.13 19.98 40.73
N CYS C 135 -3.46 18.82 40.17
CA CYS C 135 -2.48 17.81 39.78
C CYS C 135 -2.31 17.80 38.27
N LEU C 136 -1.11 17.47 37.81
CA LEU C 136 -0.78 17.47 36.39
C LEU C 136 -0.11 16.16 35.96
N PHE C 137 -0.85 15.35 35.21
CA PHE C 137 -0.29 14.17 34.56
C PHE C 137 0.31 14.57 33.22
N THR C 138 1.60 14.34 33.05
CA THR C 138 2.29 14.82 31.86
C THR C 138 3.46 13.94 31.41
N ASP C 139 3.92 14.19 30.17
CA ASP C 139 5.07 13.51 29.55
C ASP C 139 4.88 11.99 29.38
N PHE C 140 3.62 11.57 29.23
CA PHE C 140 3.28 10.18 28.95
C PHE C 140 3.10 9.95 27.46
N ASP C 141 3.39 8.74 27.01
CA ASP C 141 3.31 8.39 25.59
C ASP C 141 1.87 8.37 25.10
N SER C 142 1.69 8.52 23.78
CA SER C 142 0.38 8.70 23.16
C SER C 142 -0.52 7.48 23.24
N GLN C 143 -0.06 6.43 23.91
CA GLN C 143 -0.84 5.19 24.03
C GLN C 143 -1.57 5.09 25.36
N THR C 144 -1.52 6.17 26.15
CA THR C 144 -2.10 6.18 27.49
C THR C 144 -3.44 6.91 27.53
N ASN C 145 -4.50 6.19 27.87
CA ASN C 145 -5.83 6.75 28.02
C ASN C 145 -6.08 7.29 29.43
N VAL C 146 -6.69 8.48 29.48
CA VAL C 146 -7.07 9.11 30.74
C VAL C 146 -8.57 8.91 30.98
N SER C 147 -8.92 8.28 32.09
CA SER C 147 -10.32 7.97 32.41
C SER C 147 -10.93 8.97 33.41
N GLN C 148 -12.25 8.95 33.54
CA GLN C 148 -12.95 9.89 34.41
C GLN C 148 -12.77 9.59 35.90
N SER C 149 -13.22 10.53 36.74
CA SER C 149 -12.91 10.54 38.17
C SER C 149 -13.62 9.46 38.97
N LYS C 150 -12.96 8.96 40.01
CA LYS C 150 -13.54 7.99 40.92
C LYS C 150 -14.61 8.64 41.81
N ASP C 151 -14.20 9.61 42.63
CA ASP C 151 -15.14 10.48 43.34
C ASP C 151 -15.66 11.58 42.42
N SER C 152 -16.98 11.72 42.37
CA SER C 152 -17.64 12.55 41.36
C SER C 152 -17.41 14.05 41.54
N ASP C 153 -16.90 14.44 42.70
CA ASP C 153 -16.55 15.84 42.97
C ASP C 153 -15.06 16.12 42.77
N VAL C 154 -14.42 15.28 41.95
CA VAL C 154 -13.09 15.53 41.39
C VAL C 154 -13.24 15.70 39.88
N TYR C 155 -12.41 16.55 39.28
CA TYR C 155 -12.53 16.84 37.84
C TYR C 155 -11.24 16.55 37.08
N ILE C 156 -11.37 15.78 36.00
CA ILE C 156 -10.23 15.33 35.20
C ILE C 156 -10.49 15.61 33.72
N THR C 157 -9.63 16.43 33.11
CA THR C 157 -9.73 16.73 31.68
C THR C 157 -9.16 15.59 30.82
N ASP C 158 -9.44 15.65 29.52
CA ASP C 158 -8.87 14.71 28.56
C ASP C 158 -7.42 15.08 28.28
N LYS C 159 -6.68 14.15 27.67
CA LYS C 159 -5.29 14.41 27.25
C LYS C 159 -5.22 15.36 26.05
N THR C 160 -4.23 16.25 26.07
CA THR C 160 -4.02 17.19 24.96
C THR C 160 -2.53 17.34 24.63
N VAL C 161 -2.26 17.76 23.39
CA VAL C 161 -0.90 17.96 22.91
C VAL C 161 -0.46 19.43 23.03
N LEU C 162 0.76 19.62 23.54
CA LEU C 162 1.46 20.92 23.53
C LEU C 162 2.59 20.88 22.51
N ASP C 163 2.68 21.91 21.67
CA ASP C 163 3.82 22.04 20.76
C ASP C 163 4.73 23.17 21.20
N MET C 164 5.94 22.81 21.63
CA MET C 164 7.00 23.78 21.89
C MET C 164 7.83 23.95 20.62
N ARG C 165 7.47 24.93 19.81
CA ARG C 165 8.08 25.15 18.50
C ARG C 165 9.56 25.54 18.61
N SER C 166 9.87 26.32 19.64
CA SER C 166 11.22 26.81 19.91
C SER C 166 12.23 25.69 20.21
N MET C 167 11.73 24.56 20.69
CA MET C 167 12.58 23.41 21.04
C MET C 167 12.31 22.20 20.16
N ASP C 168 11.32 22.32 19.26
CA ASP C 168 10.78 21.19 18.50
C ASP C 168 10.44 20.00 19.42
N PHE C 169 9.49 20.22 20.33
CA PHE C 169 9.15 19.24 21.34
C PHE C 169 7.65 19.20 21.60
N LYS C 170 7.08 18.01 21.57
CA LYS C 170 5.67 17.80 21.85
C LYS C 170 5.48 16.99 23.13
N SER C 171 4.42 17.30 23.87
CA SER C 171 4.10 16.58 25.11
C SER C 171 2.59 16.42 25.30
N ASN C 172 2.20 15.25 25.79
CA ASN C 172 0.85 15.00 26.28
C ASN C 172 0.66 15.52 27.71
N SER C 173 -0.57 15.92 28.04
CA SER C 173 -0.91 16.37 29.39
C SER C 173 -2.40 16.22 29.71
N ALA C 174 -2.69 15.90 30.98
CA ALA C 174 -4.04 16.00 31.51
C ALA C 174 -4.02 16.56 32.93
N VAL C 175 -5.09 17.26 33.30
CA VAL C 175 -5.16 17.97 34.57
C VAL C 175 -6.22 17.31 35.45
N ALA C 176 -5.88 17.12 36.72
CA ALA C 176 -6.87 16.73 37.73
C ALA C 176 -6.89 17.73 38.87
N TRP C 177 -8.09 18.19 39.24
CA TRP C 177 -8.22 19.17 40.31
C TRP C 177 -9.43 18.91 41.19
N SER C 178 -9.33 19.35 42.45
CA SER C 178 -10.48 19.42 43.36
C SER C 178 -10.28 20.48 44.44
N ASN C 179 -11.39 21.05 44.92
CA ASN C 179 -11.36 21.94 46.07
C ASN C 179 -11.60 21.21 47.40
N LYS C 180 -11.69 19.88 47.35
CA LYS C 180 -11.66 19.04 48.53
C LYS C 180 -10.36 19.23 49.31
N SER C 181 -10.47 19.24 50.63
CA SER C 181 -9.36 19.53 51.53
C SER C 181 -8.34 18.39 51.55
N ASP C 182 -8.81 17.17 51.37
CA ASP C 182 -7.99 15.96 51.52
C ASP C 182 -7.43 15.43 50.20
N PHE C 183 -7.69 16.17 49.12
CA PHE C 183 -7.38 15.71 47.76
C PHE C 183 -5.87 15.67 47.50
N ALA C 184 -5.37 14.46 47.25
CA ALA C 184 -3.93 14.21 47.13
C ALA C 184 -3.54 13.86 45.70
N CYS C 185 -2.40 14.36 45.26
CA CYS C 185 -1.90 14.08 43.92
C CYS C 185 -1.42 12.63 43.78
N ALA C 186 -0.99 12.03 44.90
CA ALA C 186 -0.46 10.66 44.92
C ALA C 186 -1.41 9.65 44.27
N ASN C 187 -2.68 9.66 44.67
CA ASN C 187 -3.70 8.85 43.99
C ASN C 187 -4.84 9.70 43.43
N ALA C 188 -4.44 10.75 42.73
CA ALA C 188 -5.39 11.65 42.07
C ALA C 188 -6.08 11.00 40.87
N PHE C 189 -5.36 10.12 40.17
CA PHE C 189 -5.85 9.57 38.91
C PHE C 189 -6.49 8.18 39.04
N ASN C 190 -5.77 7.22 39.62
CA ASN C 190 -6.33 5.92 39.98
C ASN C 190 -7.04 5.17 38.84
N ASN C 191 -6.60 5.42 37.60
CA ASN C 191 -7.29 4.94 36.40
C ASN C 191 -6.31 4.62 35.25
N SER C 192 -5.61 3.50 35.39
CA SER C 192 -4.75 2.92 34.34
C SER C 192 -3.69 3.87 33.75
N ILE C 193 -2.61 4.06 34.50
CA ILE C 193 -1.46 4.83 34.04
C ILE C 193 -0.22 3.94 33.95
N ILE C 194 0.80 4.42 33.25
CA ILE C 194 2.07 3.73 33.16
C ILE C 194 2.78 3.76 34.54
N PRO C 195 3.18 2.57 35.07
CA PRO C 195 3.67 2.50 36.44
C PRO C 195 5.15 2.87 36.62
N GLU C 196 5.47 4.15 36.40
CA GLU C 196 6.85 4.63 36.42
C GLU C 196 7.01 6.02 37.05
N ASP C 197 5.91 6.76 37.14
CA ASP C 197 5.90 8.23 37.27
C ASP C 197 6.63 8.76 38.51
N THR C 198 7.26 9.92 38.37
CA THR C 198 7.83 10.62 39.52
C THR C 198 6.72 11.31 40.30
N PHE C 199 6.88 11.35 41.62
CA PHE C 199 5.94 12.04 42.50
C PHE C 199 6.65 13.07 43.40
N PHE C 200 6.63 12.85 44.72
CA PHE C 200 7.12 13.85 45.67
C PHE C 200 7.76 13.22 46.92
N MET D 1 -40.68 30.57 -12.59
CA MET D 1 -39.96 30.38 -11.31
C MET D 1 -40.64 29.32 -10.44
N ASP D 2 -40.00 28.16 -10.34
CA ASP D 2 -40.30 27.21 -9.28
C ASP D 2 -39.05 26.74 -8.52
N PHE D 3 -38.77 25.44 -8.58
CA PHE D 3 -37.66 24.87 -7.82
C PHE D 3 -36.39 24.77 -8.65
N ALA D 4 -36.32 23.74 -9.50
CA ALA D 4 -35.11 23.46 -10.28
C ALA D 4 -34.66 24.70 -11.04
N ARG D 5 -33.35 24.97 -11.02
CA ARG D 5 -32.80 26.18 -11.60
C ARG D 5 -32.05 25.89 -12.90
N VAL D 6 -32.35 26.67 -13.93
CA VAL D 6 -31.48 26.75 -15.09
C VAL D 6 -30.20 27.47 -14.68
N HIS D 7 -29.07 26.78 -14.86
CA HIS D 7 -27.76 27.39 -14.68
C HIS D 7 -27.38 28.26 -15.86
N PHE D 8 -26.52 29.23 -15.61
CA PHE D 8 -25.86 29.96 -16.68
C PHE D 8 -24.35 29.89 -16.55
N ILE D 9 -23.65 29.97 -17.68
CA ILE D 9 -22.21 30.09 -17.67
C ILE D 9 -21.81 31.53 -17.31
N SER D 10 -20.99 31.65 -16.28
CA SER D 10 -20.45 32.92 -15.81
C SER D 10 -19.57 33.54 -16.90
N ALA D 11 -19.83 34.80 -17.23
CA ALA D 11 -19.03 35.50 -18.24
C ALA D 11 -17.60 35.76 -17.75
N LEU D 12 -16.64 35.41 -18.59
CA LEU D 12 -15.23 35.55 -18.28
C LEU D 12 -14.82 36.98 -18.55
N HIS D 13 -13.82 37.46 -17.82
CA HIS D 13 -13.21 38.73 -18.17
C HIS D 13 -12.17 38.52 -19.23
N GLY D 14 -12.26 39.33 -20.29
CA GLY D 14 -11.36 39.24 -21.42
C GLY D 14 -9.97 39.65 -21.00
N SER D 15 -8.97 39.25 -21.81
CA SER D 15 -7.68 39.91 -21.82
C SER D 15 -7.92 41.39 -22.13
N GLY D 16 -7.28 42.26 -21.34
CA GLY D 16 -7.71 43.65 -21.23
C GLY D 16 -8.24 43.97 -19.84
N GLY D 17 -8.91 42.99 -19.24
CA GLY D 17 -8.93 42.82 -17.79
C GLY D 17 -10.03 43.56 -17.05
N GLY D 18 -10.19 43.26 -15.77
CA GLY D 18 -9.41 42.24 -15.08
C GLY D 18 -9.84 42.06 -13.64
N SER D 19 -10.59 41.01 -13.38
CA SER D 19 -11.37 40.85 -12.13
C SER D 19 -12.49 41.87 -12.02
N GLY D 20 -12.19 43.11 -12.41
CA GLY D 20 -13.20 44.15 -12.60
C GLY D 20 -14.03 44.43 -11.36
N GLY D 21 -15.22 43.83 -11.32
CA GLY D 21 -16.23 44.14 -10.31
C GLY D 21 -15.86 43.57 -8.94
N GLY D 22 -16.19 42.30 -8.73
CA GLY D 22 -15.96 41.63 -7.46
C GLY D 22 -14.62 40.90 -7.46
N GLY D 23 -14.69 39.57 -7.48
CA GLY D 23 -13.50 38.74 -7.32
C GLY D 23 -13.19 38.46 -5.86
N GLY D 24 -14.15 37.85 -5.17
CA GLY D 24 -13.97 37.48 -3.77
C GLY D 24 -15.28 37.50 -2.98
N ALA D 25 -15.20 37.02 -1.73
CA ALA D 25 -16.39 36.73 -0.94
C ALA D 25 -16.07 36.39 0.52
N VAL D 26 -16.56 37.22 1.42
CA VAL D 26 -16.68 36.89 2.85
C VAL D 26 -18.11 37.12 3.31
N VAL D 27 -18.62 36.23 4.16
CA VAL D 27 -19.89 36.46 4.83
C VAL D 27 -19.71 36.60 6.33
N SER D 28 -20.51 37.46 6.92
CA SER D 28 -20.44 37.77 8.35
C SER D 28 -21.74 37.37 9.06
N GLN D 29 -21.60 36.73 10.21
CA GLN D 29 -22.74 36.25 10.97
C GLN D 29 -22.72 36.88 12.36
N HIS D 30 -23.81 37.58 12.69
CA HIS D 30 -23.90 38.32 13.95
C HIS D 30 -25.30 38.22 14.56
N PRO D 31 -25.39 37.88 15.86
CA PRO D 31 -24.28 37.79 16.80
C PRO D 31 -23.58 36.44 16.80
N SER D 32 -22.37 36.41 17.36
CA SER D 32 -21.55 35.21 17.40
C SER D 32 -22.00 34.27 18.52
N TRP D 33 -22.33 34.84 19.67
CA TRP D 33 -22.85 34.07 20.80
C TRP D 33 -24.16 34.67 21.30
N VAL D 34 -25.06 33.80 21.77
CA VAL D 34 -26.36 34.23 22.31
C VAL D 34 -26.69 33.48 23.61
N ILE D 35 -27.26 34.23 24.56
CA ILE D 35 -27.94 33.65 25.72
C ILE D 35 -29.32 34.30 25.85
N SER D 36 -30.37 33.52 25.68
CA SER D 36 -31.71 34.08 25.84
C SER D 36 -32.53 33.22 26.79
N LYS D 37 -33.50 33.84 27.45
CA LYS D 37 -34.46 33.12 28.28
C LYS D 37 -35.45 32.40 27.38
N SER D 38 -35.79 31.17 27.76
CA SER D 38 -36.74 30.38 27.02
C SER D 38 -38.11 31.06 26.96
N GLY D 39 -38.59 31.30 25.74
CA GLY D 39 -39.80 32.09 25.53
C GLY D 39 -39.59 33.39 24.77
N THR D 40 -38.32 33.83 24.68
CA THR D 40 -37.98 35.05 23.97
C THR D 40 -37.49 34.72 22.56
N SER D 41 -37.67 35.66 21.64
CA SER D 41 -37.17 35.50 20.27
C SER D 41 -35.66 35.74 20.17
N VAL D 42 -35.04 35.02 19.25
CA VAL D 42 -33.60 35.17 18.97
C VAL D 42 -33.42 35.50 17.48
N LYS D 43 -32.63 36.54 17.20
CA LYS D 43 -32.48 37.06 15.85
C LYS D 43 -31.01 36.99 15.38
N ILE D 44 -30.79 36.30 14.25
CA ILE D 44 -29.45 36.15 13.66
C ILE D 44 -29.36 36.76 12.25
N GLU D 45 -28.34 37.59 12.03
CA GLU D 45 -28.13 38.25 10.74
C GLU D 45 -27.00 37.61 9.93
N CYS D 46 -27.25 37.41 8.64
CA CYS D 46 -26.29 36.85 7.70
C CYS D 46 -26.03 37.86 6.58
N ARG D 47 -24.81 38.41 6.54
CA ARG D 47 -24.48 39.45 5.57
C ARG D 47 -23.38 39.00 4.62
N SER D 48 -23.58 39.26 3.33
CA SER D 48 -22.50 39.17 2.36
C SER D 48 -21.87 40.55 2.18
N LEU D 49 -20.54 40.61 2.27
CA LEU D 49 -19.85 41.90 2.34
C LEU D 49 -19.18 42.29 1.03
N ASP D 50 -18.50 41.33 0.40
CA ASP D 50 -17.73 41.55 -0.82
C ASP D 50 -18.54 41.34 -2.11
N PHE D 51 -19.65 40.62 -1.96
CA PHE D 51 -20.39 40.07 -3.09
C PHE D 51 -21.88 40.18 -2.85
N GLN D 52 -22.66 39.75 -3.84
CA GLN D 52 -24.11 39.82 -3.74
C GLN D 52 -24.75 38.44 -3.81
N ALA D 53 -25.68 38.19 -2.89
CA ALA D 53 -26.39 36.92 -2.86
C ALA D 53 -27.86 37.13 -3.13
N THR D 54 -28.37 36.38 -4.11
CA THR D 54 -29.80 36.25 -4.33
C THR D 54 -30.44 35.26 -3.36
N THR D 55 -29.61 34.45 -2.70
CA THR D 55 -30.07 33.25 -2.01
C THR D 55 -29.11 32.84 -0.90
N MET D 56 -29.64 32.63 0.31
CA MET D 56 -28.83 32.22 1.46
C MET D 56 -29.37 30.98 2.15
N PHE D 57 -28.53 30.33 2.95
CA PHE D 57 -28.81 29.00 3.50
C PHE D 57 -28.53 28.93 4.99
N TRP D 58 -29.48 28.41 5.76
CA TRP D 58 -29.33 28.26 7.21
C TRP D 58 -29.16 26.80 7.63
N TYR D 59 -28.04 26.53 8.31
CA TYR D 59 -27.74 25.18 8.78
C TYR D 59 -27.76 25.12 10.30
N ARG D 60 -28.27 24.03 10.84
CA ARG D 60 -28.23 23.78 12.27
C ARG D 60 -27.39 22.54 12.55
N GLN D 61 -26.67 22.54 13.67
CA GLN D 61 -25.82 21.43 14.08
C GLN D 61 -25.84 21.25 15.59
N PHE D 62 -26.06 20.01 16.03
CA PHE D 62 -26.00 19.68 17.45
C PHE D 62 -24.68 19.01 17.82
N PRO D 63 -24.24 19.14 19.10
CA PRO D 63 -22.91 18.77 19.56
C PRO D 63 -22.22 17.66 18.75
N LYS D 64 -22.79 16.46 18.74
CA LYS D 64 -22.14 15.33 18.09
C LYS D 64 -22.41 15.26 16.58
N GLN D 65 -23.64 15.55 16.16
CA GLN D 65 -24.12 15.18 14.83
C GLN D 65 -23.67 16.13 13.72
N SER D 66 -24.16 15.91 12.51
CA SER D 66 -23.74 16.68 11.34
C SER D 66 -24.63 17.89 11.07
N LEU D 67 -24.29 18.66 10.04
CA LEU D 67 -25.02 19.88 9.70
C LEU D 67 -26.31 19.59 8.93
N MET D 68 -27.45 19.92 9.55
CA MET D 68 -28.74 19.84 8.87
C MET D 68 -29.05 21.17 8.20
N LEU D 69 -29.24 21.14 6.89
CA LEU D 69 -29.86 22.26 6.20
C LEU D 69 -31.31 22.37 6.64
N MET D 70 -31.75 23.61 6.84
CA MET D 70 -33.06 23.87 7.45
C MET D 70 -33.94 24.68 6.54
N ALA D 71 -33.41 25.79 6.05
CA ALA D 71 -34.13 26.61 5.10
C ALA D 71 -33.24 27.20 4.03
N THR D 72 -33.84 27.51 2.90
CA THR D 72 -33.25 28.37 1.89
C THR D 72 -33.97 29.72 1.94
N SER D 73 -33.23 30.81 2.04
CA SER D 73 -33.84 32.13 1.90
C SER D 73 -33.66 32.70 0.50
N ASN D 74 -34.71 33.31 -0.03
CA ASN D 74 -34.67 33.91 -1.37
C ASN D 74 -35.19 35.33 -1.34
N GLU D 75 -34.46 36.25 -1.98
CA GLU D 75 -34.94 37.61 -2.20
C GLU D 75 -36.28 37.61 -2.95
N GLY D 76 -37.35 37.82 -2.19
CA GLY D 76 -38.71 37.87 -2.73
C GLY D 76 -39.24 36.55 -3.27
N SER D 77 -39.86 35.72 -2.42
CA SER D 77 -39.95 35.95 -0.98
C SER D 77 -39.72 34.65 -0.20
N LYS D 78 -40.40 33.59 -0.64
CA LYS D 78 -40.73 32.43 0.19
C LYS D 78 -39.51 31.70 0.75
N ALA D 79 -39.69 30.98 1.84
CA ALA D 79 -38.57 30.46 2.62
C ALA D 79 -38.28 28.96 2.42
N THR D 80 -39.18 28.26 1.71
CA THR D 80 -39.02 26.82 1.41
C THR D 80 -39.07 25.90 2.65
N TYR D 81 -37.95 25.83 3.37
CA TYR D 81 -37.72 24.89 4.49
C TYR D 81 -37.54 23.45 4.03
N GLU D 82 -36.38 22.90 4.35
CA GLU D 82 -36.06 21.51 4.08
C GLU D 82 -36.98 20.58 4.88
N GLN D 83 -37.17 19.37 4.35
CA GLN D 83 -37.94 18.35 5.06
C GLN D 83 -37.04 17.61 6.05
N GLY D 84 -37.36 17.67 7.34
CA GLY D 84 -38.32 18.61 7.92
C GLY D 84 -38.53 18.25 9.37
N VAL D 85 -38.74 19.22 10.28
CA VAL D 85 -38.17 20.60 10.34
C VAL D 85 -39.32 21.61 10.50
N GLU D 86 -39.29 22.32 11.63
CA GLU D 86 -40.51 22.79 12.30
C GLU D 86 -41.15 24.02 11.64
N LYS D 87 -40.71 24.33 10.43
CA LYS D 87 -41.45 25.14 9.45
C LYS D 87 -41.58 26.62 9.83
N ASP D 88 -42.42 26.91 10.83
CA ASP D 88 -42.46 28.25 11.40
C ASP D 88 -42.48 28.21 12.93
N LYS D 89 -41.40 27.63 13.45
CA LYS D 89 -40.83 27.97 14.74
C LYS D 89 -39.72 28.99 14.53
N PHE D 90 -39.37 29.22 13.27
CA PHE D 90 -38.59 30.40 12.88
C PHE D 90 -39.15 31.13 11.66
N LEU D 91 -38.78 32.41 11.54
CA LEU D 91 -39.07 33.23 10.36
C LEU D 91 -37.78 33.60 9.64
N ILE D 92 -37.79 33.50 8.31
CA ILE D 92 -36.66 33.98 7.52
C ILE D 92 -37.06 35.20 6.71
N ASN D 93 -36.27 36.26 6.84
CA ASN D 93 -36.47 37.46 6.05
C ASN D 93 -35.25 37.75 5.16
N HIS D 94 -35.45 37.68 3.86
CA HIS D 94 -34.42 38.00 2.88
C HIS D 94 -34.97 39.04 1.92
N ALA D 95 -34.63 40.31 2.16
CA ALA D 95 -35.10 41.39 1.29
C ALA D 95 -34.03 42.47 1.10
N SER D 96 -32.83 42.04 0.75
CA SER D 96 -31.66 42.91 0.86
C SER D 96 -30.66 42.69 -0.26
N LEU D 97 -30.58 41.45 -0.73
CA LEU D 97 -29.56 41.03 -1.70
C LEU D 97 -28.16 41.03 -1.08
N THR D 98 -28.10 41.27 0.23
CA THR D 98 -26.85 41.34 1.00
C THR D 98 -27.05 40.86 2.44
N LEU D 99 -28.31 40.71 2.84
CA LEU D 99 -28.68 40.45 4.23
C LEU D 99 -29.90 39.53 4.31
N SER D 100 -29.71 38.39 4.96
CA SER D 100 -30.80 37.48 5.30
C SER D 100 -30.83 37.29 6.80
N THR D 101 -32.05 37.36 7.36
CA THR D 101 -32.26 37.28 8.80
C THR D 101 -33.04 36.02 9.20
N LEU D 102 -32.44 35.20 10.05
CA LEU D 102 -33.14 34.10 10.70
C LEU D 102 -33.54 34.55 12.09
N THR D 103 -34.85 34.60 12.33
CA THR D 103 -35.37 34.85 13.67
C THR D 103 -36.13 33.63 14.18
N VAL D 104 -35.61 33.02 15.24
CA VAL D 104 -36.30 31.92 15.93
C VAL D 104 -37.38 32.46 16.86
N THR D 105 -38.63 32.08 16.60
CA THR D 105 -39.77 32.81 17.18
C THR D 105 -39.86 32.64 18.70
N SER D 106 -39.90 31.40 19.18
CA SER D 106 -40.22 31.14 20.58
C SER D 106 -38.98 30.79 21.41
N ALA D 107 -38.25 29.78 20.96
CA ALA D 107 -36.95 29.40 21.53
C ALA D 107 -37.04 28.72 22.90
N HIS D 108 -36.71 27.43 22.92
CA HIS D 108 -36.70 26.63 24.14
C HIS D 108 -35.34 25.94 24.27
N PRO D 109 -35.00 25.40 25.48
CA PRO D 109 -33.73 24.71 25.70
C PRO D 109 -33.30 23.72 24.60
N GLU D 110 -34.27 23.03 24.01
CA GLU D 110 -34.01 22.08 22.93
C GLU D 110 -33.47 22.72 21.65
N ASP D 111 -33.48 24.06 21.59
CA ASP D 111 -32.99 24.80 20.43
C ASP D 111 -31.55 25.26 20.57
N SER D 112 -30.99 25.10 21.76
CA SER D 112 -29.56 25.37 22.01
C SER D 112 -28.69 24.56 21.06
N SER D 113 -28.03 25.27 20.14
CA SER D 113 -27.38 24.63 19.00
C SER D 113 -26.26 25.48 18.42
N PHE D 114 -25.57 24.94 17.42
CA PHE D 114 -24.74 25.75 16.56
C PHE D 114 -25.46 26.02 15.25
N TYR D 115 -25.59 27.29 14.91
CA TYR D 115 -26.22 27.73 13.68
C TYR D 115 -25.17 28.36 12.79
N ILE D 116 -25.29 28.16 11.48
CA ILE D 116 -24.30 28.70 10.56
C ILE D 116 -24.95 28.94 9.21
N CYS D 117 -24.67 30.11 8.64
CA CYS D 117 -25.27 30.54 7.37
C CYS D 117 -24.26 30.52 6.23
N SER D 118 -24.77 30.28 5.02
CA SER D 118 -23.95 30.39 3.81
C SER D 118 -24.68 31.13 2.70
N ALA D 119 -23.90 31.73 1.81
CA ALA D 119 -24.45 32.54 0.72
C ALA D 119 -23.85 32.15 -0.63
N ARG D 120 -24.71 32.00 -1.63
CA ARG D 120 -24.28 31.76 -3.00
C ARG D 120 -23.99 33.08 -3.69
N ASP D 121 -22.78 33.22 -4.22
CA ASP D 121 -22.48 34.32 -5.13
C ASP D 121 -23.27 34.16 -6.42
N LEU D 122 -24.05 35.18 -6.76
CA LEU D 122 -24.97 35.09 -7.89
C LEU D 122 -24.26 35.24 -9.24
N THR D 123 -22.99 35.62 -9.18
CA THR D 123 -22.16 35.74 -10.37
C THR D 123 -21.63 34.38 -10.84
N SER D 124 -21.60 33.41 -9.92
CA SER D 124 -21.00 32.11 -10.14
C SER D 124 -21.65 31.32 -11.27
N GLY D 125 -22.98 31.31 -11.30
CA GLY D 125 -23.72 30.42 -12.18
C GLY D 125 -23.23 28.99 -12.03
N ALA D 126 -22.99 28.35 -13.17
CA ALA D 126 -22.86 26.89 -13.25
C ALA D 126 -21.95 26.27 -12.19
N ASN D 127 -20.82 26.93 -11.89
CA ASN D 127 -19.97 26.51 -10.77
C ASN D 127 -20.45 27.15 -9.48
N ASN D 128 -21.24 26.38 -8.74
CA ASN D 128 -22.18 26.94 -7.77
C ASN D 128 -21.48 27.32 -6.46
N GLU D 129 -21.03 28.57 -6.38
CA GLU D 129 -20.04 28.99 -5.39
C GLU D 129 -20.70 29.63 -4.20
N GLN D 130 -20.46 29.05 -3.03
CA GLN D 130 -21.06 29.55 -1.79
C GLN D 130 -20.02 29.67 -0.68
N PHE D 131 -20.34 30.50 0.32
CA PHE D 131 -19.38 30.84 1.37
C PHE D 131 -20.08 30.90 2.74
N PHE D 132 -19.39 30.40 3.76
CA PHE D 132 -20.00 30.23 5.08
C PHE D 132 -19.57 31.33 6.04
N GLY D 133 -20.47 31.69 6.97
CA GLY D 133 -20.14 32.61 8.05
C GLY D 133 -19.43 31.90 9.19
N PRO D 134 -18.85 32.68 10.13
CA PRO D 134 -18.16 32.09 11.29
C PRO D 134 -19.09 31.22 12.13
N GLY D 135 -20.36 31.61 12.19
CA GLY D 135 -21.36 30.85 12.94
C GLY D 135 -21.96 31.61 14.11
N THR D 136 -23.01 31.03 14.67
CA THR D 136 -23.64 31.51 15.89
C THR D 136 -23.81 30.35 16.86
N ARG D 137 -23.40 30.57 18.10
CA ARG D 137 -23.40 29.55 19.12
C ARG D 137 -24.45 29.92 20.18
N LEU D 138 -25.71 29.53 19.93
CA LEU D 138 -26.82 29.88 20.82
C LEU D 138 -27.04 28.83 21.93
N THR D 139 -27.20 29.32 23.15
CA THR D 139 -27.78 28.50 24.23
C THR D 139 -28.91 29.23 24.99
N VAL D 140 -30.06 28.56 25.10
CA VAL D 140 -31.24 29.08 25.79
C VAL D 140 -31.42 28.41 27.16
N THR D 141 -31.69 29.22 28.17
CA THR D 141 -31.87 28.71 29.53
C THR D 141 -33.22 29.15 30.10
N GLU D 142 -33.73 28.37 31.06
CA GLU D 142 -35.04 28.62 31.66
C GLU D 142 -35.08 29.88 32.52
N ASP D 143 -33.93 30.22 33.13
CA ASP D 143 -33.76 31.50 33.82
C ASP D 143 -32.38 32.11 33.62
N LEU D 144 -32.35 33.41 33.33
CA LEU D 144 -31.10 34.19 33.21
C LEU D 144 -30.36 34.28 34.54
N LYS D 145 -31.05 33.91 35.61
CA LYS D 145 -30.46 33.69 36.92
C LYS D 145 -29.26 32.74 36.88
N ASN D 146 -29.28 31.78 35.96
CA ASN D 146 -28.30 30.70 35.90
C ASN D 146 -26.95 31.10 35.29
N VAL D 147 -26.85 32.33 34.81
CA VAL D 147 -25.68 32.80 34.06
C VAL D 147 -24.58 33.23 35.03
N PHE D 148 -23.41 32.60 34.91
CA PHE D 148 -22.27 32.89 35.77
C PHE D 148 -21.01 33.16 34.94
N PRO D 149 -20.26 34.22 35.29
CA PRO D 149 -18.96 34.45 34.69
C PRO D 149 -17.89 33.54 35.30
N PRO D 150 -16.81 33.26 34.55
CA PRO D 150 -15.77 32.35 35.01
C PRO D 150 -14.92 32.96 36.11
N GLU D 151 -14.61 32.17 37.12
CA GLU D 151 -13.54 32.47 38.06
C GLU D 151 -12.27 31.84 37.52
N VAL D 152 -11.19 32.61 37.47
CA VAL D 152 -9.98 32.18 36.76
C VAL D 152 -8.72 32.32 37.62
N ALA D 153 -7.98 31.21 37.76
CA ALA D 153 -6.77 31.17 38.57
C ALA D 153 -5.63 30.58 37.74
N VAL D 154 -4.41 31.02 38.02
CA VAL D 154 -3.23 30.45 37.34
C VAL D 154 -2.25 29.82 38.34
N PHE D 155 -1.79 28.62 38.02
CA PHE D 155 -1.03 27.79 38.94
C PHE D 155 0.44 27.67 38.52
N GLU D 156 1.34 28.07 39.42
CA GLU D 156 2.77 28.11 39.14
C GLU D 156 3.37 26.70 39.08
N PRO D 157 4.28 26.45 38.11
CA PRO D 157 4.81 25.09 37.85
C PRO D 157 5.53 24.47 39.04
N SER D 158 5.49 23.13 39.10
CA SER D 158 6.11 22.37 40.18
C SER D 158 7.63 22.49 40.19
N GLU D 159 8.21 22.49 41.38
CA GLU D 159 9.67 22.50 41.53
C GLU D 159 10.26 21.13 41.17
N ALA D 160 9.44 20.09 41.29
CA ALA D 160 9.80 18.75 40.84
C ALA D 160 9.95 18.69 39.32
N GLU D 161 9.06 19.37 38.61
CA GLU D 161 9.10 19.47 37.15
C GLU D 161 10.43 20.02 36.64
N ILE D 162 10.81 21.19 37.13
CA ILE D 162 12.02 21.88 36.69
C ILE D 162 13.30 21.07 37.02
N SER D 163 13.28 20.38 38.17
CA SER D 163 14.40 19.55 38.59
C SER D 163 14.65 18.40 37.63
N HIS D 164 13.57 17.88 37.06
CA HIS D 164 13.56 16.52 36.54
C HIS D 164 13.27 16.49 35.04
N THR D 165 12.60 17.54 34.54
CA THR D 165 12.34 17.68 33.10
C THR D 165 13.05 18.87 32.47
N GLN D 166 13.59 19.75 33.31
CA GLN D 166 14.14 21.04 32.88
C GLN D 166 13.13 21.84 32.04
N LYS D 167 11.88 21.85 32.50
CA LYS D 167 10.77 22.51 31.82
C LYS D 167 9.73 22.97 32.83
N ALA D 168 8.94 23.97 32.45
CA ALA D 168 7.96 24.57 33.36
C ALA D 168 6.56 24.65 32.72
N THR D 169 5.60 23.96 33.33
CA THR D 169 4.22 23.98 32.87
C THR D 169 3.35 24.78 33.82
N LEU D 170 2.92 25.95 33.37
CA LEU D 170 1.83 26.68 34.02
C LEU D 170 0.49 26.08 33.59
N VAL D 171 -0.44 25.97 34.53
CA VAL D 171 -1.83 25.61 34.19
C VAL D 171 -2.82 26.66 34.64
N CYS D 172 -3.71 27.05 33.73
CA CYS D 172 -4.78 27.98 34.02
C CYS D 172 -6.12 27.27 34.17
N LEU D 173 -6.99 27.83 34.99
CA LEU D 173 -8.22 27.16 35.39
C LEU D 173 -9.37 28.15 35.43
N ALA D 174 -10.22 28.10 34.40
CA ALA D 174 -11.44 28.90 34.36
C ALA D 174 -12.61 28.06 34.87
N THR D 175 -13.26 28.56 35.93
CA THR D 175 -14.13 27.75 36.77
C THR D 175 -15.53 28.35 36.93
N GLY D 176 -16.54 27.49 36.77
CA GLY D 176 -17.88 27.77 37.24
C GLY D 176 -18.63 28.79 36.39
N PHE D 177 -18.57 28.60 35.07
CA PHE D 177 -19.23 29.51 34.16
C PHE D 177 -20.40 28.89 33.40
N TYR D 178 -21.45 29.69 33.24
CA TYR D 178 -22.55 29.36 32.36
C TYR D 178 -22.97 30.61 31.59
N PRO D 179 -23.15 30.50 30.26
CA PRO D 179 -23.08 29.27 29.47
C PRO D 179 -21.65 28.92 29.03
N ASP D 180 -21.56 28.09 27.99
CA ASP D 180 -20.30 27.56 27.50
C ASP D 180 -19.60 28.52 26.51
N HIS D 181 -19.56 29.80 26.85
CA HIS D 181 -19.17 30.84 25.89
C HIS D 181 -17.85 31.50 26.30
N VAL D 182 -16.73 30.80 26.09
CA VAL D 182 -15.42 31.30 26.49
C VAL D 182 -14.42 31.22 25.35
N GLU D 183 -13.37 32.04 25.42
CA GLU D 183 -12.13 31.78 24.68
C GLU D 183 -10.91 32.18 25.49
N LEU D 184 -10.08 31.17 25.79
CA LEU D 184 -8.92 31.32 26.64
C LEU D 184 -7.68 31.66 25.82
N SER D 185 -6.90 32.64 26.29
CA SER D 185 -5.65 33.00 25.64
C SER D 185 -4.58 33.33 26.67
N TRP D 186 -3.38 32.77 26.46
CA TRP D 186 -2.21 33.08 27.27
C TRP D 186 -1.46 34.31 26.75
N TRP D 187 -0.97 35.13 27.67
CA TRP D 187 -0.24 36.36 27.34
C TRP D 187 1.07 36.44 28.10
N VAL D 188 2.19 36.50 27.37
CA VAL D 188 3.50 36.70 27.99
C VAL D 188 4.14 38.05 27.61
N ASN D 189 4.46 38.82 28.63
CA ASN D 189 5.03 40.17 28.48
C ASN D 189 4.27 41.09 27.50
N GLY D 190 2.95 41.12 27.63
CA GLY D 190 2.15 42.07 26.87
C GLY D 190 1.62 41.54 25.55
N LYS D 191 2.34 40.59 24.95
CA LYS D 191 1.90 39.94 23.73
C LYS D 191 1.36 38.54 24.00
N GLU D 192 0.33 38.14 23.25
CA GLU D 192 -0.21 36.79 23.37
C GLU D 192 0.63 35.77 22.62
N VAL D 193 0.73 34.57 23.18
CA VAL D 193 1.50 33.49 22.57
C VAL D 193 0.62 32.27 22.32
N HIS D 194 0.83 31.63 21.17
CA HIS D 194 0.24 30.33 20.89
C HIS D 194 1.33 29.25 20.96
N SER D 195 2.55 29.70 21.22
CA SER D 195 3.77 29.03 20.78
C SER D 195 4.28 28.00 21.80
N GLY D 196 3.38 27.53 22.67
CA GLY D 196 3.66 26.40 23.55
C GLY D 196 2.44 26.02 24.39
N VAL D 197 1.25 26.14 23.78
CA VAL D 197 0.00 26.18 24.52
C VAL D 197 -0.86 24.95 24.25
N SER D 198 -1.56 24.48 25.29
CA SER D 198 -2.63 23.49 25.12
C SER D 198 -3.86 23.83 25.97
N THR D 199 -4.93 24.24 25.29
CA THR D 199 -6.25 24.36 25.90
C THR D 199 -7.05 23.12 25.53
N ASP D 200 -7.63 22.45 26.52
CA ASP D 200 -8.43 21.27 26.23
C ASP D 200 -9.66 21.64 25.38
N PRO D 201 -9.98 20.81 24.36
CA PRO D 201 -10.84 21.21 23.24
C PRO D 201 -12.26 21.54 23.69
N GLN D 202 -12.76 20.77 24.65
CA GLN D 202 -14.05 21.07 25.26
C GLN D 202 -14.00 21.04 26.80
N PRO D 203 -14.74 21.95 27.46
CA PRO D 203 -14.81 21.99 28.92
C PRO D 203 -15.64 20.84 29.49
N LEU D 204 -15.80 20.81 30.81
CA LEU D 204 -16.60 19.76 31.44
C LEU D 204 -17.57 20.28 32.49
N LYS D 205 -18.78 19.73 32.48
CA LYS D 205 -19.83 20.11 33.43
C LYS D 205 -19.42 19.74 34.86
N GLU D 206 -19.56 20.69 35.77
CA GLU D 206 -19.20 20.42 37.17
C GLU D 206 -20.29 19.67 37.94
N GLN D 207 -21.52 19.75 37.43
CA GLN D 207 -22.58 18.87 37.90
C GLN D 207 -23.19 18.12 36.71
N PRO D 208 -22.53 17.03 36.27
CA PRO D 208 -22.84 16.36 35.00
C PRO D 208 -24.30 15.97 34.87
N ALA D 209 -24.89 15.52 35.98
CA ALA D 209 -26.30 15.16 36.03
C ALA D 209 -27.21 16.35 35.71
N LEU D 210 -26.85 17.52 36.21
CA LEU D 210 -27.73 18.69 36.16
C LEU D 210 -27.86 19.27 34.75
N ASN D 211 -29.11 19.41 34.32
CA ASN D 211 -29.48 19.81 32.96
C ASN D 211 -28.71 21.01 32.42
N ASP D 212 -28.47 22.00 33.28
CA ASP D 212 -27.72 23.20 32.90
C ASP D 212 -26.69 23.59 33.96
N SER D 213 -25.84 22.63 34.32
CA SER D 213 -24.77 22.89 35.28
C SER D 213 -23.76 23.87 34.71
N ARG D 214 -22.90 24.39 35.59
CA ARG D 214 -21.81 25.26 35.16
C ARG D 214 -20.66 24.45 34.57
N TYR D 215 -19.70 25.15 33.97
CA TYR D 215 -18.61 24.52 33.26
C TYR D 215 -17.26 24.87 33.86
N SER D 216 -16.27 24.03 33.64
CA SER D 216 -14.87 24.37 33.93
C SER D 216 -13.94 23.97 32.79
N LEU D 217 -12.96 24.84 32.52
CA LEU D 217 -12.04 24.71 31.38
C LEU D 217 -10.61 24.81 31.92
N SER D 218 -9.68 24.09 31.30
CA SER D 218 -8.26 24.26 31.63
C SER D 218 -7.38 24.56 30.42
N SER D 219 -6.19 25.10 30.70
CA SER D 219 -5.18 25.31 29.68
C SER D 219 -3.82 25.17 30.34
N ARG D 220 -2.83 24.70 29.56
CA ARG D 220 -1.43 24.73 29.99
C ARG D 220 -0.56 25.54 29.05
N LEU D 221 0.23 26.44 29.62
CA LEU D 221 1.36 27.05 28.92
C LEU D 221 2.66 26.41 29.43
N ARG D 222 3.38 25.77 28.52
CA ARG D 222 4.67 25.23 28.88
C ARG D 222 5.73 25.77 27.94
N VAL D 223 6.35 26.87 28.34
CA VAL D 223 7.66 27.22 27.82
C VAL D 223 8.68 27.45 28.95
N SER D 224 9.91 27.71 28.52
CA SER D 224 11.16 27.08 28.96
C SER D 224 11.41 26.46 30.32
N ALA D 225 12.66 26.57 30.76
CA ALA D 225 13.08 26.26 32.12
C ALA D 225 13.71 27.51 32.71
N THR D 226 14.82 27.95 32.12
CA THR D 226 15.46 29.23 32.44
C THR D 226 14.49 30.40 32.29
N PHE D 227 13.55 30.28 31.36
CA PHE D 227 12.61 31.35 31.02
C PHE D 227 11.65 31.68 32.18
N TRP D 228 11.12 30.64 32.81
CA TRP D 228 10.27 30.80 34.00
C TRP D 228 11.05 31.44 35.13
N GLN D 229 12.37 31.23 35.12
CA GLN D 229 13.21 31.49 36.27
C GLN D 229 13.89 32.86 36.25
N ASN D 230 13.30 33.81 35.52
CA ASN D 230 13.67 35.22 35.69
C ASN D 230 12.47 36.14 35.93
N PRO D 231 12.53 36.96 37.01
CA PRO D 231 11.37 37.65 37.55
C PRO D 231 10.89 38.80 36.67
N ARG D 232 11.58 39.04 35.56
CA ARG D 232 11.19 40.08 34.61
C ARG D 232 10.01 39.66 33.73
N ASN D 233 9.74 38.36 33.68
CA ASN D 233 8.69 37.80 32.82
C ASN D 233 7.31 37.80 33.46
N HIS D 234 6.31 38.23 32.69
CA HIS D 234 4.94 38.36 33.18
C HIS D 234 3.97 37.45 32.44
N PHE D 235 3.50 36.41 33.13
CA PHE D 235 2.57 35.42 32.58
C PHE D 235 1.13 35.76 32.94
N ARG D 236 0.23 35.66 31.98
CA ARG D 236 -1.16 36.07 32.17
C ARG D 236 -2.15 35.15 31.43
N CYS D 237 -3.10 34.61 32.19
CA CYS D 237 -4.20 33.85 31.60
C CYS D 237 -5.44 34.74 31.45
N GLN D 238 -5.99 34.77 30.24
CA GLN D 238 -7.10 35.65 29.91
C GLN D 238 -8.30 34.84 29.40
N VAL D 239 -9.47 35.05 30.01
CA VAL D 239 -10.69 34.33 29.64
C VAL D 239 -11.80 35.31 29.21
N GLN D 240 -12.04 35.38 27.90
CA GLN D 240 -13.15 36.16 27.37
C GLN D 240 -14.47 35.43 27.59
N PHE D 241 -15.36 36.05 28.36
CA PHE D 241 -16.70 35.52 28.60
C PHE D 241 -17.73 36.32 27.82
N TYR D 242 -18.70 35.62 27.25
CA TYR D 242 -19.84 36.26 26.60
C TYR D 242 -21.16 36.01 27.35
N GLY D 243 -21.63 37.03 28.06
CA GLY D 243 -22.82 36.93 28.91
C GLY D 243 -23.94 37.89 28.51
N LEU D 244 -24.65 38.42 29.50
CA LEU D 244 -25.86 39.22 29.24
C LEU D 244 -25.53 40.61 28.69
N SER D 245 -26.42 41.11 27.84
CA SER D 245 -26.29 42.45 27.29
C SER D 245 -26.80 43.49 28.27
N GLU D 246 -26.52 44.77 27.99
CA GLU D 246 -27.00 45.88 28.82
C GLU D 246 -28.52 46.06 28.78
N ASN D 247 -29.16 45.49 27.75
CA ASN D 247 -30.62 45.55 27.61
C ASN D 247 -31.35 44.38 28.28
N ASP D 248 -30.60 43.49 28.90
CA ASP D 248 -31.18 42.37 29.63
C ASP D 248 -31.64 42.76 31.04
N GLU D 249 -32.66 42.04 31.52
CA GLU D 249 -33.18 42.19 32.87
C GLU D 249 -32.24 41.57 33.90
N TRP D 250 -31.89 42.33 34.94
CA TRP D 250 -31.12 41.80 36.07
C TRP D 250 -31.57 42.40 37.39
N THR D 251 -31.90 41.52 38.35
CA THR D 251 -32.55 41.93 39.59
C THR D 251 -31.87 41.37 40.86
N GLN D 252 -30.90 40.48 40.66
CA GLN D 252 -30.17 39.85 41.76
C GLN D 252 -29.22 40.82 42.48
N ASP D 253 -28.79 40.42 43.67
CA ASP D 253 -27.80 41.16 44.43
C ASP D 253 -26.44 41.13 43.73
N ARG D 254 -25.98 39.93 43.38
CA ARG D 254 -24.64 39.75 42.80
C ARG D 254 -24.49 40.52 41.47
N ALA D 255 -23.24 40.74 41.08
CA ALA D 255 -22.92 41.50 39.86
C ALA D 255 -23.51 40.83 38.62
N LYS D 256 -24.12 41.65 37.76
CA LYS D 256 -24.59 41.23 36.44
C LYS D 256 -23.47 40.51 35.67
N PRO D 257 -23.77 39.31 35.13
CA PRO D 257 -22.80 38.59 34.31
C PRO D 257 -22.76 39.16 32.89
N VAL D 258 -22.31 40.41 32.80
CA VAL D 258 -22.03 41.04 31.53
C VAL D 258 -20.89 40.30 30.82
N THR D 259 -20.91 40.33 29.50
CA THR D 259 -19.75 39.96 28.70
C THR D 259 -18.51 40.77 29.13
N GLN D 260 -17.44 40.06 29.47
CA GLN D 260 -16.29 40.63 30.19
C GLN D 260 -15.05 39.77 29.97
N ILE D 261 -13.88 40.28 30.38
CA ILE D 261 -12.65 39.46 30.42
C ILE D 261 -12.16 39.31 31.86
N VAL D 262 -12.22 38.09 32.36
CA VAL D 262 -11.63 37.78 33.66
C VAL D 262 -10.27 37.12 33.51
N SER D 263 -9.29 37.60 34.27
CA SER D 263 -7.91 37.21 34.07
C SER D 263 -7.19 36.91 35.38
N ALA D 264 -6.20 36.02 35.29
CA ALA D 264 -5.28 35.77 36.40
C ALA D 264 -3.83 35.90 35.94
N GLU D 265 -2.96 36.28 36.88
CA GLU D 265 -1.56 36.60 36.58
C GLU D 265 -0.56 35.87 37.47
N ALA D 266 0.61 35.59 36.92
CA ALA D 266 1.74 35.05 37.67
C ALA D 266 3.04 35.75 37.28
N TRP D 267 4.10 35.52 38.05
CA TRP D 267 5.41 36.10 37.79
C TRP D 267 6.53 35.06 37.92
N GLY D 268 7.57 35.22 37.10
CA GLY D 268 8.76 34.39 37.20
C GLY D 268 9.42 34.46 38.56
N ARG D 269 10.06 33.37 39.00
CA ARG D 269 10.69 33.34 40.32
C ARG D 269 12.22 33.10 40.35
N SER D 270 12.65 31.84 40.50
CA SER D 270 14.07 31.45 40.61
C SER D 270 14.40 30.70 41.91
N GLU E 4 34.49 -54.38 -6.53
CA GLU E 4 33.84 -53.10 -6.96
C GLU E 4 32.31 -53.13 -6.78
N HIS E 5 31.73 -51.95 -6.58
CA HIS E 5 30.39 -51.79 -6.04
C HIS E 5 29.64 -50.64 -6.68
N VAL E 6 28.31 -50.68 -6.61
CA VAL E 6 27.48 -49.65 -7.21
C VAL E 6 26.34 -49.21 -6.27
N ILE E 7 26.29 -47.91 -5.99
CA ILE E 7 25.15 -47.31 -5.29
C ILE E 7 24.32 -46.45 -6.25
N ILE E 8 23.01 -46.69 -6.28
CA ILE E 8 22.08 -45.93 -7.13
C ILE E 8 20.98 -45.29 -6.30
N GLN E 9 20.86 -43.97 -6.41
CA GLN E 9 19.65 -43.25 -6.03
C GLN E 9 18.63 -43.39 -7.15
N ALA E 10 17.58 -44.16 -6.89
CA ALA E 10 16.59 -44.49 -7.90
C ALA E 10 15.24 -43.88 -7.54
N GLU E 11 14.66 -43.13 -8.47
CA GLU E 11 13.32 -42.57 -8.29
C GLU E 11 12.47 -42.65 -9.55
N PHE E 12 11.15 -42.60 -9.36
CA PHE E 12 10.24 -42.38 -10.48
C PHE E 12 9.02 -41.54 -10.11
N TYR E 13 8.40 -40.93 -11.11
CA TYR E 13 7.04 -40.43 -10.99
C TYR E 13 6.18 -40.90 -12.14
N LEU E 14 4.93 -41.23 -11.81
CA LEU E 14 4.02 -41.87 -12.76
C LEU E 14 2.68 -41.14 -12.79
N ASN E 15 2.24 -40.79 -14.00
CA ASN E 15 0.92 -40.20 -14.23
C ASN E 15 -0.04 -41.13 -14.98
N PRO E 16 -1.37 -40.98 -14.79
CA PRO E 16 -2.06 -40.02 -13.93
C PRO E 16 -2.33 -40.58 -12.53
N ASP E 17 -1.61 -41.65 -12.18
CA ASP E 17 -1.73 -42.27 -10.85
C ASP E 17 -1.21 -41.37 -9.75
N GLN E 18 -0.35 -40.43 -10.13
CA GLN E 18 0.34 -39.55 -9.20
C GLN E 18 0.95 -40.32 -8.05
N SER E 19 1.88 -41.22 -8.39
CA SER E 19 2.63 -41.96 -7.39
C SER E 19 4.10 -41.93 -7.74
N GLY E 20 4.90 -41.45 -6.78
CA GLY E 20 6.35 -41.41 -6.92
C GLY E 20 7.02 -42.27 -5.87
N GLU E 21 8.24 -42.70 -6.18
CA GLU E 21 9.08 -43.39 -5.22
C GLU E 21 10.50 -42.83 -5.20
N PHE E 22 11.23 -43.18 -4.15
CA PHE E 22 12.60 -42.71 -3.96
C PHE E 22 13.31 -43.73 -3.09
N MET E 23 14.41 -44.28 -3.60
CA MET E 23 15.19 -45.28 -2.86
C MET E 23 16.67 -45.30 -3.24
N PHE E 24 17.49 -45.74 -2.29
CA PHE E 24 18.88 -46.02 -2.54
C PHE E 24 19.13 -47.52 -2.64
N ASP E 25 19.89 -47.92 -3.65
CA ASP E 25 20.16 -49.33 -3.96
C ASP E 25 21.66 -49.59 -3.91
N PHE E 26 22.04 -50.67 -3.25
CA PHE E 26 23.44 -51.12 -3.22
C PHE E 26 23.57 -52.53 -3.79
N ASP E 27 24.26 -52.63 -4.92
CA ASP E 27 24.47 -53.89 -5.63
C ASP E 27 23.21 -54.73 -5.81
N GLY E 28 22.08 -54.08 -6.01
CA GLY E 28 20.81 -54.76 -6.24
C GLY E 28 20.00 -55.02 -4.99
N ASP E 29 20.40 -54.39 -3.88
CA ASP E 29 19.63 -54.46 -2.65
C ASP E 29 19.26 -53.06 -2.14
N GLU E 30 18.03 -52.92 -1.64
CA GLU E 30 17.54 -51.67 -1.08
C GLU E 30 18.27 -51.37 0.23
N ILE E 31 18.83 -50.16 0.33
CA ILE E 31 19.34 -49.66 1.61
C ILE E 31 18.18 -49.10 2.41
N PHE E 32 17.46 -48.17 1.80
CA PHE E 32 16.24 -47.60 2.34
C PHE E 32 15.34 -47.08 1.23
N HIS E 33 14.13 -46.68 1.59
CA HIS E 33 13.28 -45.86 0.73
C HIS E 33 12.48 -44.90 1.60
N VAL E 34 11.93 -43.85 1.00
CA VAL E 34 10.97 -43.01 1.70
C VAL E 34 9.55 -43.23 1.16
N ASP E 35 8.61 -43.42 2.09
CA ASP E 35 7.20 -43.59 1.78
C ASP E 35 6.53 -42.22 1.69
N MET E 36 6.08 -41.86 0.49
CA MET E 36 5.45 -40.56 0.25
C MET E 36 4.20 -40.33 1.08
N ALA E 37 3.38 -41.37 1.22
CA ALA E 37 2.16 -41.30 2.02
C ALA E 37 2.43 -40.91 3.48
N LYS E 38 3.27 -41.70 4.16
CA LYS E 38 3.57 -41.46 5.59
C LYS E 38 4.60 -40.35 5.78
N LYS E 39 5.26 -39.97 4.69
CA LYS E 39 6.35 -38.97 4.71
C LYS E 39 7.47 -39.32 5.70
N GLU E 40 7.92 -40.58 5.66
CA GLU E 40 9.01 -41.06 6.54
C GLU E 40 9.97 -42.00 5.80
N THR E 41 11.21 -42.02 6.25
CA THR E 41 12.25 -42.83 5.61
C THR E 41 12.36 -44.20 6.29
N VAL E 42 12.33 -45.25 5.49
CA VAL E 42 12.27 -46.63 6.01
C VAL E 42 13.51 -47.39 5.57
N TRP E 43 14.32 -47.80 6.55
CA TRP E 43 15.50 -48.62 6.28
C TRP E 43 15.12 -50.07 6.04
N ARG E 44 15.68 -50.65 4.98
CA ARG E 44 15.36 -52.03 4.58
C ARG E 44 15.63 -53.01 5.70
N LEU E 45 16.73 -52.81 6.42
CA LEU E 45 16.93 -53.47 7.69
C LEU E 45 16.93 -52.46 8.82
N GLU E 46 16.07 -52.72 9.82
CA GLU E 46 16.07 -52.00 11.09
C GLU E 46 17.47 -51.52 11.47
N GLU E 47 18.42 -52.45 11.43
CA GLU E 47 19.79 -52.30 11.91
C GLU E 47 20.58 -51.15 11.23
N PHE E 48 20.23 -50.85 9.98
CA PHE E 48 20.92 -49.79 9.23
C PHE E 48 20.71 -48.43 9.84
N GLY E 49 19.48 -48.17 10.30
CA GLY E 49 19.08 -46.86 10.81
C GLY E 49 19.88 -46.34 12.00
N ARG E 50 20.62 -47.23 12.65
CA ARG E 50 21.40 -46.87 13.82
C ARG E 50 22.81 -46.39 13.46
N PHE E 51 23.14 -46.45 12.17
CA PHE E 51 24.45 -46.01 11.68
C PHE E 51 24.39 -44.78 10.77
N ALA E 52 23.21 -44.52 10.21
CA ALA E 52 23.04 -43.40 9.27
C ALA E 52 21.64 -42.83 9.34
N SER E 53 21.49 -41.59 8.86
CA SER E 53 20.19 -40.96 8.81
C SER E 53 19.93 -40.34 7.45
N PHE E 54 18.65 -40.21 7.12
CA PHE E 54 18.20 -39.48 5.94
C PHE E 54 16.87 -38.79 6.26
N GLU E 55 16.78 -37.51 5.97
CA GLU E 55 15.52 -36.80 6.20
C GLU E 55 14.57 -36.89 5.01
N ALA E 56 13.37 -37.42 5.26
CA ALA E 56 12.44 -37.81 4.21
C ALA E 56 12.04 -36.63 3.35
N GLN E 57 12.03 -35.44 3.96
CA GLN E 57 11.47 -34.24 3.34
C GLN E 57 12.39 -33.71 2.24
N GLY E 58 13.59 -34.26 2.16
CA GLY E 58 14.47 -34.03 1.03
C GLY E 58 14.01 -34.76 -0.21
N ALA E 59 13.72 -36.06 -0.05
CA ALA E 59 13.18 -36.87 -1.13
C ALA E 59 11.81 -36.39 -1.62
N LEU E 60 10.95 -35.98 -0.70
CA LEU E 60 9.63 -35.46 -1.07
C LEU E 60 9.79 -34.23 -1.96
N ALA E 61 10.77 -33.38 -1.66
CA ALA E 61 11.10 -32.21 -2.46
C ALA E 61 11.62 -32.59 -3.85
N ASN E 62 12.41 -33.66 -3.91
CA ASN E 62 12.91 -34.19 -5.20
C ASN E 62 11.77 -34.68 -6.08
N ILE E 63 10.79 -35.33 -5.47
CA ILE E 63 9.66 -35.94 -6.18
C ILE E 63 8.76 -34.89 -6.80
N ALA E 64 8.57 -33.78 -6.10
CA ALA E 64 7.80 -32.66 -6.60
C ALA E 64 8.38 -32.13 -7.92
N VAL E 65 9.70 -32.09 -8.02
CA VAL E 65 10.39 -31.66 -9.22
C VAL E 65 10.24 -32.72 -10.30
N ASP E 66 10.28 -34.00 -9.90
CA ASP E 66 10.05 -35.11 -10.82
C ASP E 66 8.66 -35.08 -11.44
N LYS E 67 7.65 -34.88 -10.59
CA LYS E 67 6.30 -34.58 -11.03
C LYS E 67 6.29 -33.47 -12.07
N ALA E 68 6.92 -32.34 -11.71
CA ALA E 68 6.98 -31.17 -12.58
C ALA E 68 7.57 -31.52 -13.95
N ASN E 69 8.69 -32.26 -13.92
CA ASN E 69 9.45 -32.58 -15.12
C ASN E 69 8.77 -33.58 -16.04
N LEU E 70 8.11 -34.58 -15.45
CA LEU E 70 7.35 -35.58 -16.20
C LEU E 70 6.28 -34.95 -17.07
N GLU E 71 5.61 -33.94 -16.53
CA GLU E 71 4.56 -33.21 -17.25
C GLU E 71 5.10 -32.41 -18.43
N ILE E 72 6.36 -32.00 -18.34
CA ILE E 72 7.06 -31.35 -19.44
C ILE E 72 7.36 -32.35 -20.57
N MET E 73 7.89 -33.52 -20.23
CA MET E 73 8.30 -34.52 -21.21
C MET E 73 7.10 -35.13 -21.91
N THR E 74 6.02 -35.33 -21.15
CA THR E 74 4.76 -35.83 -21.69
C THR E 74 4.24 -34.93 -22.82
N LYS E 75 4.23 -33.62 -22.56
CA LYS E 75 3.81 -32.65 -23.57
C LYS E 75 4.81 -32.53 -24.70
N ARG E 76 6.10 -32.60 -24.35
CA ARG E 76 7.21 -32.53 -25.31
C ARG E 76 7.15 -33.65 -26.35
N SER E 77 6.60 -34.79 -25.93
CA SER E 77 6.55 -35.98 -26.77
C SER E 77 5.22 -36.10 -27.54
N ASN E 78 4.38 -35.07 -27.44
CA ASN E 78 2.98 -35.15 -27.87
C ASN E 78 2.27 -36.39 -27.32
N TYR E 79 2.40 -36.57 -26.01
CA TYR E 79 1.57 -37.47 -25.19
C TYR E 79 1.67 -38.96 -25.57
N THR E 80 2.86 -39.39 -25.99
CA THR E 80 3.08 -40.80 -26.29
C THR E 80 3.24 -41.64 -25.02
N PRO E 81 2.35 -42.63 -24.84
CA PRO E 81 2.27 -43.44 -23.62
C PRO E 81 3.39 -44.47 -23.54
N ILE E 82 3.75 -44.84 -22.31
CA ILE E 82 4.55 -46.04 -22.05
C ILE E 82 3.87 -47.28 -22.61
N THR E 83 4.67 -48.23 -23.11
CA THR E 83 4.15 -49.52 -23.53
C THR E 83 4.41 -50.58 -22.46
N ASN E 84 3.33 -51.21 -21.99
CA ASN E 84 3.41 -52.18 -20.89
C ASN E 84 4.30 -53.36 -21.23
N VAL E 85 5.23 -53.67 -20.34
CA VAL E 85 5.89 -54.97 -20.35
C VAL E 85 5.41 -55.82 -19.17
N PRO E 86 4.73 -56.93 -19.47
CA PRO E 86 4.21 -57.84 -18.46
C PRO E 86 5.31 -58.49 -17.61
N PRO E 87 5.02 -58.73 -16.33
CA PRO E 87 6.00 -59.24 -15.39
C PRO E 87 6.18 -60.74 -15.52
N GLU E 88 7.01 -61.29 -14.63
CA GLU E 88 7.48 -62.64 -14.76
C GLU E 88 7.58 -63.22 -13.36
N VAL E 89 6.56 -63.96 -12.98
CA VAL E 89 6.32 -64.31 -11.58
C VAL E 89 6.87 -65.71 -11.29
N THR E 90 7.54 -65.84 -10.15
CA THR E 90 8.06 -67.13 -9.69
C THR E 90 8.04 -67.19 -8.17
N VAL E 91 7.75 -68.37 -7.62
CA VAL E 91 7.55 -68.51 -6.17
C VAL E 91 8.51 -69.53 -5.55
N LEU E 92 9.29 -69.08 -4.55
CA LEU E 92 10.23 -69.95 -3.86
C LEU E 92 10.26 -69.67 -2.36
N THR E 93 10.82 -70.60 -1.59
CA THR E 93 10.92 -70.41 -0.15
C THR E 93 12.28 -69.91 0.28
N ASN E 94 12.28 -69.08 1.32
CA ASN E 94 13.49 -68.51 1.90
C ASN E 94 14.58 -69.53 2.23
N SER E 95 14.19 -70.71 2.68
CA SER E 95 15.13 -71.81 2.93
C SER E 95 14.48 -73.17 2.65
N PRO E 96 15.29 -74.25 2.58
CA PRO E 96 14.78 -75.61 2.45
C PRO E 96 13.58 -75.88 3.35
N VAL E 97 12.53 -76.46 2.76
CA VAL E 97 11.25 -76.62 3.43
C VAL E 97 11.24 -77.89 4.27
N GLU E 98 11.21 -77.73 5.59
CA GLU E 98 11.01 -78.85 6.49
C GLU E 98 9.60 -78.82 7.09
N LEU E 99 9.08 -80.01 7.41
CA LEU E 99 7.72 -80.15 7.95
C LEU E 99 7.54 -79.42 9.27
N ARG E 100 6.65 -78.43 9.26
CA ARG E 100 6.34 -77.58 10.43
C ARG E 100 7.56 -76.95 11.11
N GLU E 101 8.50 -76.49 10.29
CA GLU E 101 9.55 -75.60 10.73
C GLU E 101 9.39 -74.27 10.01
N PRO E 102 9.27 -73.15 10.76
CA PRO E 102 8.93 -71.83 10.23
C PRO E 102 9.73 -71.43 9.00
N ASN E 103 9.07 -70.76 8.07
CA ASN E 103 9.69 -70.36 6.80
C ASN E 103 9.06 -69.08 6.26
N VAL E 104 9.54 -68.62 5.11
CA VAL E 104 8.90 -67.54 4.37
C VAL E 104 8.72 -67.93 2.92
N LEU E 105 7.50 -67.81 2.43
CA LEU E 105 7.23 -67.83 0.99
C LEU E 105 7.63 -66.51 0.37
N ILE E 106 8.29 -66.58 -0.77
CA ILE E 106 8.66 -65.39 -1.53
C ILE E 106 7.97 -65.41 -2.88
N CYS E 107 7.11 -64.42 -3.12
CA CYS E 107 6.66 -64.12 -4.47
C CYS E 107 7.60 -63.12 -5.12
N PHE E 108 8.25 -63.56 -6.20
CA PHE E 108 9.27 -62.75 -6.86
C PHE E 108 8.73 -62.26 -8.19
N ILE E 109 8.53 -60.95 -8.29
CA ILE E 109 7.90 -60.33 -9.46
C ILE E 109 8.91 -59.49 -10.23
N ASP E 110 9.17 -59.88 -11.47
CA ASP E 110 10.40 -59.49 -12.16
C ASP E 110 10.15 -59.04 -13.60
N LYS E 111 10.98 -58.11 -14.07
CA LYS E 111 11.11 -57.75 -15.48
C LYS E 111 9.85 -57.09 -16.06
N PHE E 112 9.38 -56.03 -15.41
CA PHE E 112 8.13 -55.39 -15.82
C PHE E 112 8.11 -53.87 -15.76
N THR E 113 7.20 -53.29 -16.51
CA THR E 113 6.88 -51.87 -16.43
C THR E 113 5.42 -51.68 -16.89
N PRO E 114 4.76 -50.57 -16.50
CA PRO E 114 5.02 -49.60 -15.43
C PRO E 114 4.96 -50.20 -14.03
N PRO E 115 5.47 -49.46 -13.01
CA PRO E 115 5.53 -49.98 -11.64
C PRO E 115 4.19 -49.87 -10.91
N VAL E 116 3.16 -50.49 -11.48
CA VAL E 116 1.87 -50.66 -10.82
C VAL E 116 1.50 -52.14 -10.87
N VAL E 117 1.23 -52.71 -9.70
CA VAL E 117 1.04 -54.15 -9.58
C VAL E 117 0.07 -54.41 -8.42
N ASN E 118 -1.06 -55.07 -8.71
CA ASN E 118 -1.96 -55.54 -7.67
C ASN E 118 -1.62 -57.00 -7.31
N VAL E 119 -1.37 -57.25 -6.04
CA VAL E 119 -0.87 -58.56 -5.60
C VAL E 119 -1.70 -59.12 -4.48
N THR E 120 -1.97 -60.42 -4.53
CA THR E 120 -2.74 -61.11 -3.50
C THR E 120 -2.12 -62.49 -3.22
N TRP E 121 -1.84 -62.77 -1.95
CA TRP E 121 -1.60 -64.15 -1.51
C TRP E 121 -2.92 -64.88 -1.30
N LEU E 122 -2.94 -66.14 -1.70
CA LEU E 122 -4.06 -67.03 -1.35
C LEU E 122 -3.55 -68.31 -0.67
N ARG E 123 -4.20 -68.67 0.43
CA ARG E 123 -4.02 -69.97 1.03
C ARG E 123 -5.30 -70.79 0.83
N ASN E 124 -5.16 -71.89 0.11
CA ASN E 124 -6.28 -72.77 -0.27
C ASN E 124 -7.43 -72.04 -0.99
N GLY E 125 -7.07 -71.02 -1.78
CA GLY E 125 -8.04 -70.25 -2.54
C GLY E 125 -8.67 -69.09 -1.81
N LYS E 126 -8.22 -68.84 -0.58
CA LYS E 126 -8.78 -67.77 0.25
C LYS E 126 -7.74 -66.69 0.54
N PRO E 127 -8.04 -65.42 0.17
CA PRO E 127 -7.06 -64.34 0.25
C PRO E 127 -6.52 -64.08 1.66
N VAL E 128 -5.20 -63.93 1.77
CA VAL E 128 -4.53 -63.76 3.06
C VAL E 128 -4.15 -62.29 3.28
N THR E 129 -4.86 -61.63 4.18
CA THR E 129 -4.70 -60.19 4.39
C THR E 129 -3.58 -59.85 5.37
N THR E 130 -3.52 -60.57 6.50
CA THR E 130 -2.65 -60.22 7.61
C THR E 130 -1.41 -61.11 7.69
N GLY E 131 -0.28 -60.51 8.08
CA GLY E 131 1.00 -61.22 8.12
C GLY E 131 1.89 -60.96 6.93
N VAL E 132 1.34 -60.31 5.91
CA VAL E 132 2.05 -60.05 4.66
C VAL E 132 3.05 -58.90 4.78
N SER E 133 4.04 -58.92 3.90
CA SER E 133 5.10 -57.92 3.84
C SER E 133 5.57 -57.79 2.40
N GLU E 134 6.03 -56.60 2.01
CA GLU E 134 6.49 -56.37 0.64
C GLU E 134 7.61 -55.35 0.54
N THR E 135 8.38 -55.41 -0.53
CA THR E 135 9.35 -54.37 -0.86
C THR E 135 8.70 -53.33 -1.77
N VAL E 136 9.35 -52.20 -1.96
CA VAL E 136 8.97 -51.24 -3.02
C VAL E 136 9.42 -51.73 -4.40
N PHE E 137 9.21 -50.91 -5.41
CA PHE E 137 9.67 -51.22 -6.77
C PHE E 137 11.16 -50.96 -6.91
N LEU E 138 11.92 -52.02 -7.13
CA LEU E 138 13.37 -51.94 -7.26
C LEU E 138 13.76 -51.78 -8.73
N PRO E 139 14.88 -51.09 -9.01
CA PRO E 139 15.26 -50.81 -10.39
C PRO E 139 15.94 -52.00 -11.05
N ARG E 140 16.10 -51.94 -12.37
CA ARG E 140 16.90 -52.91 -13.12
C ARG E 140 17.82 -52.16 -14.08
N GLU E 141 18.90 -52.82 -14.50
CA GLU E 141 19.82 -52.28 -15.51
C GLU E 141 19.15 -52.06 -16.88
N ASP E 142 18.22 -52.95 -17.24
CA ASP E 142 17.41 -52.78 -18.45
C ASP E 142 16.28 -51.77 -18.27
N HIS E 143 16.16 -51.25 -17.05
CA HIS E 143 15.26 -50.14 -16.70
C HIS E 143 13.80 -50.55 -16.55
N LEU E 144 13.57 -51.86 -16.48
CA LEU E 144 12.31 -52.39 -15.96
C LEU E 144 12.36 -52.46 -14.43
N PHE E 145 11.29 -52.94 -13.82
CA PHE E 145 11.16 -52.95 -12.37
C PHE E 145 11.15 -54.36 -11.79
N ARG E 146 11.21 -54.44 -10.45
CA ARG E 146 11.36 -55.70 -9.73
C ARG E 146 10.77 -55.52 -8.34
N LYS E 147 10.06 -56.54 -7.84
CA LYS E 147 9.37 -56.44 -6.55
C LYS E 147 9.28 -57.80 -5.83
N PHE E 148 9.38 -57.75 -4.50
CA PHE E 148 9.28 -58.94 -3.65
C PHE E 148 8.09 -58.85 -2.70
N HIS E 149 7.27 -59.89 -2.66
CA HIS E 149 6.27 -60.07 -1.60
C HIS E 149 6.64 -61.25 -0.70
N TYR E 150 6.31 -61.16 0.58
CA TYR E 150 6.69 -62.17 1.55
C TYR E 150 5.50 -62.65 2.37
N LEU E 151 5.47 -63.95 2.65
CA LEU E 151 4.49 -64.51 3.59
C LEU E 151 5.15 -65.57 4.46
N PRO E 152 5.37 -65.25 5.75
CA PRO E 152 5.83 -66.28 6.68
C PRO E 152 4.75 -67.33 6.96
N PHE E 153 5.14 -68.58 7.13
CA PHE E 153 4.18 -69.69 7.21
C PHE E 153 4.73 -70.93 7.93
N LEU E 154 3.83 -71.79 8.42
CA LEU E 154 4.19 -73.14 8.85
C LEU E 154 3.88 -74.17 7.77
N PRO E 155 4.93 -74.71 7.12
CA PRO E 155 4.77 -75.71 6.07
C PRO E 155 4.06 -76.97 6.55
N SER E 156 3.20 -77.52 5.69
CA SER E 156 2.34 -78.65 6.03
C SER E 156 1.68 -79.25 4.79
N THR E 157 1.27 -80.52 4.90
CA THR E 157 0.54 -81.21 3.84
C THR E 157 -0.83 -80.59 3.59
N GLU E 158 -1.34 -79.85 4.56
CA GLU E 158 -2.71 -79.33 4.50
C GLU E 158 -2.90 -78.16 3.53
N ASP E 159 -1.91 -77.26 3.46
CA ASP E 159 -2.06 -76.01 2.71
C ASP E 159 -1.48 -76.08 1.31
N VAL E 160 -2.24 -75.57 0.33
CA VAL E 160 -1.66 -75.06 -0.89
C VAL E 160 -1.60 -73.53 -0.86
N TYR E 161 -0.65 -72.95 -1.59
CA TYR E 161 -0.53 -71.50 -1.68
C TYR E 161 -0.51 -70.99 -3.12
N ASP E 162 -0.94 -69.74 -3.30
CA ASP E 162 -0.88 -69.06 -4.59
C ASP E 162 -0.34 -67.65 -4.44
N CYS E 163 0.32 -67.15 -5.47
CA CYS E 163 0.57 -65.73 -5.60
C CYS E 163 -0.16 -65.18 -6.83
N ARG E 164 -1.24 -64.44 -6.61
CA ARG E 164 -1.96 -63.79 -7.71
C ARG E 164 -1.43 -62.39 -7.96
N VAL E 165 -0.92 -62.18 -9.16
CA VAL E 165 -0.36 -60.90 -9.59
C VAL E 165 -1.16 -60.40 -10.77
N GLU E 166 -1.68 -59.18 -10.67
CA GLU E 166 -2.24 -58.51 -11.85
C GLU E 166 -1.41 -57.32 -12.30
N HIS E 167 -1.26 -57.20 -13.61
CA HIS E 167 -0.53 -56.13 -14.26
C HIS E 167 -1.24 -55.78 -15.58
N TRP E 168 -1.06 -54.54 -16.03
CA TRP E 168 -1.74 -54.08 -17.24
C TRP E 168 -1.21 -54.71 -18.54
N GLY E 169 0.03 -55.20 -18.50
CA GLY E 169 0.60 -55.98 -19.59
C GLY E 169 0.03 -57.39 -19.69
N LEU E 170 -0.53 -57.88 -18.60
CA LEU E 170 -1.14 -59.21 -18.56
C LEU E 170 -2.60 -59.15 -18.98
N ASP E 171 -2.95 -59.96 -19.98
CA ASP E 171 -4.36 -60.14 -20.35
C ASP E 171 -5.09 -60.91 -19.26
N GLU E 172 -4.42 -61.91 -18.70
CA GLU E 172 -4.97 -62.71 -17.60
C GLU E 172 -4.12 -62.57 -16.34
N PRO E 173 -4.77 -62.38 -15.18
CA PRO E 173 -4.09 -62.42 -13.87
C PRO E 173 -3.21 -63.65 -13.70
N LEU E 174 -1.93 -63.44 -13.41
CA LEU E 174 -0.96 -64.52 -13.32
C LEU E 174 -1.02 -65.22 -11.97
N LEU E 175 -1.28 -66.52 -12.01
CA LEU E 175 -1.59 -67.28 -10.81
C LEU E 175 -0.54 -68.38 -10.56
N LYS E 176 0.50 -68.03 -9.81
CA LYS E 176 1.63 -68.95 -9.60
C LYS E 176 1.42 -69.81 -8.36
N HIS E 177 1.56 -71.12 -8.53
CA HIS E 177 1.18 -72.09 -7.50
C HIS E 177 2.40 -72.58 -6.73
N TRP E 178 2.25 -72.72 -5.41
CA TRP E 178 3.24 -73.45 -4.60
C TRP E 178 2.54 -74.38 -3.63
N GLU E 179 3.06 -75.61 -3.53
CA GLU E 179 2.64 -76.53 -2.48
C GLU E 179 3.83 -77.29 -1.89
N PHE E 180 3.60 -77.98 -0.78
CA PHE E 180 4.67 -78.62 -0.01
C PHE E 180 5.32 -79.75 -0.78
N THR F 3 -6.76 -49.00 -17.60
CA THR F 3 -7.22 -48.78 -19.01
C THR F 3 -6.61 -47.50 -19.58
N ARG F 4 -6.55 -46.45 -18.76
CA ARG F 4 -5.98 -45.15 -19.14
C ARG F 4 -4.48 -45.23 -19.48
N PRO F 5 -4.03 -44.42 -20.49
CA PRO F 5 -2.61 -44.37 -20.83
C PRO F 5 -1.73 -43.82 -19.69
N ARG F 6 -0.51 -44.35 -19.56
CA ARG F 6 0.38 -44.02 -18.44
C ARG F 6 1.68 -43.38 -18.91
N PHE F 7 2.27 -42.54 -18.05
CA PHE F 7 3.50 -41.81 -18.38
C PHE F 7 4.45 -41.85 -17.19
N LEU F 8 5.71 -42.17 -17.48
CA LEU F 8 6.67 -42.53 -16.44
C LEU F 8 7.99 -41.77 -16.62
N TRP F 9 8.61 -41.43 -15.49
CA TRP F 9 9.85 -40.66 -15.48
C TRP F 9 10.79 -41.17 -14.41
N GLN F 10 11.92 -41.72 -14.84
CA GLN F 10 12.91 -42.31 -13.95
C GLN F 10 14.23 -41.53 -14.00
N PRO F 11 14.50 -40.69 -12.98
CA PRO F 11 15.89 -40.29 -12.76
C PRO F 11 16.66 -41.41 -12.06
N LYS F 12 17.84 -41.72 -12.58
CA LYS F 12 18.77 -42.59 -11.87
C LYS F 12 20.12 -41.89 -11.66
N ARG F 13 20.52 -41.77 -10.39
CA ARG F 13 21.82 -41.21 -10.04
C ARG F 13 22.74 -42.29 -9.48
N GLU F 14 23.69 -42.73 -10.31
CA GLU F 14 24.52 -43.89 -9.96
C GLU F 14 25.99 -43.53 -9.73
N CYS F 15 26.58 -44.19 -8.73
CA CYS F 15 28.02 -44.13 -8.50
C CYS F 15 28.64 -45.51 -8.67
N HIS F 16 29.69 -45.57 -9.50
CA HIS F 16 30.40 -46.81 -9.74
C HIS F 16 31.80 -46.74 -9.14
N PHE F 17 32.04 -47.60 -8.15
CA PHE F 17 33.28 -47.55 -7.37
C PHE F 17 34.26 -48.63 -7.83
N PHE F 18 35.51 -48.24 -8.05
CA PHE F 18 36.55 -49.15 -8.53
C PHE F 18 37.74 -49.12 -7.59
N ASN F 19 38.35 -50.29 -7.35
CA ASN F 19 39.50 -50.44 -6.46
C ASN F 19 39.31 -49.67 -5.14
N GLY F 20 38.18 -49.92 -4.50
CA GLY F 20 37.74 -49.10 -3.37
C GLY F 20 37.08 -47.82 -3.85
N THR F 21 37.74 -46.69 -3.60
CA THR F 21 37.25 -45.38 -4.06
C THR F 21 38.29 -44.67 -4.92
N GLU F 22 39.33 -45.41 -5.31
CA GLU F 22 40.46 -44.87 -6.07
C GLU F 22 39.99 -44.26 -7.39
N ARG F 23 39.07 -44.95 -8.07
CA ARG F 23 38.41 -44.43 -9.26
C ARG F 23 36.91 -44.51 -9.08
N VAL F 24 36.22 -43.41 -9.41
CA VAL F 24 34.77 -43.35 -9.32
C VAL F 24 34.19 -42.77 -10.61
N ARG F 25 33.08 -43.38 -11.06
CA ARG F 25 32.33 -42.90 -12.21
C ARG F 25 30.89 -42.60 -11.83
N PHE F 26 30.47 -41.36 -12.07
CA PHE F 26 29.14 -40.90 -11.69
C PHE F 26 28.26 -40.67 -12.93
N LEU F 27 27.09 -41.29 -12.94
CA LEU F 27 26.11 -41.08 -14.00
C LEU F 27 24.86 -40.43 -13.43
N ASP F 28 24.37 -39.41 -14.14
CA ASP F 28 23.03 -38.91 -13.93
C ASP F 28 22.20 -39.24 -15.17
N ARG F 29 21.24 -40.14 -15.02
CA ARG F 29 20.49 -40.65 -16.17
C ARG F 29 18.98 -40.43 -16.01
N TYR F 30 18.34 -40.06 -17.10
CA TYR F 30 16.93 -39.72 -17.09
C TYR F 30 16.18 -40.54 -18.14
N PHE F 31 15.06 -41.15 -17.72
CA PHE F 31 14.35 -42.13 -18.55
C PHE F 31 12.88 -41.77 -18.70
N TYR F 32 12.49 -41.32 -19.89
CA TYR F 32 11.07 -41.10 -20.18
C TYR F 32 10.45 -42.34 -20.80
N ASN F 33 9.37 -42.82 -20.16
CA ASN F 33 8.92 -44.19 -20.32
C ASN F 33 10.11 -45.15 -20.13
N GLN F 34 10.41 -45.99 -21.11
CA GLN F 34 11.54 -46.90 -20.95
C GLN F 34 12.84 -46.35 -21.56
N GLU F 35 12.70 -45.44 -22.51
CA GLU F 35 13.83 -44.92 -23.27
C GLU F 35 14.58 -43.83 -22.51
N GLU F 36 15.89 -44.02 -22.37
CA GLU F 36 16.80 -42.97 -21.91
C GLU F 36 16.76 -41.77 -22.85
N SER F 37 16.93 -40.57 -22.29
CA SER F 37 16.84 -39.34 -23.06
C SER F 37 18.05 -38.42 -22.92
N VAL F 38 18.47 -38.17 -21.69
CA VAL F 38 19.63 -37.33 -21.41
C VAL F 38 20.45 -37.88 -20.24
N ARG F 39 21.77 -37.72 -20.30
CA ARG F 39 22.66 -38.17 -19.22
C ARG F 39 23.87 -37.26 -18.98
N PHE F 40 24.25 -37.12 -17.70
CA PHE F 40 25.58 -36.67 -17.35
C PHE F 40 26.47 -37.84 -17.02
N ASP F 41 27.67 -37.83 -17.60
CA ASP F 41 28.67 -38.87 -17.42
C ASP F 41 29.96 -38.23 -16.94
N SER F 42 30.39 -38.57 -15.73
CA SER F 42 31.59 -37.97 -15.14
C SER F 42 32.83 -38.16 -16.00
N ASP F 43 32.83 -39.23 -16.80
CA ASP F 43 33.91 -39.53 -17.76
C ASP F 43 33.80 -38.72 -19.05
N VAL F 44 32.65 -38.07 -19.26
CA VAL F 44 32.45 -37.22 -20.42
C VAL F 44 32.68 -35.76 -20.04
N GLY F 45 32.05 -35.33 -18.94
CA GLY F 45 32.28 -33.99 -18.41
C GLY F 45 31.16 -33.00 -18.62
N GLU F 46 30.29 -33.26 -19.59
CA GLU F 46 29.04 -32.50 -19.69
C GLU F 46 27.85 -33.39 -20.00
N PHE F 47 26.68 -32.78 -20.10
CA PHE F 47 25.47 -33.51 -20.42
C PHE F 47 25.39 -33.82 -21.91
N ARG F 48 24.93 -35.02 -22.21
CA ARG F 48 24.66 -35.42 -23.59
C ARG F 48 23.21 -35.88 -23.75
N ALA F 49 22.57 -35.43 -24.83
CA ALA F 49 21.30 -36.01 -25.28
C ALA F 49 21.55 -37.40 -25.85
N VAL F 50 20.66 -38.34 -25.53
CA VAL F 50 20.72 -39.67 -26.16
C VAL F 50 19.54 -39.94 -27.11
N THR F 51 18.43 -39.25 -26.91
CA THR F 51 17.37 -39.16 -27.91
C THR F 51 17.00 -37.69 -28.14
N GLU F 52 16.28 -37.40 -29.22
CA GLU F 52 15.93 -36.01 -29.54
C GLU F 52 14.98 -35.37 -28.53
N LEU F 53 14.29 -36.19 -27.76
CA LEU F 53 13.51 -35.72 -26.63
C LEU F 53 14.36 -34.97 -25.59
N GLY F 54 15.52 -35.54 -25.26
CA GLY F 54 16.39 -35.03 -24.20
C GLY F 54 17.25 -33.86 -24.60
N ARG F 55 17.18 -33.48 -25.87
CA ARG F 55 18.04 -32.44 -26.43
C ARG F 55 17.93 -31.08 -25.72
N PRO F 56 16.71 -30.51 -25.62
CA PRO F 56 16.63 -29.19 -24.99
C PRO F 56 17.05 -29.18 -23.52
N ASP F 57 16.89 -30.31 -22.83
CA ASP F 57 17.35 -30.47 -21.46
C ASP F 57 18.88 -30.48 -21.36
N ALA F 58 19.52 -31.24 -22.24
CA ALA F 58 20.98 -31.30 -22.31
C ALA F 58 21.56 -29.94 -22.66
N GLU F 59 20.99 -29.30 -23.67
CA GLU F 59 21.46 -28.01 -24.16
C GLU F 59 21.40 -26.94 -23.07
N TYR F 60 20.35 -26.98 -22.27
CA TYR F 60 20.04 -25.93 -21.29
C TYR F 60 20.86 -26.07 -20.01
N TRP F 61 21.03 -27.31 -19.55
CA TRP F 61 21.85 -27.61 -18.37
C TRP F 61 23.34 -27.36 -18.62
N ASN F 62 23.78 -27.61 -19.86
CA ASN F 62 25.17 -27.36 -20.22
C ASN F 62 25.53 -25.88 -20.23
N SER F 63 24.53 -25.02 -20.38
CA SER F 63 24.76 -23.57 -20.43
C SER F 63 24.77 -22.90 -19.05
N GLN F 64 24.69 -23.72 -18.00
CA GLN F 64 24.71 -23.21 -16.63
C GLN F 64 26.00 -23.61 -15.92
N LYS F 65 26.88 -22.63 -15.69
CA LYS F 65 28.16 -22.86 -15.03
C LYS F 65 28.04 -23.65 -13.73
N ASP F 66 27.07 -23.25 -12.88
CA ASP F 66 26.95 -23.81 -11.54
C ASP F 66 26.44 -25.25 -11.53
N ILE F 67 25.41 -25.54 -12.34
CA ILE F 67 24.88 -26.91 -12.47
C ILE F 67 25.96 -27.87 -12.98
N LEU F 68 26.75 -27.38 -13.94
CA LEU F 68 27.89 -28.11 -14.48
C LEU F 68 29.00 -28.30 -13.44
N GLU F 69 29.30 -27.26 -12.67
CA GLU F 69 30.27 -27.35 -11.56
C GLU F 69 29.83 -28.36 -10.50
N GLN F 70 28.55 -28.34 -10.17
CA GLN F 70 27.96 -29.24 -9.20
C GLN F 70 28.07 -30.70 -9.65
N ALA F 71 27.65 -30.96 -10.90
CA ALA F 71 27.68 -32.30 -11.46
C ALA F 71 29.11 -32.86 -11.50
N ARG F 72 30.06 -32.01 -11.85
CA ARG F 72 31.47 -32.40 -11.92
C ARG F 72 32.03 -32.71 -10.52
N ALA F 73 31.39 -32.15 -9.50
CA ALA F 73 31.82 -32.31 -8.12
C ALA F 73 31.32 -33.62 -7.50
N ALA F 74 30.19 -34.13 -8.02
CA ALA F 74 29.43 -35.22 -7.38
C ALA F 74 30.28 -36.45 -7.07
N VAL F 75 31.27 -36.70 -7.93
CA VAL F 75 32.16 -37.83 -7.77
C VAL F 75 32.87 -37.84 -6.40
N ASP F 76 33.24 -36.64 -5.94
CA ASP F 76 33.82 -36.44 -4.61
C ASP F 76 32.76 -36.12 -3.59
N THR F 77 31.87 -35.19 -3.94
CA THR F 77 31.01 -34.51 -2.99
C THR F 77 29.72 -35.28 -2.65
N TYR F 78 29.48 -36.37 -3.37
CA TYR F 78 28.27 -37.17 -3.23
C TYR F 78 28.63 -38.66 -3.16
N CYS F 79 29.28 -39.16 -4.21
CA CYS F 79 29.66 -40.57 -4.29
C CYS F 79 30.63 -40.96 -3.17
N ARG F 80 31.79 -40.29 -3.12
CA ARG F 80 32.81 -40.61 -2.13
C ARG F 80 32.32 -40.35 -0.70
N HIS F 81 31.55 -39.27 -0.53
CA HIS F 81 30.81 -39.03 0.71
C HIS F 81 29.97 -40.25 1.08
N ASN F 82 28.99 -40.58 0.25
CA ASN F 82 28.03 -41.65 0.51
C ASN F 82 28.68 -42.99 0.84
N TYR F 83 29.73 -43.35 0.09
CA TYR F 83 30.48 -44.58 0.30
C TYR F 83 30.90 -44.69 1.76
N GLY F 84 31.59 -43.66 2.24
CA GLY F 84 32.16 -43.67 3.58
C GLY F 84 31.10 -43.75 4.65
N VAL F 85 29.90 -43.27 4.33
CA VAL F 85 28.77 -43.29 5.26
C VAL F 85 28.22 -44.72 5.38
N VAL F 86 28.02 -45.37 4.23
CA VAL F 86 27.40 -46.70 4.21
C VAL F 86 28.40 -47.87 4.26
N GLU F 87 29.69 -47.57 4.11
CA GLU F 87 30.71 -48.60 3.91
C GLU F 87 30.63 -49.67 4.97
N SER F 88 30.59 -49.23 6.22
CA SER F 88 30.52 -50.10 7.40
C SER F 88 29.64 -51.33 7.18
N PHE F 89 28.40 -51.10 6.77
CA PHE F 89 27.35 -52.13 6.86
C PHE F 89 26.91 -52.68 5.50
N THR F 90 27.61 -52.29 4.44
CA THR F 90 27.30 -52.76 3.09
C THR F 90 28.52 -53.41 2.44
N VAL F 91 29.58 -52.63 2.27
CA VAL F 91 30.82 -53.10 1.67
C VAL F 91 31.51 -54.14 2.57
N GLN F 92 31.35 -53.97 3.88
CA GLN F 92 31.98 -54.83 4.85
C GLN F 92 31.03 -55.88 5.44
N ARG F 93 29.82 -55.95 4.88
CA ARG F 93 28.82 -56.91 5.31
C ARG F 93 29.24 -58.35 4.96
N ARG F 94 29.18 -59.24 5.94
CA ARG F 94 29.54 -60.65 5.74
C ARG F 94 28.65 -61.61 6.53
N VAL F 95 27.91 -62.46 5.81
CA VAL F 95 27.01 -63.43 6.44
C VAL F 95 27.31 -64.85 5.95
N GLN F 96 27.57 -65.74 6.91
CA GLN F 96 27.83 -67.16 6.63
C GLN F 96 26.61 -67.88 6.06
N PRO F 97 26.82 -68.68 5.00
CA PRO F 97 25.77 -69.56 4.49
C PRO F 97 25.47 -70.73 5.43
N LYS F 98 24.27 -71.28 5.31
CA LYS F 98 23.92 -72.54 5.95
C LYS F 98 23.85 -73.63 4.89
N VAL F 99 24.58 -74.71 5.11
CA VAL F 99 24.84 -75.71 4.07
C VAL F 99 24.13 -77.03 4.36
N THR F 100 23.08 -77.32 3.59
CA THR F 100 22.33 -78.57 3.73
C THR F 100 22.59 -79.45 2.51
N VAL F 101 22.70 -80.76 2.76
CA VAL F 101 22.72 -81.76 1.70
C VAL F 101 21.60 -82.77 1.89
N TYR F 102 20.78 -82.95 0.85
CA TYR F 102 19.74 -83.98 0.84
C TYR F 102 19.60 -84.64 -0.53
N PRO F 103 19.29 -85.95 -0.56
CA PRO F 103 18.90 -86.60 -1.81
C PRO F 103 17.55 -86.12 -2.36
N SER F 104 17.37 -86.25 -3.67
CA SER F 104 16.10 -85.92 -4.31
C SER F 104 15.83 -86.86 -5.49
N LYS F 105 14.77 -86.58 -6.22
CA LYS F 105 14.47 -87.32 -7.45
C LYS F 105 14.29 -86.34 -8.59
N THR F 106 14.22 -86.86 -9.81
CA THR F 106 13.94 -86.02 -10.98
C THR F 106 12.54 -86.29 -11.53
N GLN F 107 12.25 -87.56 -11.83
CA GLN F 107 10.88 -88.05 -11.90
C GLN F 107 10.46 -88.54 -10.51
N PRO F 108 9.17 -88.91 -10.34
CA PRO F 108 8.86 -89.91 -9.31
C PRO F 108 9.64 -91.20 -9.53
N LEU F 109 10.29 -91.69 -8.48
CA LEU F 109 11.03 -92.97 -8.52
C LEU F 109 10.93 -93.67 -7.17
N GLN F 110 11.29 -94.95 -7.14
CA GLN F 110 11.26 -95.73 -5.90
C GLN F 110 12.53 -95.59 -5.06
N HIS F 111 13.62 -95.16 -5.70
CA HIS F 111 14.89 -94.88 -5.02
C HIS F 111 15.38 -93.47 -5.32
N HIS F 112 16.30 -92.97 -4.51
CA HIS F 112 16.76 -91.58 -4.63
C HIS F 112 17.78 -91.40 -5.75
N ASN F 113 17.53 -90.42 -6.60
CA ASN F 113 18.21 -90.28 -7.89
C ASN F 113 19.43 -89.37 -7.82
N LEU F 114 19.20 -88.09 -7.52
CA LEU F 114 20.25 -87.08 -7.51
C LEU F 114 20.46 -86.47 -6.11
N LEU F 115 21.64 -85.88 -5.89
CA LEU F 115 21.97 -85.22 -4.63
C LEU F 115 21.92 -83.71 -4.75
N VAL F 116 21.42 -83.04 -3.72
CA VAL F 116 21.26 -81.59 -3.74
C VAL F 116 22.08 -80.96 -2.63
N CYS F 117 22.94 -80.02 -2.99
CA CYS F 117 23.62 -79.16 -2.02
C CYS F 117 22.92 -77.80 -1.96
N SER F 118 22.33 -77.50 -0.81
CA SER F 118 21.60 -76.25 -0.62
C SER F 118 22.37 -75.27 0.26
N VAL F 119 22.64 -74.11 -0.31
CA VAL F 119 23.43 -73.07 0.34
C VAL F 119 22.56 -71.81 0.41
N SER F 120 22.21 -71.41 1.62
CA SER F 120 21.25 -70.31 1.80
C SER F 120 21.69 -69.28 2.82
N GLY F 121 21.20 -68.05 2.62
CA GLY F 121 21.28 -67.00 3.62
C GLY F 121 22.64 -66.35 3.75
N PHE F 122 23.36 -66.24 2.64
CA PHE F 122 24.73 -65.74 2.64
C PHE F 122 24.84 -64.35 2.01
N TYR F 123 25.87 -63.59 2.41
CA TYR F 123 26.21 -62.32 1.79
C TYR F 123 27.71 -62.08 1.93
N PRO F 124 28.37 -61.59 0.86
CA PRO F 124 27.81 -61.18 -0.43
C PRO F 124 27.62 -62.34 -1.41
N GLY F 125 27.32 -62.01 -2.66
CA GLY F 125 26.91 -62.99 -3.67
C GLY F 125 27.97 -63.98 -4.09
N SER F 126 29.23 -63.53 -4.15
CA SER F 126 30.32 -64.34 -4.71
C SER F 126 30.58 -65.60 -3.88
N ILE F 127 30.43 -66.76 -4.53
CA ILE F 127 30.51 -68.06 -3.85
C ILE F 127 31.09 -69.16 -4.76
N GLU F 128 31.69 -70.18 -4.14
CA GLU F 128 32.21 -71.32 -4.88
C GLU F 128 31.73 -72.63 -4.27
N VAL F 129 30.74 -73.24 -4.90
CA VAL F 129 30.17 -74.52 -4.46
C VAL F 129 30.69 -75.64 -5.36
N ARG F 130 31.24 -76.70 -4.75
CA ARG F 130 31.80 -77.81 -5.53
C ARG F 130 31.57 -79.19 -4.90
N TRP F 131 31.35 -80.19 -5.75
CA TRP F 131 31.05 -81.55 -5.32
C TRP F 131 32.27 -82.45 -5.31
N PHE F 132 32.33 -83.34 -4.32
CA PHE F 132 33.44 -84.30 -4.21
C PHE F 132 32.92 -85.71 -3.96
N LEU F 133 33.60 -86.69 -4.56
CA LEU F 133 33.37 -88.10 -4.26
C LEU F 133 34.68 -88.86 -4.03
N ASN F 134 34.88 -89.31 -2.79
CA ASN F 134 36.12 -89.98 -2.36
C ASN F 134 37.39 -89.15 -2.58
N GLY F 135 37.25 -87.83 -2.44
CA GLY F 135 38.39 -86.92 -2.62
C GLY F 135 38.55 -86.37 -4.03
N GLN F 136 37.87 -86.98 -4.99
CA GLN F 136 37.89 -86.54 -6.39
C GLN F 136 36.77 -85.51 -6.64
N GLU F 137 37.09 -84.46 -7.39
CA GLU F 137 36.07 -83.49 -7.77
C GLU F 137 35.27 -83.96 -8.98
N GLU F 138 33.94 -83.94 -8.84
CA GLU F 138 33.02 -84.27 -9.93
C GLU F 138 32.72 -83.04 -10.79
N LYS F 139 33.58 -82.81 -11.79
CA LYS F 139 33.50 -81.61 -12.62
C LYS F 139 32.23 -81.59 -13.47
N ALA F 140 31.92 -82.71 -14.10
CA ALA F 140 30.75 -82.83 -14.96
C ALA F 140 29.67 -83.73 -14.35
N GLY F 141 28.42 -83.46 -14.73
CA GLY F 141 27.27 -84.21 -14.23
C GLY F 141 26.47 -83.48 -13.17
N MET F 142 26.57 -82.15 -13.14
CA MET F 142 25.86 -81.35 -12.15
C MET F 142 25.23 -80.08 -12.70
N VAL F 143 24.07 -79.73 -12.14
CA VAL F 143 23.28 -78.59 -12.59
C VAL F 143 23.08 -77.63 -11.40
N SER F 144 22.64 -76.40 -11.68
CA SER F 144 22.51 -75.38 -10.64
C SER F 144 21.32 -74.46 -10.91
N THR F 145 20.86 -73.77 -9.87
CA THR F 145 19.83 -72.74 -10.01
C THR F 145 20.47 -71.40 -10.36
N GLY F 146 21.78 -71.31 -10.19
CA GLY F 146 22.46 -70.03 -10.27
C GLY F 146 22.29 -69.27 -8.98
N LEU F 147 22.70 -68.00 -8.98
CA LEU F 147 22.57 -67.13 -7.81
C LEU F 147 21.18 -66.53 -7.76
N ILE F 148 20.54 -66.59 -6.58
CA ILE F 148 19.20 -66.06 -6.38
C ILE F 148 19.18 -65.00 -5.28
N GLN F 149 18.79 -63.78 -5.65
CA GLN F 149 18.55 -62.71 -4.68
C GLN F 149 17.24 -62.92 -3.93
N ASN F 150 17.30 -62.87 -2.60
CA ASN F 150 16.10 -62.99 -1.77
C ASN F 150 15.43 -61.66 -1.52
N GLY F 151 16.20 -60.58 -1.69
CA GLY F 151 15.68 -59.21 -1.55
C GLY F 151 15.85 -58.65 -0.15
N ASP F 152 16.49 -59.43 0.72
CA ASP F 152 16.65 -59.07 2.12
C ASP F 152 18.13 -59.06 2.54
N TRP F 153 19.02 -58.80 1.58
CA TRP F 153 20.46 -58.84 1.80
C TRP F 153 20.94 -60.26 2.15
N THR F 154 20.27 -61.25 1.58
CA THR F 154 20.78 -62.64 1.55
C THR F 154 20.61 -63.25 0.16
N PHE F 155 21.56 -64.09 -0.24
CA PHE F 155 21.41 -64.87 -1.46
C PHE F 155 21.15 -66.34 -1.11
N GLN F 156 20.72 -67.10 -2.11
CA GLN F 156 20.59 -68.55 -1.99
C GLN F 156 20.79 -69.24 -3.33
N THR F 157 21.21 -70.50 -3.27
CA THR F 157 21.46 -71.31 -4.46
C THR F 157 21.31 -72.80 -4.15
N LEU F 158 21.00 -73.58 -5.18
CA LEU F 158 21.05 -75.03 -5.07
C LEU F 158 21.94 -75.60 -6.17
N VAL F 159 22.93 -76.40 -5.77
CA VAL F 159 23.78 -77.09 -6.74
C VAL F 159 23.58 -78.61 -6.67
N MET F 160 23.09 -79.18 -7.76
CA MET F 160 22.59 -80.55 -7.78
C MET F 160 23.49 -81.48 -8.58
N LEU F 161 23.87 -82.61 -7.97
CA LEU F 161 24.67 -83.62 -8.65
C LEU F 161 23.78 -84.80 -9.02
N GLU F 162 23.75 -85.14 -10.31
CA GLU F 162 23.01 -86.32 -10.76
C GLU F 162 23.89 -87.57 -10.85
N THR F 163 23.91 -88.33 -9.75
CA THR F 163 24.43 -89.70 -9.74
C THR F 163 23.60 -90.53 -8.77
N VAL F 164 23.20 -91.73 -9.20
CA VAL F 164 22.50 -92.67 -8.32
C VAL F 164 23.51 -93.22 -7.32
N PRO F 165 23.36 -92.84 -6.03
CA PRO F 165 24.41 -93.04 -5.03
C PRO F 165 24.80 -94.50 -4.85
N ARG F 166 26.11 -94.74 -4.79
CA ARG F 166 26.69 -96.08 -4.80
C ARG F 166 26.51 -96.78 -3.45
N SER F 167 27.24 -97.87 -3.25
CA SER F 167 27.48 -98.41 -1.91
C SER F 167 28.95 -98.25 -1.57
N GLY F 168 29.24 -97.39 -0.59
CA GLY F 168 30.62 -97.01 -0.27
C GLY F 168 30.76 -95.52 0.02
N GLU F 169 30.34 -94.71 -0.96
CA GLU F 169 29.91 -93.31 -0.73
C GLU F 169 31.06 -92.31 -0.52
N VAL F 170 30.96 -91.51 0.54
CA VAL F 170 31.76 -90.28 0.73
C VAL F 170 31.53 -89.22 -0.36
N TYR F 171 30.30 -88.72 -0.43
CA TYR F 171 29.97 -87.49 -1.15
C TYR F 171 30.18 -86.27 -0.26
N THR F 172 30.83 -85.23 -0.78
CA THR F 172 31.13 -84.02 -0.01
C THR F 172 30.74 -82.75 -0.78
N CYS F 173 30.05 -81.83 -0.11
CA CYS F 173 29.87 -80.48 -0.63
C CYS F 173 30.82 -79.49 0.03
N GLN F 174 31.56 -78.75 -0.79
CA GLN F 174 32.55 -77.79 -0.30
C GLN F 174 32.22 -76.37 -0.74
N VAL F 175 31.98 -75.50 0.24
CA VAL F 175 31.53 -74.13 -0.03
C VAL F 175 32.57 -73.12 0.45
N GLU F 176 33.19 -72.42 -0.51
CA GLU F 176 34.08 -71.29 -0.22
C GLU F 176 33.33 -69.97 -0.33
N HIS F 177 33.64 -69.06 0.59
CA HIS F 177 32.95 -67.77 0.70
C HIS F 177 33.80 -66.82 1.55
N PRO F 178 33.76 -65.51 1.24
CA PRO F 178 34.38 -64.45 2.05
C PRO F 178 34.15 -64.53 3.57
N SER F 179 32.95 -64.97 3.98
CA SER F 179 32.52 -64.84 5.37
C SER F 179 33.23 -65.80 6.33
N VAL F 180 33.75 -66.89 5.78
CA VAL F 180 34.43 -67.91 6.59
C VAL F 180 35.91 -68.07 6.19
N THR F 181 36.76 -68.25 7.19
CA THR F 181 38.21 -68.26 6.98
C THR F 181 38.72 -69.55 6.33
N SER F 182 37.93 -70.62 6.43
CA SER F 182 38.20 -71.85 5.70
C SER F 182 36.91 -72.55 5.27
N PRO F 183 36.92 -73.18 4.08
CA PRO F 183 35.69 -73.61 3.39
C PRO F 183 34.81 -74.54 4.23
N LEU F 184 33.51 -74.38 4.10
CA LEU F 184 32.54 -75.22 4.79
C LEU F 184 32.32 -76.51 4.04
N THR F 185 32.38 -77.62 4.77
CA THR F 185 32.07 -78.93 4.20
C THR F 185 30.87 -79.57 4.89
N VAL F 186 30.01 -80.19 4.08
CA VAL F 186 29.04 -81.17 4.58
C VAL F 186 29.17 -82.50 3.84
N GLU F 187 29.23 -83.58 4.60
CA GLU F 187 29.39 -84.93 4.06
C GLU F 187 28.05 -85.67 4.00
N TRP F 188 27.87 -86.48 2.98
CA TRP F 188 26.69 -87.35 2.87
C TRP F 188 27.08 -88.74 2.42
N ARG F 189 26.73 -89.74 3.24
CA ARG F 189 26.89 -91.14 2.86
C ARG F 189 25.69 -91.98 3.31
N ALA F 190 24.99 -92.57 2.32
CA ALA F 190 23.91 -93.53 2.61
C ALA F 190 24.44 -94.88 3.11
N ALA G 10 44.53 -13.38 13.58
CA ALA G 10 45.76 -12.79 12.96
C ALA G 10 45.44 -11.47 12.24
N LEU G 11 46.35 -10.51 12.35
CA LEU G 11 46.12 -9.14 11.88
C LEU G 11 46.96 -8.78 10.65
N SER G 12 46.32 -8.20 9.64
CA SER G 12 46.99 -7.86 8.38
C SER G 12 46.59 -6.48 7.84
N ILE G 13 47.59 -5.68 7.51
CA ILE G 13 47.44 -4.23 7.32
C ILE G 13 48.06 -3.81 5.98
N GLN G 14 47.35 -2.96 5.22
CA GLN G 14 47.81 -2.53 3.87
C GLN G 14 47.06 -1.33 3.26
N GLU G 15 47.22 -1.11 1.95
CA GLU G 15 47.00 0.21 1.31
C GLU G 15 45.98 0.27 0.14
N GLY G 16 46.43 -0.08 -1.06
CA GLY G 16 45.56 -0.37 -2.22
C GLY G 16 46.07 -1.60 -2.95
N GLU G 17 46.77 -2.46 -2.20
CA GLU G 17 47.58 -3.53 -2.73
C GLU G 17 46.80 -4.85 -2.69
N ASN G 18 47.43 -5.93 -3.11
CA ASN G 18 46.86 -7.27 -2.97
C ASN G 18 46.87 -7.72 -1.53
N ALA G 19 45.75 -8.29 -1.08
CA ALA G 19 45.68 -8.91 0.24
C ALA G 19 45.48 -10.41 0.13
N THR G 20 46.38 -11.15 0.75
CA THR G 20 46.30 -12.61 0.77
C THR G 20 46.12 -13.12 2.19
N MET G 21 45.03 -13.84 2.43
CA MET G 21 44.69 -14.34 3.76
C MET G 21 44.54 -15.83 3.78
N ASN G 22 44.98 -16.44 4.87
CA ASN G 22 45.05 -17.90 5.00
C ASN G 22 44.12 -18.45 6.08
N CYS G 23 43.70 -19.69 5.88
CA CYS G 23 42.64 -20.30 6.68
C CYS G 23 42.76 -21.82 6.67
N SER G 24 43.19 -22.38 7.79
CA SER G 24 43.35 -23.84 7.89
C SER G 24 42.14 -24.49 8.56
N TYR G 25 42.03 -25.80 8.43
CA TYR G 25 40.89 -26.56 8.94
C TYR G 25 41.28 -27.98 9.32
N LYS G 26 40.49 -28.57 10.21
CA LYS G 26 40.97 -29.66 11.06
C LYS G 26 40.66 -31.05 10.50
N THR G 27 39.76 -31.10 9.52
CA THR G 27 39.13 -32.35 9.07
C THR G 27 39.15 -32.49 7.54
N SER G 28 38.95 -33.71 7.04
CA SER G 28 38.71 -33.94 5.62
C SER G 28 37.39 -33.30 5.19
N ILE G 29 37.33 -32.78 3.97
CA ILE G 29 36.35 -31.74 3.63
C ILE G 29 35.43 -32.06 2.44
N ASN G 30 34.34 -31.31 2.33
CA ASN G 30 33.49 -31.34 1.13
C ASN G 30 33.31 -29.98 0.47
N ASN G 31 32.63 -29.07 1.18
CA ASN G 31 32.57 -27.66 0.77
C ASN G 31 33.34 -26.80 1.75
N LEU G 32 33.99 -25.77 1.22
CA LEU G 32 34.63 -24.73 2.01
C LEU G 32 34.08 -23.39 1.56
N GLN G 33 33.53 -22.63 2.50
CA GLN G 33 32.95 -21.32 2.22
C GLN G 33 33.65 -20.20 3.00
N TRP G 34 34.02 -19.13 2.30
CA TRP G 34 34.62 -17.94 2.91
C TRP G 34 33.55 -16.92 3.27
N TYR G 35 33.72 -16.29 4.42
CA TYR G 35 32.81 -15.23 4.89
C TYR G 35 33.61 -14.00 5.34
N ARG G 36 33.00 -12.82 5.26
CA ARG G 36 33.53 -11.65 5.99
C ARG G 36 32.53 -11.16 7.03
N GLN G 37 33.05 -10.62 8.14
CA GLN G 37 32.20 -10.10 9.22
C GLN G 37 32.03 -8.57 9.23
N ASN G 38 33.05 -7.86 9.72
CA ASN G 38 32.91 -6.51 10.29
C ASN G 38 32.53 -6.53 11.78
N SER G 39 31.82 -5.49 12.23
CA SER G 39 31.84 -5.06 13.64
C SER G 39 31.58 -6.16 14.69
N GLY G 40 30.36 -6.72 14.78
CA GLY G 40 29.17 -6.24 14.08
C GLY G 40 27.86 -6.71 14.72
N ARG G 41 26.91 -7.25 13.95
CA ARG G 41 27.12 -7.83 12.61
C ARG G 41 28.03 -9.06 12.68
N GLY G 42 27.71 -10.13 11.95
CA GLY G 42 26.90 -10.09 10.74
C GLY G 42 27.77 -10.37 9.54
N LEU G 43 27.73 -11.61 9.06
CA LEU G 43 28.62 -12.06 7.98
C LEU G 43 27.93 -12.12 6.62
N VAL G 44 28.72 -12.07 5.54
CA VAL G 44 28.16 -11.86 4.19
C VAL G 44 28.35 -13.01 3.20
N HIS G 45 29.45 -13.76 3.31
CA HIS G 45 29.77 -14.84 2.37
C HIS G 45 30.37 -14.29 1.08
N LEU G 46 31.50 -14.85 0.69
CA LEU G 46 32.26 -14.35 -0.45
C LEU G 46 32.22 -15.30 -1.65
N ILE G 47 32.81 -16.48 -1.50
CA ILE G 47 32.48 -17.63 -2.36
C ILE G 47 32.76 -18.99 -1.68
N LEU G 48 33.02 -19.99 -2.52
CA LEU G 48 32.83 -21.38 -2.20
C LEU G 48 33.74 -22.19 -3.13
N ILE G 49 34.62 -22.98 -2.55
CA ILE G 49 35.37 -23.96 -3.32
C ILE G 49 35.06 -25.37 -2.80
N ARG G 50 34.80 -26.28 -3.73
CA ARG G 50 34.52 -27.67 -3.40
C ARG G 50 35.79 -28.49 -3.54
N SER G 51 35.80 -29.66 -2.89
CA SER G 51 36.97 -30.52 -2.76
C SER G 51 37.76 -30.76 -4.06
N ASN G 52 37.05 -30.99 -5.15
CA ASN G 52 37.68 -31.40 -6.41
C ASN G 52 38.29 -30.22 -7.20
N GLU G 53 37.79 -29.02 -6.92
CA GLU G 53 38.34 -27.80 -7.50
C GLU G 53 39.60 -27.39 -6.75
N ARG G 54 40.45 -26.57 -7.38
CA ARG G 54 41.51 -25.87 -6.64
C ARG G 54 41.91 -24.48 -7.16
N GLU G 55 40.97 -23.80 -7.83
CA GLU G 55 41.01 -22.35 -8.01
C GLU G 55 39.62 -21.81 -8.31
N LYS G 56 39.30 -20.62 -7.78
CA LYS G 56 38.00 -19.98 -8.01
C LYS G 56 38.13 -18.49 -8.26
N HIS G 57 37.23 -17.95 -9.07
CA HIS G 57 37.60 -16.96 -10.08
C HIS G 57 36.89 -15.61 -9.99
N SER G 58 35.98 -15.44 -9.03
CA SER G 58 34.92 -14.42 -9.14
C SER G 58 35.27 -13.02 -8.63
N GLY G 59 35.00 -12.02 -9.47
CA GLY G 59 35.17 -10.62 -9.14
C GLY G 59 36.62 -10.28 -8.87
N ARG G 60 36.86 -9.57 -7.77
CA ARG G 60 38.22 -9.28 -7.31
C ARG G 60 38.78 -10.40 -6.46
N LEU G 61 37.96 -11.41 -6.18
CA LEU G 61 38.33 -12.48 -5.26
C LEU G 61 38.90 -13.68 -5.99
N ARG G 62 39.83 -14.36 -5.34
CA ARG G 62 40.41 -15.60 -5.86
C ARG G 62 40.75 -16.57 -4.73
N VAL G 63 40.33 -17.83 -4.88
CA VAL G 63 40.47 -18.83 -3.82
C VAL G 63 41.36 -19.99 -4.24
N THR G 64 42.38 -20.26 -3.42
CA THR G 64 43.19 -21.46 -3.52
C THR G 64 42.65 -22.52 -2.56
N LEU G 65 42.71 -23.78 -2.95
CA LEU G 65 42.50 -24.87 -2.02
C LEU G 65 43.56 -25.96 -2.16
N ASP G 66 44.17 -26.33 -1.05
CA ASP G 66 45.23 -27.35 -1.05
C ASP G 66 44.93 -28.41 0.01
N THR G 67 44.19 -29.44 -0.38
CA THR G 67 43.68 -30.43 0.58
C THR G 67 44.79 -31.31 1.19
N SER G 68 45.99 -31.21 0.63
CA SER G 68 47.17 -31.83 1.21
C SER G 68 47.55 -31.22 2.56
N LYS G 69 47.61 -29.89 2.62
CA LYS G 69 47.94 -29.18 3.85
C LYS G 69 46.70 -28.63 4.58
N LYS G 70 45.52 -29.11 4.16
CA LYS G 70 44.25 -28.67 4.74
C LYS G 70 44.20 -27.16 4.96
N SER G 71 44.34 -26.41 3.87
CA SER G 71 44.44 -24.95 3.93
C SER G 71 43.93 -24.29 2.67
N SER G 72 43.24 -23.17 2.83
CA SER G 72 42.84 -22.33 1.71
C SER G 72 43.46 -20.95 1.78
N SER G 73 43.57 -20.28 0.65
CA SER G 73 43.95 -18.87 0.64
C SER G 73 42.96 -18.01 -0.14
N LEU G 74 42.68 -16.83 0.41
CA LEU G 74 41.78 -15.87 -0.22
C LEU G 74 42.59 -14.66 -0.68
N LEU G 75 42.63 -14.45 -1.99
CA LEU G 75 43.32 -13.30 -2.56
C LEU G 75 42.32 -12.25 -3.07
N ILE G 76 42.34 -11.10 -2.42
CA ILE G 76 41.56 -9.95 -2.84
C ILE G 76 42.51 -8.90 -3.42
N THR G 77 42.23 -8.46 -4.65
CA THR G 77 43.29 -7.95 -5.53
C THR G 77 43.47 -6.42 -5.55
N ALA G 78 42.36 -5.69 -5.69
CA ALA G 78 42.44 -4.23 -5.78
C ALA G 78 41.76 -3.58 -4.59
N SER G 79 42.43 -3.67 -3.43
CA SER G 79 41.79 -3.55 -2.13
C SER G 79 41.27 -2.14 -1.86
N ARG G 80 39.95 -2.05 -1.72
CA ARG G 80 39.26 -0.82 -1.37
C ARG G 80 39.33 -0.61 0.15
N ALA G 81 39.05 0.61 0.60
CA ALA G 81 38.89 0.90 2.03
C ALA G 81 37.81 0.04 2.68
N ALA G 82 36.66 -0.08 2.01
CA ALA G 82 35.52 -0.82 2.54
C ALA G 82 35.72 -2.33 2.54
N ASP G 83 36.96 -2.78 2.36
CA ASP G 83 37.31 -4.20 2.52
C ASP G 83 37.71 -4.57 3.95
N THR G 84 37.77 -3.56 4.81
CA THR G 84 38.13 -3.75 6.22
C THR G 84 37.05 -4.55 6.96
N ALA G 85 37.46 -5.68 7.53
CA ALA G 85 36.56 -6.68 8.09
C ALA G 85 37.36 -7.81 8.70
N SER G 86 36.69 -8.71 9.44
CA SER G 86 37.28 -10.00 9.73
C SER G 86 36.91 -11.03 8.66
N TYR G 87 37.87 -11.90 8.36
CA TYR G 87 37.73 -12.88 7.29
C TYR G 87 37.78 -14.29 7.83
N PHE G 88 36.69 -15.03 7.63
CA PHE G 88 36.52 -16.37 8.17
C PHE G 88 36.28 -17.37 7.05
N CYS G 89 36.70 -18.61 7.26
CA CYS G 89 36.32 -19.68 6.34
C CYS G 89 35.76 -20.91 7.07
N ALA G 90 34.66 -21.45 6.54
CA ALA G 90 33.90 -22.51 7.21
C ALA G 90 33.75 -23.75 6.33
N THR G 91 33.77 -24.92 6.96
CA THR G 91 33.87 -26.19 6.24
C THR G 91 33.01 -27.30 6.82
N ASP G 92 32.36 -28.06 5.95
CA ASP G 92 31.70 -29.31 6.37
C ASP G 92 32.60 -30.53 6.17
N THR G 93 32.60 -31.43 7.15
CA THR G 93 33.48 -32.60 7.11
C THR G 93 32.83 -33.73 6.31
N THR G 94 33.61 -34.38 5.46
CA THR G 94 33.08 -35.42 4.58
C THR G 94 32.80 -36.75 5.31
N SER G 95 31.69 -37.37 4.94
CA SER G 95 31.10 -38.53 5.62
C SER G 95 30.69 -38.28 7.08
N GLY G 96 30.31 -37.03 7.37
CA GLY G 96 29.87 -36.62 8.70
C GLY G 96 28.45 -36.09 8.70
N THR G 97 28.18 -35.13 9.58
CA THR G 97 26.86 -34.48 9.62
C THR G 97 26.82 -33.30 8.66
N TYR G 98 25.78 -32.47 8.76
CA TYR G 98 25.65 -31.31 7.88
C TYR G 98 26.46 -30.08 8.34
N LYS G 99 26.99 -30.14 9.57
CA LYS G 99 27.52 -28.96 10.26
C LYS G 99 28.74 -28.37 9.56
N TYR G 100 28.75 -27.04 9.43
CA TYR G 100 29.94 -26.28 9.07
C TYR G 100 30.64 -25.81 10.35
N ILE G 101 31.94 -26.04 10.44
CA ILE G 101 32.73 -25.48 11.55
C ILE G 101 33.70 -24.39 11.09
N PHE G 102 33.79 -23.33 11.90
CA PHE G 102 34.51 -22.14 11.50
C PHE G 102 35.98 -22.23 11.89
N GLY G 103 36.84 -22.01 10.89
CA GLY G 103 38.27 -21.89 11.12
C GLY G 103 38.63 -20.63 11.89
N THR G 104 39.90 -20.55 12.31
CA THR G 104 40.46 -19.32 12.87
C THR G 104 40.57 -18.22 11.80
N GLY G 105 40.38 -16.97 12.21
CA GLY G 105 40.14 -15.89 11.26
C GLY G 105 41.29 -14.91 11.12
N THR G 106 41.17 -14.00 10.17
CA THR G 106 42.10 -12.88 10.05
C THR G 106 41.36 -11.54 10.03
N ARG G 107 41.81 -10.61 10.86
CA ARG G 107 41.35 -9.24 10.81
C ARG G 107 42.15 -8.48 9.76
N LEU G 108 41.45 -7.79 8.88
CA LEU G 108 42.11 -6.99 7.84
C LEU G 108 41.80 -5.50 8.02
N LYS G 109 42.85 -4.69 7.96
CA LYS G 109 42.72 -3.24 7.92
C LYS G 109 43.28 -2.69 6.61
N VAL G 110 42.43 -2.04 5.82
CA VAL G 110 42.88 -1.36 4.60
C VAL G 110 42.87 0.15 4.79
N LEU G 111 44.06 0.73 4.83
CA LEU G 111 44.24 2.16 5.06
C LEU G 111 44.38 2.88 3.73
N PRO G 112 43.81 4.09 3.62
CA PRO G 112 43.85 4.82 2.36
C PRO G 112 45.22 5.45 2.11
N ASN G 113 45.45 5.93 0.90
CA ASN G 113 46.64 6.70 0.59
C ASN G 113 46.36 8.20 0.68
N ILE G 114 46.80 8.82 1.77
CA ILE G 114 46.73 10.26 1.91
C ILE G 114 47.89 10.88 1.13
N GLN G 115 47.58 11.30 -0.10
CA GLN G 115 48.59 11.82 -1.00
C GLN G 115 48.94 13.27 -0.65
N ASN G 116 47.93 14.02 -0.22
CA ASN G 116 48.12 15.40 0.20
C ASN G 116 47.73 15.62 1.66
N PRO G 117 48.66 15.36 2.60
CA PRO G 117 48.34 15.58 4.00
C PRO G 117 48.51 17.05 4.40
N ASP G 118 47.54 17.58 5.14
CA ASP G 118 47.79 18.73 6.00
C ASP G 118 47.15 18.57 7.40
N PRO G 119 47.91 17.91 8.30
CA PRO G 119 47.42 17.51 9.61
C PRO G 119 47.10 18.74 10.45
N ALA G 120 45.98 18.70 11.15
CA ALA G 120 45.56 19.81 12.01
C ALA G 120 44.66 19.35 13.15
N VAL G 121 44.61 20.16 14.21
CA VAL G 121 43.66 19.98 15.31
C VAL G 121 42.76 21.22 15.41
N TYR G 122 41.47 21.01 15.22
CA TYR G 122 40.49 22.11 15.24
C TYR G 122 39.55 22.05 16.45
N GLN G 123 39.17 23.22 16.95
CA GLN G 123 38.23 23.35 18.06
C GLN G 123 36.79 23.51 17.56
N LEU G 124 35.90 22.67 18.08
CA LEU G 124 34.46 22.75 17.75
C LEU G 124 33.62 23.10 18.97
N ARG G 125 32.67 24.02 18.78
CA ARG G 125 31.54 24.17 19.70
C ARG G 125 30.27 24.54 18.96
N SER G 129 24.46 25.06 24.17
CA SER G 129 23.34 24.15 23.98
C SER G 129 23.35 23.07 25.06
N SER G 130 24.29 22.13 24.93
CA SER G 130 24.63 21.17 25.98
C SER G 130 26.13 20.96 26.01
N ASP G 131 26.66 20.65 27.19
CA ASP G 131 28.11 20.69 27.45
C ASP G 131 28.90 19.58 26.74
N LYS G 132 30.10 19.29 27.26
CA LYS G 132 31.23 18.72 26.52
C LYS G 132 31.93 19.77 25.65
N SER G 133 33.12 19.43 25.14
CA SER G 133 33.85 20.29 24.20
C SER G 133 34.82 19.45 23.37
N VAL G 134 34.73 19.58 22.03
CA VAL G 134 35.43 18.63 21.17
C VAL G 134 36.64 19.23 20.45
N CYS G 135 37.73 18.48 20.44
CA CYS G 135 38.82 18.71 19.50
C CYS G 135 38.84 17.63 18.40
N LEU G 136 39.34 18.02 17.24
CA LEU G 136 39.33 17.14 16.06
C LEU G 136 40.71 17.12 15.40
N PHE G 137 41.39 15.99 15.52
CA PHE G 137 42.64 15.74 14.80
C PHE G 137 42.31 15.14 13.45
N THR G 138 42.73 15.80 12.39
CA THR G 138 42.29 15.42 11.05
C THR G 138 43.29 15.75 9.95
N ASP G 139 43.09 15.11 8.79
CA ASP G 139 43.90 15.31 7.59
C ASP G 139 45.37 14.91 7.77
N PHE G 140 45.60 13.92 8.63
CA PHE G 140 46.92 13.34 8.82
C PHE G 140 47.09 12.09 7.96
N ASP G 141 48.32 11.79 7.57
CA ASP G 141 48.62 10.62 6.74
C ASP G 141 48.37 9.31 7.49
N SER G 142 48.15 8.24 6.74
CA SER G 142 47.72 6.95 7.31
C SER G 142 48.82 6.23 8.11
N GLN G 143 49.94 6.92 8.34
CA GLN G 143 51.04 6.35 9.11
C GLN G 143 51.09 6.87 10.55
N THR G 144 50.07 7.63 10.93
CA THR G 144 50.02 8.24 12.26
C THR G 144 49.07 7.50 13.19
N ASN G 145 49.63 6.95 14.27
CA ASN G 145 48.86 6.28 15.31
C ASN G 145 48.33 7.25 16.35
N VAL G 146 47.07 7.07 16.73
CA VAL G 146 46.47 7.84 17.82
C VAL G 146 46.42 7.01 19.10
N SER G 147 47.05 7.53 20.16
CA SER G 147 47.14 6.82 21.44
C SER G 147 46.07 7.29 22.43
N GLN G 148 45.86 6.52 23.50
CA GLN G 148 44.83 6.85 24.49
C GLN G 148 45.24 8.02 25.41
N SER G 149 44.28 8.48 26.21
CA SER G 149 44.37 9.76 26.92
C SER G 149 45.36 9.74 28.09
N LYS G 150 45.97 10.90 28.33
CA LYS G 150 46.87 11.10 29.48
C LYS G 150 46.09 11.12 30.79
N ASP G 151 45.22 12.11 30.93
CA ASP G 151 44.24 12.17 32.02
C ASP G 151 43.07 11.26 31.68
N SER G 152 42.72 10.36 32.61
CA SER G 152 41.78 9.28 32.34
C SER G 152 40.33 9.75 32.19
N ASP G 153 40.07 11.01 32.52
CA ASP G 153 38.75 11.61 32.33
C ASP G 153 38.68 12.48 31.06
N VAL G 154 39.58 12.18 30.12
CA VAL G 154 39.48 12.66 28.74
C VAL G 154 39.28 11.46 27.80
N TYR G 155 38.58 11.67 26.70
CA TYR G 155 38.19 10.59 25.82
C TYR G 155 38.68 10.80 24.38
N ILE G 156 39.38 9.81 23.84
CA ILE G 156 39.96 9.89 22.51
C ILE G 156 39.61 8.65 21.68
N THR G 157 38.92 8.87 20.56
CA THR G 157 38.53 7.81 19.63
C THR G 157 39.72 7.35 18.79
N ASP G 158 39.60 6.19 18.16
CA ASP G 158 40.60 5.75 17.18
C ASP G 158 40.43 6.50 15.85
N LYS G 159 41.43 6.39 14.98
CA LYS G 159 41.38 7.01 13.65
C LYS G 159 40.39 6.28 12.73
N THR G 160 39.65 7.05 11.93
CA THR G 160 38.73 6.49 10.94
C THR G 160 38.79 7.22 9.60
N VAL G 161 38.40 6.51 8.53
CA VAL G 161 38.40 7.06 7.18
C VAL G 161 37.03 7.61 6.83
N LEU G 162 37.00 8.80 6.24
CA LEU G 162 35.79 9.27 5.56
C LEU G 162 36.00 9.43 4.07
N ASP G 163 35.00 8.99 3.31
CA ASP G 163 35.04 9.05 1.85
C ASP G 163 34.06 10.13 1.38
N MET G 164 34.61 11.20 0.81
CA MET G 164 33.81 12.19 0.09
C MET G 164 33.75 11.80 -1.38
N ARG G 165 32.69 11.08 -1.75
CA ARG G 165 32.53 10.54 -3.11
C ARG G 165 32.37 11.64 -4.15
N SER G 166 31.69 12.71 -3.77
CA SER G 166 31.43 13.86 -4.63
C SER G 166 32.71 14.59 -5.06
N MET G 167 33.76 14.47 -4.26
CA MET G 167 35.04 15.13 -4.55
C MET G 167 36.17 14.14 -4.82
N ASP G 168 35.88 12.85 -4.71
CA ASP G 168 36.89 11.78 -4.68
C ASP G 168 38.03 12.12 -3.73
N PHE G 169 37.69 12.23 -2.45
CA PHE G 169 38.64 12.64 -1.44
C PHE G 169 38.46 11.84 -0.15
N LYS G 170 39.55 11.26 0.34
CA LYS G 170 39.53 10.54 1.62
C LYS G 170 40.36 11.28 2.69
N SER G 171 39.91 11.19 3.93
CA SER G 171 40.63 11.79 5.05
C SER G 171 40.56 10.95 6.32
N ASN G 172 41.67 10.90 7.06
CA ASN G 172 41.68 10.36 8.41
C ASN G 172 41.23 11.36 9.46
N SER G 173 40.62 10.86 10.53
CA SER G 173 40.19 11.71 11.65
C SER G 173 40.10 10.96 12.98
N ALA G 174 40.44 11.67 14.06
CA ALA G 174 40.20 11.21 15.43
C ALA G 174 39.63 12.37 16.25
N VAL G 175 38.76 12.05 17.21
CA VAL G 175 38.12 13.05 18.06
C VAL G 175 38.59 12.91 19.51
N ALA G 176 38.91 14.05 20.13
CA ALA G 176 39.17 14.12 21.56
C ALA G 176 38.19 15.08 22.23
N TRP G 177 37.57 14.64 23.32
CA TRP G 177 36.63 15.47 24.06
C TRP G 177 36.72 15.31 25.56
N SER G 178 36.33 16.37 26.28
CA SER G 178 36.16 16.32 27.73
C SER G 178 35.16 17.39 28.20
N ASN G 179 34.45 17.10 29.29
CA ASN G 179 33.62 18.10 29.96
C ASN G 179 34.36 18.85 31.06
N LYS G 180 35.65 18.56 31.19
CA LYS G 180 36.58 19.36 31.98
C LYS G 180 36.56 20.82 31.56
N SER G 181 36.55 21.71 32.54
CA SER G 181 36.48 23.15 32.30
C SER G 181 37.76 23.71 31.68
N ASP G 182 38.90 23.11 32.02
CA ASP G 182 40.21 23.62 31.60
C ASP G 182 40.78 22.91 30.36
N PHE G 183 39.98 22.03 29.77
CA PHE G 183 40.42 21.17 28.67
C PHE G 183 40.71 21.98 27.40
N ALA G 184 41.97 21.94 26.98
CA ALA G 184 42.45 22.76 25.86
C ALA G 184 42.81 21.91 24.65
N CYS G 185 42.45 22.42 23.47
CA CYS G 185 42.77 21.77 22.20
C CYS G 185 44.27 21.72 21.93
N ALA G 186 44.99 22.73 22.40
CA ALA G 186 46.41 22.90 22.12
C ALA G 186 47.23 21.68 22.53
N ASN G 187 46.96 21.16 23.72
CA ASN G 187 47.61 19.95 24.22
C ASN G 187 46.61 18.82 24.52
N ALA G 188 45.63 18.68 23.64
CA ALA G 188 44.56 17.70 23.81
C ALA G 188 45.06 16.27 23.60
N PHE G 189 46.03 16.11 22.70
CA PHE G 189 46.44 14.78 22.25
C PHE G 189 47.70 14.28 22.93
N ASN G 190 48.79 15.06 22.84
CA ASN G 190 50.03 14.81 23.59
C ASN G 190 50.58 13.37 23.50
N ASN G 191 50.34 12.74 22.35
CA ASN G 191 50.76 11.36 22.11
C ASN G 191 51.12 11.12 20.64
N SER G 192 52.35 11.53 20.29
CA SER G 192 53.01 11.22 19.01
C SER G 192 52.22 11.59 17.75
N ILE G 193 52.25 12.88 17.42
CA ILE G 193 51.65 13.40 16.20
C ILE G 193 52.73 13.99 15.29
N ILE G 194 52.38 14.20 14.02
CA ILE G 194 53.26 14.94 13.10
C ILE G 194 53.39 16.41 13.53
N PRO G 195 54.64 16.90 13.69
CA PRO G 195 54.85 18.24 14.25
C PRO G 195 54.70 19.37 13.21
N GLU G 196 53.47 19.58 12.73
CA GLU G 196 53.22 20.52 11.66
C GLU G 196 51.89 21.28 11.81
N ASP G 197 50.99 20.72 12.63
CA ASP G 197 49.56 21.00 12.57
C ASP G 197 49.19 22.46 12.81
N THR G 198 48.15 22.94 12.12
CA THR G 198 47.58 24.26 12.39
C THR G 198 46.72 24.21 13.66
N PHE G 199 46.77 25.29 14.44
CA PHE G 199 45.92 25.44 15.60
C PHE G 199 45.21 26.78 15.51
N PHE G 200 45.89 27.83 16.01
CA PHE G 200 45.39 29.21 16.08
C PHE G 200 44.30 29.43 17.15
N PRO G 201 44.13 30.68 17.63
CA PRO G 201 43.35 30.89 18.85
C PRO G 201 41.84 30.71 18.66
N SER G 202 41.16 30.36 19.76
CA SER G 202 39.71 30.42 19.85
C SER G 202 39.19 31.87 19.83
N ASP H 2 21.25 -42.15 12.58
CA ASP H 2 22.11 -41.60 13.67
C ASP H 2 22.80 -40.28 13.26
N PHE H 3 24.12 -40.30 13.09
CA PHE H 3 24.82 -39.05 12.83
C PHE H 3 25.14 -38.85 11.35
N ALA H 4 26.14 -39.57 10.83
CA ALA H 4 26.55 -39.43 9.44
C ALA H 4 25.34 -39.50 8.51
N ARG H 5 25.28 -38.57 7.55
CA ARG H 5 24.13 -38.48 6.63
C ARG H 5 24.46 -38.97 5.24
N VAL H 6 23.59 -39.83 4.71
CA VAL H 6 23.54 -40.10 3.28
C VAL H 6 23.06 -38.85 2.55
N HIS H 7 23.90 -38.32 1.67
CA HIS H 7 23.50 -37.23 0.80
C HIS H 7 22.66 -37.73 -0.38
N PHE H 8 21.83 -36.84 -0.90
CA PHE H 8 21.13 -37.09 -2.16
C PHE H 8 21.46 -36.02 -3.19
N ILE H 9 21.42 -36.38 -4.47
CA ILE H 9 21.53 -35.41 -5.55
C ILE H 9 20.19 -34.70 -5.71
N SER H 10 20.22 -33.37 -5.64
CA SER H 10 19.00 -32.57 -5.81
C SER H 10 18.51 -32.65 -7.24
N ALA H 11 17.21 -32.90 -7.39
CA ALA H 11 16.57 -33.00 -8.70
C ALA H 11 16.60 -31.67 -9.42
N LEU H 12 17.07 -31.70 -10.66
CA LEU H 12 17.12 -30.52 -11.52
C LEU H 12 15.75 -30.26 -12.11
N HIS H 13 15.45 -28.99 -12.37
CA HIS H 13 14.30 -28.65 -13.18
C HIS H 13 14.63 -28.79 -14.66
N GLY H 14 13.71 -29.37 -15.42
CA GLY H 14 13.83 -29.49 -16.87
C GLY H 14 13.69 -28.16 -17.61
N SER H 15 13.83 -28.23 -18.94
CA SER H 15 13.88 -27.05 -19.79
C SER H 15 12.51 -26.38 -19.95
N GLY H 16 12.37 -25.20 -19.34
CA GLY H 16 11.07 -24.54 -19.18
C GLY H 16 10.44 -24.82 -17.82
N GLY H 17 11.29 -25.07 -16.83
CA GLY H 17 10.85 -25.41 -15.48
C GLY H 17 11.61 -24.66 -14.41
N VAL H 26 16.18 -16.68 2.61
CA VAL H 26 16.49 -15.73 3.69
C VAL H 26 16.04 -16.29 5.03
N VAL H 27 16.88 -16.14 6.05
CA VAL H 27 16.50 -16.49 7.42
C VAL H 27 16.45 -15.24 8.30
N SER H 28 15.47 -15.17 9.19
CA SER H 28 15.33 -14.04 10.11
C SER H 28 15.54 -14.46 11.57
N GLN H 29 16.24 -13.60 12.31
CA GLN H 29 16.54 -13.86 13.72
C GLN H 29 15.95 -12.75 14.59
N HIS H 30 15.11 -13.14 15.54
CA HIS H 30 14.42 -12.19 16.41
C HIS H 30 14.39 -12.68 17.86
N PRO H 31 14.77 -11.82 18.82
CA PRO H 31 15.05 -10.40 18.64
C PRO H 31 16.49 -10.09 18.23
N SER H 32 16.70 -8.90 17.68
CA SER H 32 18.02 -8.44 17.25
C SER H 32 18.93 -8.06 18.43
N TRP H 33 18.37 -7.35 19.41
CA TRP H 33 19.11 -6.99 20.62
C TRP H 33 18.34 -7.40 21.87
N VAL H 34 19.07 -7.82 22.90
CA VAL H 34 18.48 -8.21 24.19
C VAL H 34 19.22 -7.56 25.36
N ILE H 35 18.46 -7.13 26.37
CA ILE H 35 19.01 -6.85 27.69
C ILE H 35 18.17 -7.55 28.75
N SER H 36 18.79 -8.48 29.47
CA SER H 36 18.11 -9.30 30.45
C SER H 36 18.79 -9.14 31.80
N LYS H 37 18.02 -9.20 32.88
CA LYS H 37 18.59 -9.33 34.22
C LYS H 37 19.16 -10.72 34.40
N SER H 38 20.33 -10.82 35.02
CA SER H 38 20.96 -12.13 35.26
C SER H 38 20.09 -12.99 36.16
N GLY H 39 19.73 -14.17 35.67
CA GLY H 39 18.78 -15.04 36.36
C GLY H 39 17.50 -15.29 35.58
N THR H 40 17.23 -14.45 34.59
CA THR H 40 16.05 -14.60 33.74
C THR H 40 16.40 -15.32 32.45
N SER H 41 15.41 -16.01 31.87
CA SER H 41 15.59 -16.72 30.61
C SER H 41 15.58 -15.78 29.40
N VAL H 42 16.33 -16.14 28.38
CA VAL H 42 16.39 -15.38 27.14
C VAL H 42 16.02 -16.30 25.97
N LYS H 43 15.11 -15.85 25.12
CA LYS H 43 14.55 -16.67 24.05
C LYS H 43 14.84 -16.05 22.69
N ILE H 44 15.49 -16.81 21.80
CA ILE H 44 15.79 -16.34 20.44
C ILE H 44 15.16 -17.27 19.39
N GLU H 45 14.46 -16.66 18.44
CA GLU H 45 13.76 -17.38 17.36
C GLU H 45 14.53 -17.30 16.05
N CYS H 46 14.63 -18.44 15.37
CA CYS H 46 15.25 -18.51 14.05
C CYS H 46 14.28 -19.07 13.02
N ARG H 47 13.89 -18.24 12.06
CA ARG H 47 12.88 -18.60 11.07
C ARG H 47 13.45 -18.62 9.66
N SER H 48 13.14 -19.68 8.91
CA SER H 48 13.35 -19.67 7.46
C SER H 48 12.08 -19.24 6.76
N LEU H 49 12.22 -18.30 5.83
CA LEU H 49 11.08 -17.55 5.30
C LEU H 49 10.66 -18.05 3.92
N ASP H 50 11.63 -18.19 3.01
CA ASP H 50 11.30 -18.62 1.64
C ASP H 50 11.60 -20.09 1.35
N PHE H 51 12.19 -20.79 2.32
CA PHE H 51 12.51 -22.20 2.16
C PHE H 51 12.23 -22.98 3.43
N GLN H 52 12.51 -24.29 3.38
CA GLN H 52 12.21 -25.18 4.50
C GLN H 52 13.48 -25.80 5.04
N ALA H 53 13.61 -25.79 6.35
CA ALA H 53 14.77 -26.38 7.00
C ALA H 53 14.39 -27.57 7.87
N THR H 54 15.03 -28.70 7.61
CA THR H 54 14.98 -29.87 8.49
C THR H 54 15.86 -29.67 9.72
N THR H 55 16.81 -28.75 9.62
CA THR H 55 17.93 -28.70 10.55
C THR H 55 18.51 -27.28 10.62
N MET H 56 18.67 -26.76 11.83
CA MET H 56 19.24 -25.43 12.06
C MET H 56 20.42 -25.47 13.02
N PHE H 57 21.24 -24.41 13.01
CA PHE H 57 22.51 -24.37 13.72
C PHE H 57 22.68 -23.08 14.52
N TRP H 58 23.11 -23.21 15.76
CA TRP H 58 23.33 -22.04 16.62
C TRP H 58 24.80 -21.82 16.92
N TYR H 59 25.29 -20.63 16.57
CA TYR H 59 26.68 -20.25 16.79
C TYR H 59 26.77 -19.14 17.82
N ARG H 60 27.81 -19.22 18.66
CA ARG H 60 28.13 -18.16 19.61
C ARG H 60 29.51 -17.55 19.31
N GLN H 61 29.63 -16.24 19.52
CA GLN H 61 30.89 -15.53 19.26
C GLN H 61 31.13 -14.47 20.33
N PHE H 62 32.35 -14.43 20.86
CA PHE H 62 32.78 -13.42 21.82
C PHE H 62 33.60 -12.33 21.13
N PRO H 63 33.60 -11.09 21.70
CA PRO H 63 34.14 -9.89 21.05
C PRO H 63 35.28 -10.13 20.06
N LYS H 64 36.39 -10.68 20.54
CA LYS H 64 37.58 -10.87 19.70
C LYS H 64 37.55 -12.16 18.89
N GLN H 65 37.11 -13.26 19.49
CA GLN H 65 37.36 -14.59 18.94
C GLN H 65 36.40 -15.01 17.83
N SER H 66 36.49 -16.28 17.42
CA SER H 66 35.80 -16.83 16.27
C SER H 66 34.44 -17.42 16.64
N LEU H 67 33.68 -17.86 15.63
CA LEU H 67 32.35 -18.43 15.84
C LEU H 67 32.42 -19.88 16.28
N MET H 68 32.00 -20.14 17.50
CA MET H 68 31.84 -21.50 17.99
C MET H 68 30.44 -22.03 17.69
N LEU H 69 30.39 -23.12 16.92
CA LEU H 69 29.18 -23.92 16.80
C LEU H 69 28.87 -24.52 18.15
N MET H 70 27.60 -24.50 18.53
CA MET H 70 27.23 -24.98 19.85
C MET H 70 26.18 -26.08 19.82
N ALA H 71 25.14 -25.89 19.03
CA ALA H 71 24.12 -26.92 18.87
C ALA H 71 23.65 -27.08 17.43
N THR H 72 23.24 -28.29 17.10
CA THR H 72 22.46 -28.59 15.91
C THR H 72 21.03 -28.86 16.36
N SER H 73 20.06 -28.16 15.77
CA SER H 73 18.65 -28.47 16.02
C SER H 73 18.08 -29.28 14.88
N ASN H 74 17.28 -30.29 15.22
CA ASN H 74 16.58 -31.10 14.24
C ASN H 74 15.08 -31.12 14.47
N GLU H 75 14.31 -31.22 13.39
CA GLU H 75 12.87 -31.48 13.45
C GLU H 75 12.63 -32.99 13.52
N GLY H 76 12.15 -33.46 14.68
CA GLY H 76 12.24 -32.74 15.93
C GLY H 76 11.54 -33.41 17.09
N SER H 77 11.97 -34.61 17.51
CA SER H 77 13.36 -35.11 17.49
C SER H 77 14.36 -34.20 18.23
N LYS H 78 14.79 -34.66 19.40
CA LYS H 78 15.81 -33.99 20.21
C LYS H 78 17.12 -33.90 19.44
N ALA H 79 17.95 -32.92 19.79
CA ALA H 79 19.18 -32.65 19.04
C ALA H 79 19.88 -31.41 19.60
N THR H 80 21.16 -31.20 19.27
CA THR H 80 22.27 -32.17 19.29
C THR H 80 23.54 -31.35 19.50
N TYR H 81 24.10 -31.43 20.70
CA TYR H 81 25.07 -30.43 21.17
C TYR H 81 26.51 -30.84 20.88
N GLU H 82 27.38 -29.86 20.74
CA GLU H 82 28.70 -30.08 20.19
C GLU H 82 29.72 -30.58 21.21
N GLN H 83 30.92 -30.88 20.72
CA GLN H 83 31.92 -31.64 21.45
C GLN H 83 32.46 -30.91 22.69
N GLY H 84 32.09 -29.64 22.83
CA GLY H 84 32.07 -28.99 24.14
C GLY H 84 31.05 -29.68 25.03
N VAL H 85 29.85 -29.11 25.15
CA VAL H 85 29.64 -27.66 25.19
C VAL H 85 29.27 -27.36 26.63
N GLU H 86 27.97 -27.23 26.88
CA GLU H 86 27.42 -27.08 28.23
C GLU H 86 25.91 -27.33 28.23
N LYS H 87 25.51 -28.47 28.81
CA LYS H 87 24.16 -28.65 29.35
C LYS H 87 23.09 -28.52 28.22
N ASP H 88 21.94 -27.86 28.37
CA ASP H 88 21.09 -27.71 29.58
C ASP H 88 21.20 -26.34 30.23
N LYS H 89 22.25 -25.60 29.86
CA LYS H 89 22.29 -24.17 30.15
C LYS H 89 21.45 -23.44 29.09
N PHE H 90 21.21 -24.12 27.98
CA PHE H 90 20.13 -23.75 27.05
C PHE H 90 19.28 -24.93 26.60
N LEU H 91 18.06 -24.61 26.16
CA LEU H 91 17.17 -25.56 25.50
C LEU H 91 16.93 -25.19 24.05
N ILE H 92 16.97 -26.18 23.16
CA ILE H 92 16.63 -25.99 21.76
C ILE H 92 15.32 -26.68 21.42
N ASN H 93 14.39 -25.93 20.87
CA ASN H 93 13.14 -26.49 20.36
C ASN H 93 13.01 -26.28 18.84
N HIS H 94 12.99 -27.40 18.12
CA HIS H 94 12.79 -27.38 16.67
C HIS H 94 11.66 -28.32 16.34
N ALA H 95 10.47 -27.77 16.15
CA ALA H 95 9.30 -28.59 15.83
C ALA H 95 8.36 -27.86 14.86
N SER H 96 8.92 -27.36 13.76
CA SER H 96 8.20 -26.45 12.88
C SER H 96 8.54 -26.62 11.41
N LEU H 97 9.76 -27.07 11.13
CA LEU H 97 10.30 -27.16 9.76
C LEU H 97 10.53 -25.77 9.15
N THR H 98 10.40 -24.74 9.98
CA THR H 98 10.52 -23.35 9.55
C THR H 98 11.02 -22.48 10.71
N LEU H 99 10.99 -23.03 11.92
CA LEU H 99 11.25 -22.29 13.13
C LEU H 99 11.98 -23.14 14.16
N SER H 100 13.16 -22.67 14.56
CA SER H 100 13.93 -23.26 15.65
C SER H 100 14.17 -22.21 16.72
N THR H 101 13.98 -22.58 17.98
CA THR H 101 14.11 -21.64 19.08
C THR H 101 15.21 -22.04 20.07
N LEU H 102 16.16 -21.13 20.27
CA LEU H 102 17.18 -21.26 21.30
C LEU H 102 16.71 -20.47 22.50
N THR H 103 16.50 -21.15 23.62
CA THR H 103 16.22 -20.46 24.87
C THR H 103 17.31 -20.76 25.90
N VAL H 104 18.03 -19.71 26.29
CA VAL H 104 19.07 -19.79 27.32
C VAL H 104 18.43 -19.75 28.70
N THR H 105 18.63 -20.82 29.48
CA THR H 105 17.83 -21.11 30.66
C THR H 105 17.98 -20.03 31.73
N SER H 106 19.21 -19.83 32.20
CA SER H 106 19.45 -19.05 33.42
C SER H 106 20.05 -17.68 33.12
N ALA H 107 21.14 -17.65 32.34
CA ALA H 107 21.73 -16.41 31.78
C ALA H 107 22.41 -15.52 32.82
N HIS H 108 23.73 -15.44 32.71
CA HIS H 108 24.56 -14.61 33.59
C HIS H 108 25.46 -13.71 32.75
N PRO H 109 26.12 -12.72 33.37
CA PRO H 109 26.94 -11.77 32.58
C PRO H 109 27.97 -12.42 31.64
N GLU H 110 28.48 -13.60 32.02
CA GLU H 110 29.41 -14.38 31.19
C GLU H 110 28.80 -14.86 29.87
N ASP H 111 27.48 -14.74 29.73
CA ASP H 111 26.78 -15.21 28.54
C ASP H 111 26.52 -14.10 27.52
N SER H 112 26.82 -12.86 27.92
CA SER H 112 26.71 -11.70 27.03
C SER H 112 27.63 -11.88 25.82
N SER H 113 27.02 -12.03 24.65
CA SER H 113 27.74 -12.45 23.45
C SER H 113 27.01 -12.07 22.16
N PHE H 114 27.59 -12.44 21.03
CA PHE H 114 26.89 -12.45 19.77
C PHE H 114 26.45 -13.86 19.45
N TYR H 115 25.15 -14.03 19.21
CA TYR H 115 24.60 -15.30 18.76
C TYR H 115 24.11 -15.17 17.33
N ILE H 116 24.28 -16.23 16.55
CA ILE H 116 23.81 -16.23 15.17
C ILE H 116 23.37 -17.62 14.74
N CYS H 117 22.23 -17.68 14.05
CA CYS H 117 21.67 -18.95 13.58
C CYS H 117 21.84 -19.12 12.07
N SER H 118 21.90 -20.38 11.64
CA SER H 118 21.92 -20.73 10.22
C SER H 118 20.99 -21.89 9.95
N ALA H 119 20.48 -21.96 8.72
CA ALA H 119 19.55 -23.01 8.32
C ALA H 119 19.98 -23.66 7.01
N ARG H 120 19.98 -24.99 6.98
CA ARG H 120 20.19 -25.76 5.75
C ARG H 120 18.89 -25.93 4.98
N ASP H 121 18.92 -25.50 3.72
CA ASP H 121 17.89 -25.83 2.73
C ASP H 121 17.85 -27.34 2.52
N LEU H 122 16.71 -27.96 2.80
CA LEU H 122 16.56 -29.42 2.69
C LEU H 122 16.48 -29.90 1.23
N THR H 123 16.30 -28.95 0.32
CA THR H 123 16.26 -29.20 -1.12
C THR H 123 17.65 -29.42 -1.68
N SER H 124 18.65 -28.88 -0.99
CA SER H 124 20.03 -28.84 -1.51
C SER H 124 20.67 -30.20 -1.74
N GLY H 125 20.50 -31.09 -0.77
CA GLY H 125 21.24 -32.35 -0.74
C GLY H 125 22.71 -32.08 -0.89
N ALA H 126 23.35 -32.85 -1.78
CA ALA H 126 24.81 -32.99 -1.83
C ALA H 126 25.57 -31.67 -1.72
N ASN H 127 25.09 -30.63 -2.39
CA ASN H 127 25.67 -29.30 -2.24
C ASN H 127 25.05 -28.58 -1.05
N ASN H 128 25.74 -28.62 0.08
CA ASN H 128 25.10 -28.50 1.39
C ASN H 128 24.85 -27.04 1.75
N GLU H 129 23.68 -26.53 1.37
CA GLU H 129 23.48 -25.08 1.30
C GLU H 129 22.80 -24.54 2.53
N GLN H 130 23.46 -23.61 3.20
CA GLN H 130 22.90 -22.97 4.41
C GLN H 130 22.97 -21.45 4.35
N PHE H 131 22.13 -20.82 5.17
CA PHE H 131 22.05 -19.37 5.20
C PHE H 131 21.93 -18.84 6.63
N PHE H 132 22.58 -17.70 6.86
CA PHE H 132 22.70 -17.13 8.20
C PHE H 132 21.68 -16.01 8.46
N GLY H 133 21.22 -15.90 9.70
CA GLY H 133 20.40 -14.77 10.14
C GLY H 133 21.26 -13.54 10.39
N PRO H 134 20.63 -12.36 10.50
CA PRO H 134 21.38 -11.15 10.84
C PRO H 134 22.09 -11.21 12.20
N GLY H 135 21.52 -11.97 13.15
CA GLY H 135 22.16 -12.18 14.45
C GLY H 135 21.38 -11.63 15.63
N THR H 136 21.79 -12.03 16.84
CA THR H 136 21.32 -11.44 18.09
C THR H 136 22.51 -10.99 18.93
N ARG H 137 22.44 -9.75 19.40
CA ARG H 137 23.46 -9.24 20.33
C ARG H 137 22.94 -9.12 21.75
N LEU H 138 23.15 -10.17 22.53
CA LEU H 138 22.71 -10.25 23.92
C LEU H 138 23.72 -9.62 24.86
N THR H 139 23.27 -8.75 25.75
CA THR H 139 24.02 -8.42 26.96
C THR H 139 23.15 -8.54 28.23
N VAL H 140 23.66 -9.27 29.22
CA VAL H 140 22.96 -9.47 30.48
C VAL H 140 23.68 -8.76 31.65
N THR H 141 22.89 -8.07 32.48
CA THR H 141 23.41 -7.24 33.56
C THR H 141 22.81 -7.64 34.90
N GLU H 142 23.54 -7.35 35.98
CA GLU H 142 23.17 -7.75 37.33
C GLU H 142 21.96 -6.98 37.84
N ASP H 143 21.79 -5.75 37.35
CA ASP H 143 20.56 -5.00 37.58
C ASP H 143 20.17 -4.13 36.39
N LEU H 144 18.88 -4.16 36.05
CA LEU H 144 18.31 -3.34 34.98
C LEU H 144 18.35 -1.86 35.35
N LYS H 145 18.67 -1.57 36.60
CA LYS H 145 18.99 -0.23 37.09
C LYS H 145 20.12 0.41 36.27
N ASN H 146 21.02 -0.41 35.74
CA ASN H 146 22.22 0.04 35.04
C ASN H 146 21.99 0.58 33.63
N VAL H 147 20.77 0.46 33.14
CA VAL H 147 20.48 0.74 31.74
C VAL H 147 20.23 2.23 31.52
N PHE H 148 21.01 2.83 30.63
CA PHE H 148 20.92 4.28 30.34
C PHE H 148 20.79 4.53 28.84
N PRO H 149 19.84 5.40 28.44
CA PRO H 149 19.77 5.88 27.07
C PRO H 149 20.85 6.91 26.77
N PRO H 150 21.28 7.03 25.50
CA PRO H 150 22.36 7.98 25.21
C PRO H 150 21.88 9.41 25.22
N GLU H 151 22.73 10.29 25.74
CA GLU H 151 22.62 11.72 25.52
C GLU H 151 23.40 12.06 24.26
N VAL H 152 22.79 12.86 23.38
CA VAL H 152 23.33 13.07 22.05
C VAL H 152 23.43 14.55 21.71
N ALA H 153 24.64 14.99 21.37
CA ALA H 153 24.90 16.39 21.01
C ALA H 153 25.60 16.47 19.66
N VAL H 154 25.36 17.55 18.92
CA VAL H 154 26.01 17.79 17.63
C VAL H 154 26.83 19.09 17.66
N PHE H 155 28.07 19.00 17.19
CA PHE H 155 29.01 20.11 17.31
C PHE H 155 29.35 20.74 15.96
N GLU H 156 29.10 22.04 15.85
CA GLU H 156 29.24 22.76 14.58
C GLU H 156 30.72 22.99 14.24
N PRO H 157 31.06 22.91 12.94
CA PRO H 157 32.46 22.88 12.47
C PRO H 157 33.27 24.14 12.79
N SER H 158 34.58 23.96 12.97
CA SER H 158 35.51 25.03 13.29
C SER H 158 35.57 26.07 12.18
N GLU H 159 35.71 27.34 12.57
CA GLU H 159 35.91 28.42 11.61
C GLU H 159 37.33 28.39 11.05
N ALA H 160 38.26 27.82 11.81
CA ALA H 160 39.61 27.55 11.34
C ALA H 160 39.62 26.53 10.20
N GLU H 161 38.80 25.49 10.34
CA GLU H 161 38.66 24.44 9.32
C GLU H 161 38.28 25.03 7.96
N ILE H 162 37.19 25.80 7.92
CA ILE H 162 36.66 26.35 6.68
C ILE H 162 37.64 27.33 6.03
N SER H 163 38.36 28.09 6.84
CA SER H 163 39.35 29.04 6.36
C SER H 163 40.52 28.36 5.65
N HIS H 164 40.87 27.17 6.13
CA HIS H 164 42.17 26.58 5.86
C HIS H 164 42.08 25.29 5.03
N THR H 165 40.94 24.61 5.13
CA THR H 165 40.69 23.39 4.34
C THR H 165 39.59 23.54 3.30
N GLN H 166 38.84 24.64 3.38
CA GLN H 166 37.62 24.84 2.58
C GLN H 166 36.68 23.63 2.71
N LYS H 167 36.51 23.17 3.95
CA LYS H 167 35.70 21.99 4.27
C LYS H 167 35.11 22.11 5.68
N ALA H 168 33.98 21.45 5.92
CA ALA H 168 33.29 21.53 7.20
C ALA H 168 33.00 20.15 7.79
N THR H 169 33.57 19.87 8.96
CA THR H 169 33.31 18.62 9.67
C THR H 169 32.43 18.84 10.90
N LEU H 170 31.18 18.41 10.81
CA LEU H 170 30.31 18.23 11.98
C LEU H 170 30.70 16.97 12.72
N VAL H 171 30.71 17.03 14.06
CA VAL H 171 30.88 15.82 14.88
C VAL H 171 29.69 15.60 15.82
N CYS H 172 29.20 14.36 15.83
CA CYS H 172 28.14 13.96 16.73
C CYS H 172 28.66 13.09 17.87
N LEU H 173 28.03 13.22 19.03
CA LEU H 173 28.55 12.65 20.26
C LEU H 173 27.43 12.00 21.08
N ALA H 174 27.36 10.68 21.02
CA ALA H 174 26.35 9.92 21.75
C ALA H 174 26.97 9.40 23.04
N THR H 175 26.39 9.81 24.16
CA THR H 175 27.08 9.81 25.46
C THR H 175 26.34 9.02 26.53
N GLY H 176 27.07 8.15 27.22
CA GLY H 176 26.66 7.62 28.51
C GLY H 176 25.53 6.63 28.45
N PHE H 177 25.66 5.64 27.56
CA PHE H 177 24.59 4.67 27.33
C PHE H 177 25.00 3.24 27.72
N TYR H 178 24.05 2.53 28.32
CA TYR H 178 24.18 1.11 28.58
C TYR H 178 22.85 0.44 28.23
N PRO H 179 22.89 -0.67 27.47
CA PRO H 179 24.07 -1.37 26.98
C PRO H 179 24.62 -0.79 25.66
N ASP H 180 25.41 -1.61 24.96
CA ASP H 180 26.13 -1.22 23.76
C ASP H 180 25.24 -1.33 22.50
N HIS H 181 23.99 -0.89 22.59
CA HIS H 181 23.02 -1.21 21.55
C HIS H 181 22.50 0.03 20.81
N VAL H 182 23.34 0.54 19.90
CA VAL H 182 23.02 1.76 19.17
C VAL H 182 23.23 1.59 17.68
N GLU H 183 22.56 2.45 16.90
CA GLU H 183 22.95 2.69 15.52
C GLU H 183 22.76 4.16 15.16
N LEU H 184 23.87 4.82 14.84
CA LEU H 184 23.91 6.25 14.53
C LEU H 184 23.72 6.49 13.04
N SER H 185 22.93 7.50 12.72
CA SER H 185 22.64 7.86 11.34
C SER H 185 22.55 9.37 11.19
N TRP H 186 23.25 9.92 10.20
CA TRP H 186 23.15 11.33 9.87
C TRP H 186 22.00 11.59 8.90
N TRP H 187 21.31 12.71 9.09
CA TRP H 187 20.19 13.09 8.23
C TRP H 187 20.32 14.54 7.77
N VAL H 188 20.46 14.75 6.45
CA VAL H 188 20.44 16.10 5.89
C VAL H 188 19.16 16.41 5.10
N ASN H 189 18.48 17.49 5.50
CA ASN H 189 17.22 17.94 4.89
C ASN H 189 16.17 16.84 4.68
N GLY H 190 15.94 16.06 5.73
CA GLY H 190 14.86 15.07 5.72
C GLY H 190 15.29 13.67 5.30
N LYS H 191 16.30 13.59 4.43
CA LYS H 191 16.82 12.28 4.00
C LYS H 191 18.15 11.97 4.67
N GLU H 192 18.38 10.68 4.95
CA GLU H 192 19.65 10.26 5.54
C GLU H 192 20.74 10.14 4.48
N VAL H 193 21.97 10.50 4.84
CA VAL H 193 23.12 10.38 3.95
C VAL H 193 24.19 9.47 4.54
N HIS H 194 24.80 8.65 3.68
CA HIS H 194 26.01 7.94 4.03
C HIS H 194 27.22 8.56 3.32
N SER H 195 26.97 9.63 2.57
CA SER H 195 27.81 10.02 1.45
C SER H 195 28.93 11.01 1.84
N GLY H 196 29.30 10.97 3.12
CA GLY H 196 30.48 11.67 3.63
C GLY H 196 30.70 11.42 5.11
N VAL H 197 30.41 10.19 5.54
CA VAL H 197 30.17 9.88 6.95
C VAL H 197 31.26 8.97 7.51
N SER H 198 31.68 9.23 8.75
CA SER H 198 32.51 8.29 9.49
C SER H 198 32.04 8.15 10.95
N THR H 199 31.48 6.99 11.27
CA THR H 199 31.23 6.59 12.65
C THR H 199 32.32 5.62 13.07
N ASP H 200 32.96 5.87 14.21
CA ASP H 200 33.97 4.94 14.71
C ASP H 200 33.37 3.56 14.95
N PRO H 201 34.08 2.49 14.52
CA PRO H 201 33.50 1.16 14.43
C PRO H 201 33.04 0.62 15.78
N GLN H 202 33.80 0.89 16.84
CA GLN H 202 33.42 0.50 18.18
C GLN H 202 33.46 1.68 19.15
N PRO H 203 32.49 1.75 20.09
CA PRO H 203 32.49 2.81 21.10
C PRO H 203 33.52 2.56 22.19
N LEU H 204 33.53 3.42 23.22
CA LEU H 204 34.53 3.34 24.28
C LEU H 204 33.92 3.47 25.68
N LYS H 205 34.29 2.55 26.56
CA LYS H 205 33.87 2.57 27.97
C LYS H 205 34.28 3.88 28.64
N GLU H 206 33.33 4.54 29.30
CA GLU H 206 33.63 5.78 30.02
C GLU H 206 34.30 5.53 31.39
N GLN H 207 34.07 4.35 31.95
CA GLN H 207 34.81 3.88 33.11
C GLN H 207 35.41 2.51 32.83
N PRO H 208 36.53 2.47 32.08
CA PRO H 208 37.07 1.23 31.52
C PRO H 208 37.29 0.13 32.56
N ALA H 209 37.71 0.51 33.77
CA ALA H 209 37.87 -0.42 34.88
C ALA H 209 36.55 -1.12 35.23
N LEU H 210 35.46 -0.35 35.21
CA LEU H 210 34.17 -0.82 35.72
C LEU H 210 33.54 -1.89 34.82
N ASN H 211 33.23 -3.03 35.43
CA ASN H 211 32.73 -4.22 34.74
C ASN H 211 31.62 -3.97 33.72
N ASP H 212 30.71 -3.05 34.05
CA ASP H 212 29.62 -2.69 33.13
C ASP H 212 29.40 -1.16 33.09
N SER H 213 30.47 -0.45 32.77
CA SER H 213 30.42 0.99 32.60
C SER H 213 29.54 1.37 31.43
N ARG H 214 29.18 2.65 31.35
CA ARG H 214 28.48 3.21 30.20
C ARG H 214 29.42 3.39 29.02
N TYR H 215 28.84 3.64 27.85
CA TYR H 215 29.62 3.80 26.62
C TYR H 215 29.45 5.18 26.02
N SER H 216 30.41 5.58 25.20
CA SER H 216 30.27 6.75 24.34
C SER H 216 30.81 6.50 22.94
N LEU H 217 30.10 7.05 21.96
CA LEU H 217 30.37 6.81 20.55
C LEU H 217 30.39 8.15 19.85
N SER H 218 31.19 8.27 18.79
CA SER H 218 31.16 9.48 17.97
C SER H 218 30.96 9.20 16.49
N SER H 219 30.55 10.23 15.76
CA SER H 219 30.57 10.20 14.31
C SER H 219 30.86 11.58 13.74
N ARG H 220 31.44 11.61 12.55
CA ARG H 220 31.63 12.87 11.82
C ARG H 220 30.95 12.86 10.46
N LEU H 221 30.17 13.89 10.19
CA LEU H 221 29.69 14.20 8.86
C LEU H 221 30.55 15.32 8.32
N ARG H 222 31.23 15.06 7.20
CA ARG H 222 31.99 16.09 6.53
C ARG H 222 31.58 16.17 5.08
N VAL H 223 30.61 17.03 4.82
CA VAL H 223 30.34 17.50 3.48
C VAL H 223 30.42 19.02 3.47
N SER H 224 30.71 19.56 2.28
CA SER H 224 30.65 20.98 1.97
C SER H 224 31.79 21.86 2.46
N ALA H 225 31.95 22.98 1.77
CA ALA H 225 32.34 24.23 2.41
C ALA H 225 31.18 25.22 2.29
N THR H 226 30.86 25.59 1.05
CA THR H 226 29.69 26.42 0.74
C THR H 226 28.38 25.82 1.23
N PHE H 227 28.33 24.49 1.30
CA PHE H 227 27.10 23.76 1.67
C PHE H 227 26.70 23.98 3.13
N TRP H 228 27.67 23.98 4.04
CA TRP H 228 27.41 24.31 5.45
C TRP H 228 26.98 25.76 5.60
N GLN H 229 27.38 26.60 4.66
CA GLN H 229 27.28 28.05 4.81
C GLN H 229 26.02 28.65 4.18
N ASN H 230 24.97 27.84 4.02
CA ASN H 230 23.64 28.37 3.75
C ASN H 230 22.58 27.87 4.72
N PRO H 231 21.84 28.81 5.34
CA PRO H 231 21.01 28.52 6.51
C PRO H 231 19.76 27.70 6.20
N ARG H 232 19.58 27.34 4.92
CA ARG H 232 18.45 26.53 4.50
C ARG H 232 18.66 25.04 4.78
N ASN H 233 19.92 24.66 5.01
CA ASN H 233 20.28 23.26 5.24
C ASN H 233 20.11 22.82 6.70
N HIS H 234 19.55 21.62 6.88
CA HIS H 234 19.19 21.12 8.20
C HIS H 234 19.90 19.81 8.50
N PHE H 235 20.86 19.86 9.41
CA PHE H 235 21.68 18.71 9.76
C PHE H 235 21.19 18.08 11.06
N ARG H 236 21.12 16.76 11.09
CA ARG H 236 20.58 16.04 12.24
C ARG H 236 21.30 14.74 12.50
N CYS H 237 21.74 14.57 13.74
CA CYS H 237 22.32 13.32 14.21
C CYS H 237 21.28 12.50 14.97
N GLN H 238 21.11 11.25 14.56
CA GLN H 238 20.07 10.39 15.10
C GLN H 238 20.65 9.12 15.70
N VAL H 239 20.32 8.83 16.95
CA VAL H 239 20.81 7.61 17.62
C VAL H 239 19.67 6.69 18.06
N GLN H 240 19.50 5.58 17.36
CA GLN H 240 18.56 4.55 17.77
C GLN H 240 19.11 3.73 18.93
N PHE H 241 18.41 3.79 20.06
CA PHE H 241 18.79 3.02 21.25
C PHE H 241 17.82 1.87 21.46
N TYR H 242 18.36 0.71 21.84
CA TYR H 242 17.55 -0.46 22.15
C TYR H 242 17.65 -0.82 23.63
N GLY H 243 16.60 -0.47 24.39
CA GLY H 243 16.56 -0.66 25.84
C GLY H 243 15.42 -1.55 26.29
N LEU H 244 14.84 -1.21 27.44
CA LEU H 244 13.85 -2.07 28.11
C LEU H 244 12.51 -2.12 27.38
N SER H 245 11.87 -3.28 27.44
CA SER H 245 10.52 -3.49 26.88
C SER H 245 9.47 -2.94 27.83
N GLU H 246 8.24 -2.79 27.34
CA GLU H 246 7.11 -2.35 28.15
C GLU H 246 6.72 -3.37 29.22
N ASN H 247 7.16 -4.61 29.04
CA ASN H 247 6.89 -5.70 29.97
C ASN H 247 7.95 -5.83 31.09
N ASP H 248 8.97 -4.99 31.01
CA ASP H 248 10.05 -4.99 32.01
C ASP H 248 9.65 -4.22 33.27
N GLU H 249 10.22 -4.65 34.40
CA GLU H 249 10.03 -3.98 35.69
C GLU H 249 10.85 -2.69 35.75
N TRP H 250 10.21 -1.59 36.14
CA TRP H 250 10.92 -0.34 36.45
C TRP H 250 10.28 0.44 37.59
N THR H 251 11.09 0.79 38.59
CA THR H 251 10.60 1.42 39.83
C THR H 251 11.36 2.68 40.24
N GLN H 252 12.37 3.05 39.46
CA GLN H 252 13.13 4.27 39.71
C GLN H 252 12.35 5.55 39.38
N ASP H 253 12.85 6.67 39.90
CA ASP H 253 12.27 7.98 39.61
C ASP H 253 12.47 8.37 38.15
N ARG H 254 13.71 8.27 37.67
CA ARG H 254 14.04 8.73 36.32
C ARG H 254 13.31 7.93 35.24
N ALA H 255 13.26 8.50 34.04
CA ALA H 255 12.53 7.92 32.92
C ALA H 255 13.02 6.51 32.61
N LYS H 256 12.08 5.60 32.43
CA LYS H 256 12.37 4.26 31.92
C LYS H 256 13.19 4.33 30.64
N PRO H 257 14.33 3.61 30.59
CA PRO H 257 15.15 3.52 29.38
C PRO H 257 14.53 2.61 28.33
N VAL H 258 13.36 3.00 27.83
CA VAL H 258 12.71 2.33 26.71
C VAL H 258 13.59 2.45 25.47
N THR H 259 13.51 1.47 24.59
CA THR H 259 14.05 1.62 23.25
C THR H 259 13.42 2.84 22.56
N GLN H 260 14.28 3.75 22.10
CA GLN H 260 13.88 5.08 21.64
C GLN H 260 14.89 5.66 20.66
N ILE H 261 14.53 6.78 20.05
CA ILE H 261 15.43 7.54 19.18
C ILE H 261 15.76 8.88 19.82
N VAL H 262 17.00 9.05 20.26
CA VAL H 262 17.44 10.36 20.74
C VAL H 262 18.30 11.09 19.71
N SER H 263 17.99 12.36 19.50
CA SER H 263 18.51 13.10 18.35
C SER H 263 19.00 14.49 18.73
N ALA H 264 20.00 14.97 17.99
CA ALA H 264 20.46 16.36 18.10
C ALA H 264 20.49 17.02 16.72
N GLU H 265 20.25 18.33 16.67
CA GLU H 265 20.18 19.06 15.40
C GLU H 265 21.06 20.30 15.35
N ALA H 266 21.50 20.65 14.15
CA ALA H 266 22.20 21.90 13.89
C ALA H 266 21.66 22.54 12.62
N TRP H 267 22.08 23.79 12.35
CA TRP H 267 21.69 24.48 11.13
C TRP H 267 22.86 25.22 10.50
N GLY H 268 22.81 25.37 9.18
CA GLY H 268 23.80 26.14 8.43
C GLY H 268 23.91 27.59 8.88
N ARG H 269 25.10 28.16 8.74
CA ARG H 269 25.40 29.52 9.21
C ARG H 269 25.77 30.44 8.06
C1 NAG I . -5.15 -53.08 -9.80
C2 NAG I . -5.32 -52.67 -11.28
C3 NAG I . -6.11 -51.37 -11.48
C4 NAG I . -7.35 -51.33 -10.60
C5 NAG I . -7.00 -51.66 -9.15
C6 NAG I . -8.27 -51.71 -8.31
C7 NAG I . -3.35 -53.55 -12.43
C8 NAG I . -1.92 -53.28 -12.83
N2 NAG I . -4.00 -52.53 -11.87
O3 NAG I . -6.51 -51.22 -12.83
O4 NAG I . -8.00 -50.07 -10.72
O5 NAG I . -6.34 -52.92 -9.04
O6 NAG I . -9.28 -52.40 -8.99
O7 NAG I . -3.84 -54.66 -12.64
C1 NAG I . -9.30 -49.81 -11.28
C2 NAG I . -9.58 -48.41 -10.74
C3 NAG I . -10.66 -47.64 -11.51
C4 NAG I . -10.65 -47.89 -13.02
C5 NAG I . -10.36 -49.35 -13.37
C6 NAG I . -10.16 -49.50 -14.88
C7 NAG I . -9.40 -47.81 -8.38
C8 NAG I . -9.52 -48.37 -6.99
N2 NAG I . -9.98 -48.51 -9.34
O3 NAG I . -10.48 -46.25 -11.28
O4 NAG I . -11.91 -47.53 -13.54
O5 NAG I . -9.20 -49.79 -12.69
O6 NAG I . -9.50 -50.71 -15.19
O7 NAG I . -8.79 -46.76 -8.57
C1 BMA I . -11.92 -46.44 -14.49
C2 BMA I . -12.74 -46.73 -15.75
C3 BMA I . -12.23 -45.98 -16.98
C4 BMA I . -11.74 -44.56 -16.69
C5 BMA I . -10.89 -44.51 -15.41
C6 BMA I . -10.39 -43.12 -15.04
O2 BMA I . -14.11 -46.39 -15.51
O3 BMA I . -13.27 -45.92 -17.96
O4 BMA I . -10.99 -44.07 -17.81
O5 BMA I . -11.66 -45.04 -14.34
O6 BMA I . -11.45 -42.13 -15.11
C1 MAN I . -13.49 -46.67 -19.17
C2 MAN I . -14.72 -46.15 -19.91
C3 MAN I . -15.97 -46.79 -19.30
C4 MAN I . -15.85 -48.30 -19.30
C5 MAN I . -14.56 -48.73 -18.59
C6 MAN I . -14.35 -50.24 -18.59
O2 MAN I . -14.62 -46.46 -21.28
O3 MAN I . -17.13 -46.35 -19.99
O4 MAN I . -16.98 -48.87 -18.67
O5 MAN I . -13.45 -48.09 -19.21
O6 MAN I . -13.05 -50.55 -18.14
C1 MAN I . -11.97 -40.96 -15.74
C2 MAN I . -11.18 -39.82 -15.10
C3 MAN I . -11.85 -39.34 -13.81
C4 MAN I . -13.39 -39.30 -13.86
C5 MAN I . -14.05 -40.35 -14.78
C6 MAN I . -15.48 -39.95 -15.15
O2 MAN I . -11.05 -38.77 -16.03
O3 MAN I . -11.36 -38.06 -13.45
O4 MAN I . -13.88 -39.49 -12.54
O5 MAN I . -13.29 -40.52 -15.97
O6 MAN I . -16.39 -40.40 -14.19
C1 NAG J . -7.33 53.13 -36.95
C2 NAG J . -6.28 53.54 -37.99
C3 NAG J . -6.03 55.05 -37.99
C4 NAG J . -7.33 55.84 -38.01
C5 NAG J . -8.31 55.34 -36.94
C6 NAG J . -9.65 56.07 -36.95
C7 NAG J . -4.78 51.58 -38.13
C8 NAG J . -3.81 50.81 -37.27
N2 NAG J . -5.02 52.84 -37.74
O3 NAG J . -5.25 55.42 -39.10
O4 NAG J . -7.02 57.20 -37.80
O5 NAG J . -8.51 53.93 -37.07
O6 NAG J . -10.31 55.97 -38.20
O7 NAG J . -5.31 51.05 -39.11
C1 NAG K . -27.66 5.34 -27.32
C2 NAG K . -26.41 4.57 -27.78
C3 NAG K . -26.39 3.15 -27.20
C4 NAG K . -26.76 3.10 -25.72
C5 NAG K . -28.00 3.94 -25.41
C6 NAG K . -28.28 3.97 -23.91
C7 NAG K . -25.12 4.64 -29.90
C8 NAG K . -25.20 5.02 -31.35
N2 NAG K . -26.29 4.54 -29.24
O3 NAG K . -25.10 2.59 -27.37
O4 NAG K . -26.97 1.75 -25.33
O5 NAG K . -27.82 5.26 -25.91
O6 NAG K . -29.03 5.12 -23.53
O7 NAG K . -24.02 4.44 -29.40
S SO4 L . -18.98 13.57 -23.60
O1 SO4 L . -20.27 12.88 -23.69
O2 SO4 L . -18.10 12.90 -22.65
O3 SO4 L . -18.37 13.59 -24.92
O4 SO4 L . -19.22 14.93 -23.15
S SO4 M . 3.80 6.74 21.30
O1 SO4 M . 2.63 6.31 22.04
O2 SO4 M . 4.99 6.14 21.91
O3 SO4 M . 3.69 6.32 19.90
O4 SO4 M . 3.90 8.20 21.35
C1 NAG N . -0.14 -35.25 -31.64
C2 NAG N . -1.26 -36.09 -32.30
C3 NAG N . -1.15 -36.12 -33.84
C4 NAG N . -0.79 -34.76 -34.45
C5 NAG N . 0.40 -34.13 -33.68
C6 NAG N . 0.80 -32.77 -34.25
C7 NAG N . -2.27 -37.96 -31.05
C8 NAG N . -1.85 -38.76 -29.84
N2 NAG N . -1.27 -37.45 -31.78
O3 NAG N . -2.36 -36.57 -34.39
O4 NAG N . -0.47 -34.94 -35.81
O5 NAG N . 0.05 -34.02 -32.31
O6 NAG N . -0.14 -31.78 -33.89
O7 NAG N . -3.46 -37.82 -31.31
C1 NAG O . 44.33 -49.94 -6.15
C2 NAG O . 45.33 -49.59 -5.05
C3 NAG O . 46.53 -48.82 -5.60
C4 NAG O . 47.08 -49.43 -6.89
C5 NAG O . 45.95 -49.77 -7.87
C6 NAG O . 46.46 -50.50 -9.12
C7 NAG O . 44.52 -49.26 -2.77
C8 NAG O . 43.11 -49.36 -2.26
N2 NAG O . 44.68 -48.81 -4.01
O3 NAG O . 47.56 -48.80 -4.63
O4 NAG O . 47.96 -48.52 -7.49
O5 NAG O . 44.98 -50.58 -7.23
O6 NAG O . 45.67 -50.14 -10.22
O7 NAG O . 45.46 -49.59 -2.05
S SO4 P . 37.91 -39.79 -10.50
O1 SO4 P . 38.39 -41.16 -10.69
O2 SO4 P . 38.93 -38.98 -9.83
O3 SO4 P . 37.58 -39.18 -11.80
O4 SO4 P . 36.72 -39.82 -9.66
#